data_8T6Q
#
_entry.id   8T6Q
#
_cell.length_a   1.00
_cell.length_b   1.00
_cell.length_c   1.00
_cell.angle_alpha   90.00
_cell.angle_beta   90.00
_cell.angle_gamma   90.00
#
_symmetry.space_group_name_H-M   'P 1'
#
_entity_poly.entity_id   1
_entity_poly.type   'polypeptide(L)'
_entity_poly.pdbx_seq_one_letter_code
;MGSSHHHHHHSSGLVPRGSHVSKGEELFTGVVPILVELDGDVNGHKFSVSGEGEGDATYGKLTLKLICTTGKLPVPWPTL
VTTLGYGLQCFARYPDHMKQHDFFKSAMPEGYVQERTIFFKDDGNYKTRAEVKFEGDTLVNRIELKGIDFKEDGNILGHK
LEYNYNSHNVYITADKQKNGIKANFKIRHNIEDGGVQLADHYQQNTPIGDGPVLLPDNHYLSYQSKLSKDPNEKRDHMVL
LEFVTAAGITLGMDELYKSGLRSRAQASNSAVDMATTVTCTRFTDEYQLYEDIGKGAFSVVRRCVKLCTGHEYAAKIINT
KKLSARDHQKLEREARICRLLKHSNIVRLHDSISEEGFHYLVFDLVTGGELFEDIVAREYYSEADASHCIQQILEAVLHC
HQMGVVHRDLKPENLLLASKCKGAAVKLADFGLAIEVQGDQQAWFGFAGTPGYLSPEVLRKEAYGKPVDIWACGVILYIL
LVGYPPFWDEDQHKLYQQIKAGAYDFPSPEWDTVTPEAKNLINQMLTINPAKRITAHEALKHPWVCQRSTVASMMHRQEA
VECLKKFNARRKLKGAILAAMLATRNFSVGRQTTAPATMSTAASGTTMGLVEQAKSLLNKKADGVKPQTNSTKNSSAITS
PKGSLPPAALEPQTTVIHNPVDGIKESSDSTNTTIEDEDAKARKQEIIKTTEQLIEAVNNGDFEAYAKICDPGLTSFEPE
ALGNLVEGMDFHRFYFENLLAKNSKPIHTTILNPHVHVIGEDAACIAYIRLTQYIDGQGRPRTSQSEETRVWHRPDGKWQ
NVHFHCSGAPVAPLQ
;
_entity_poly.pdbx_strand_id   A,B,C,D,F,G,H,I,J,K,L,N
#
# COMPACT_ATOMS: atom_id res chain seq x y z
N LYS A 681 9.97 61.95 13.84
CA LYS A 681 9.15 60.72 14.09
C LYS A 681 7.76 60.89 13.49
N ALA A 682 7.30 62.13 13.40
CA ALA A 682 5.97 62.39 12.83
C ALA A 682 5.91 61.96 11.37
N ARG A 683 6.97 62.25 10.60
CA ARG A 683 6.98 61.89 9.20
C ARG A 683 6.85 60.39 8.97
N LYS A 684 7.23 59.57 9.96
CA LYS A 684 7.07 58.13 9.83
C LYS A 684 5.62 57.70 9.97
N GLN A 685 4.80 58.48 10.66
CA GLN A 685 3.40 58.15 10.87
C GLN A 685 2.52 58.58 9.70
N GLU A 686 2.79 59.77 9.15
CA GLU A 686 1.96 60.26 8.04
C GLU A 686 1.98 59.30 6.86
N ILE A 687 3.14 58.70 6.58
CA ILE A 687 3.24 57.70 5.52
C ILE A 687 2.28 56.55 5.80
N ILE A 688 2.21 56.10 7.05
CA ILE A 688 1.37 54.97 7.40
C ILE A 688 -0.10 55.29 7.13
N LYS A 689 -0.56 56.46 7.57
CA LYS A 689 -1.95 56.82 7.36
C LYS A 689 -2.26 56.99 5.88
N THR A 690 -1.35 57.63 5.13
CA THR A 690 -1.53 57.76 3.69
C THR A 690 -1.71 56.38 3.05
N THR A 691 -0.88 55.42 3.44
CA THR A 691 -1.05 54.06 2.97
C THR A 691 -2.35 53.46 3.48
N GLU A 692 -2.70 53.72 4.74
CA GLU A 692 -3.92 53.13 5.29
C GLU A 692 -5.15 53.63 4.56
N GLN A 693 -5.22 54.93 4.28
CA GLN A 693 -6.31 55.45 3.45
C GLN A 693 -6.25 54.84 2.06
N LEU A 694 -5.05 54.72 1.50
CA LEU A 694 -4.91 54.18 0.14
C LEU A 694 -5.39 52.74 0.07
N ILE A 695 -5.04 51.92 1.07
CA ILE A 695 -5.47 50.53 1.07
C ILE A 695 -6.99 50.45 1.20
N GLU A 696 -7.58 51.25 2.09
CA GLU A 696 -9.03 51.26 2.25
C GLU A 696 -9.72 51.69 0.96
N ALA A 697 -9.05 52.51 0.14
CA ALA A 697 -9.66 52.98 -1.09
C ALA A 697 -9.95 51.83 -2.06
N VAL A 698 -9.20 50.73 -1.95
CA VAL A 698 -9.40 49.60 -2.86
C VAL A 698 -10.81 49.04 -2.72
N ASN A 699 -11.43 49.20 -1.56
CA ASN A 699 -12.76 48.66 -1.30
C ASN A 699 -13.88 49.66 -1.59
N ASN A 700 -13.55 50.81 -2.18
CA ASN A 700 -14.52 51.85 -2.45
C ASN A 700 -14.23 52.47 -3.81
N GLY A 701 -15.07 53.44 -4.20
CA GLY A 701 -14.81 54.19 -5.42
C GLY A 701 -13.55 55.02 -5.35
N ASP A 702 -13.01 55.21 -4.15
CA ASP A 702 -11.72 55.89 -4.00
C ASP A 702 -10.60 55.17 -4.72
N PHE A 703 -10.83 53.94 -5.18
CA PHE A 703 -9.81 53.24 -5.97
C PHE A 703 -9.35 54.07 -7.15
N GLU A 704 -10.25 54.88 -7.72
CA GLU A 704 -9.83 55.86 -8.72
C GLU A 704 -8.94 56.92 -8.09
N ALA A 705 -9.28 57.37 -6.88
CA ALA A 705 -8.39 58.28 -6.16
C ALA A 705 -7.06 57.60 -5.86
N TYR A 706 -7.10 56.32 -5.48
CA TYR A 706 -5.88 55.53 -5.39
C TYR A 706 -5.13 55.57 -6.72
N ALA A 707 -5.85 55.44 -7.83
CA ALA A 707 -5.23 55.62 -9.14
C ALA A 707 -4.74 57.05 -9.31
N LYS A 708 -5.56 58.02 -8.91
CA LYS A 708 -5.17 59.42 -9.07
C LYS A 708 -3.96 59.78 -8.22
N ILE A 709 -3.92 59.28 -6.98
CA ILE A 709 -2.83 59.61 -6.08
C ILE A 709 -1.50 59.09 -6.63
N CYS A 710 -1.51 57.86 -7.15
CA CYS A 710 -0.28 57.24 -7.61
C CYS A 710 0.22 57.90 -8.90
N ASP A 711 1.53 57.78 -9.11
CA ASP A 711 2.12 58.25 -10.35
C ASP A 711 1.57 57.44 -11.52
N PRO A 712 1.12 58.09 -12.61
CA PRO A 712 0.65 57.31 -13.77
C PRO A 712 1.71 56.34 -14.27
N GLY A 713 2.98 56.64 -14.01
CA GLY A 713 4.06 55.73 -14.30
C GLY A 713 4.23 54.62 -13.29
N LEU A 714 3.30 54.50 -12.34
CA LEU A 714 3.37 53.44 -11.35
C LEU A 714 3.42 52.08 -12.05
N THR A 715 4.33 51.23 -11.58
CA THR A 715 4.49 49.90 -12.16
C THR A 715 4.84 48.92 -11.05
N SER A 716 4.50 47.65 -11.28
CA SER A 716 4.81 46.59 -10.33
C SER A 716 4.98 45.28 -11.09
N PHE A 717 5.64 44.34 -10.43
CA PHE A 717 5.74 42.97 -10.90
C PHE A 717 5.13 42.05 -9.85
N GLU A 718 4.37 41.05 -10.31
CA GLU A 718 3.63 40.16 -9.44
C GLU A 718 4.08 38.72 -9.65
N PRO A 719 3.90 37.86 -8.64
CA PRO A 719 4.39 36.47 -8.78
C PRO A 719 3.85 35.75 -10.00
N GLU A 720 2.59 36.00 -10.36
CA GLU A 720 1.98 35.32 -11.49
C GLU A 720 2.22 36.03 -12.82
N ALA A 721 2.82 37.22 -12.79
CA ALA A 721 3.03 37.97 -14.03
C ALA A 721 3.95 37.20 -14.98
N LEU A 722 5.12 36.79 -14.50
CA LEU A 722 6.10 36.09 -15.31
C LEU A 722 6.39 36.85 -16.61
N GLY A 723 6.49 38.17 -16.49
CA GLY A 723 6.80 39.03 -17.62
C GLY A 723 5.71 40.01 -17.98
N ASN A 724 4.55 39.98 -17.33
CA ASN A 724 3.46 40.90 -17.64
C ASN A 724 3.59 42.12 -16.76
N LEU A 725 4.19 43.18 -17.29
CA LEU A 725 4.30 44.44 -16.57
C LEU A 725 2.90 45.00 -16.30
N VAL A 726 2.66 45.43 -15.07
CA VAL A 726 1.36 45.91 -14.65
C VAL A 726 1.52 47.27 -13.97
N GLU A 727 0.41 48.00 -13.88
CA GLU A 727 0.39 49.33 -13.31
C GLU A 727 0.39 49.32 -11.78
N GLY A 728 0.53 48.14 -11.15
CA GLY A 728 0.59 48.06 -9.72
C GLY A 728 -0.77 47.98 -9.06
N MET A 729 -1.53 49.07 -9.15
CA MET A 729 -2.86 49.11 -8.53
C MET A 729 -3.80 48.10 -9.18
N ASP A 730 -3.66 47.88 -10.49
CA ASP A 730 -4.63 47.06 -11.21
C ASP A 730 -4.60 45.62 -10.73
N PHE A 731 -3.40 45.02 -10.68
CA PHE A 731 -3.31 43.60 -10.34
C PHE A 731 -3.74 43.34 -8.90
N HIS A 732 -3.39 44.24 -7.98
CA HIS A 732 -3.83 44.06 -6.60
C HIS A 732 -5.35 44.08 -6.50
N ARG A 733 -5.99 45.00 -7.22
CA ARG A 733 -7.45 45.00 -7.28
C ARG A 733 -7.96 43.72 -7.91
N PHE A 734 -7.27 43.24 -8.96
CA PHE A 734 -7.70 42.01 -9.61
C PHE A 734 -7.79 40.87 -8.61
N TYR A 735 -6.83 40.78 -7.69
CA TYR A 735 -6.97 39.83 -6.58
C TYR A 735 -8.19 40.16 -5.74
N PHE A 736 -8.39 41.44 -5.43
CA PHE A 736 -9.55 41.86 -4.65
C PHE A 736 -10.83 41.56 -5.41
N GLU A 737 -10.82 41.73 -6.74
CA GLU A 737 -11.98 41.37 -7.54
C GLU A 737 -12.27 39.88 -7.42
N ASN A 738 -11.23 39.05 -7.46
CA ASN A 738 -11.42 37.61 -7.34
C ASN A 738 -12.11 37.27 -6.01
N LEU A 739 -11.65 37.87 -4.92
CA LEU A 739 -12.29 37.64 -3.63
C LEU A 739 -13.72 38.14 -3.62
N LEU A 740 -13.94 39.34 -4.17
CA LEU A 740 -15.30 39.88 -4.21
C LEU A 740 -16.19 39.09 -5.15
N ALA A 741 -15.61 38.48 -6.19
CA ALA A 741 -16.39 37.57 -7.04
C ALA A 741 -16.93 36.42 -6.21
N LYS A 742 -16.10 35.86 -5.32
CA LYS A 742 -16.59 34.87 -4.37
C LYS A 742 -17.38 35.52 -3.25
N ASN A 743 -16.98 36.71 -2.81
CA ASN A 743 -17.53 37.27 -1.58
C ASN A 743 -18.72 38.18 -1.85
N SER A 744 -18.50 39.34 -2.47
CA SER A 744 -19.56 40.32 -2.68
C SER A 744 -20.32 40.61 -1.38
N LYS A 745 -19.59 40.61 -0.26
CA LYS A 745 -20.14 40.86 1.06
C LYS A 745 -19.12 41.66 1.86
N PRO A 746 -19.52 42.28 2.97
CA PRO A 746 -18.64 43.24 3.64
C PRO A 746 -17.38 42.57 4.18
N ILE A 747 -16.32 43.38 4.29
CA ILE A 747 -14.98 42.87 4.51
C ILE A 747 -14.33 43.66 5.65
N HIS A 748 -13.39 43.03 6.33
CA HIS A 748 -12.48 43.70 7.25
C HIS A 748 -11.06 43.25 6.97
N THR A 749 -10.11 44.16 7.16
CA THR A 749 -8.70 43.88 6.91
C THR A 749 -7.87 44.49 8.02
N THR A 750 -6.65 43.97 8.20
CA THR A 750 -5.76 44.41 9.27
C THR A 750 -4.35 44.58 8.73
N ILE A 751 -3.58 45.44 9.39
CA ILE A 751 -2.19 45.71 9.04
C ILE A 751 -1.36 45.54 10.31
N LEU A 752 -0.19 44.94 10.17
CA LEU A 752 0.61 44.53 11.31
C LEU A 752 2.06 44.96 11.14
N ASN A 753 2.70 45.31 12.27
CA ASN A 753 4.12 45.66 12.40
C ASN A 753 4.65 46.38 11.16
N PRO A 754 4.12 47.55 10.83
CA PRO A 754 4.64 48.29 9.67
C PRO A 754 6.07 48.75 9.89
N HIS A 755 6.83 48.82 8.81
CA HIS A 755 8.19 49.33 8.82
C HIS A 755 8.31 50.43 7.77
N VAL A 756 8.84 51.58 8.19
CA VAL A 756 8.97 52.76 7.32
C VAL A 756 10.40 53.27 7.43
N HIS A 757 11.05 53.46 6.28
CA HIS A 757 12.33 54.14 6.22
C HIS A 757 12.12 55.61 5.90
N VAL A 758 13.18 56.40 6.07
CA VAL A 758 13.19 57.80 5.69
C VAL A 758 14.37 58.02 4.76
N ILE A 759 14.08 58.40 3.52
CA ILE A 759 15.11 58.63 2.50
C ILE A 759 15.01 60.09 2.08
N GLY A 760 16.08 60.85 2.32
CA GLY A 760 16.06 62.25 1.97
C GLY A 760 14.96 62.99 2.70
N GLU A 761 14.43 64.02 2.03
CA GLU A 761 13.35 64.83 2.58
C GLU A 761 12.06 64.72 1.77
N ASP A 762 12.09 64.07 0.60
CA ASP A 762 10.93 63.97 -0.27
C ASP A 762 10.72 62.54 -0.76
N ALA A 763 11.13 61.56 0.04
CA ALA A 763 11.00 60.16 -0.35
C ALA A 763 10.87 59.30 0.91
N ALA A 764 10.31 58.12 0.73
CA ALA A 764 10.12 57.17 1.82
C ALA A 764 9.59 55.87 1.26
N CYS A 765 9.87 54.78 1.98
CA CYS A 765 9.39 53.45 1.62
C CYS A 765 8.80 52.78 2.85
N ILE A 766 7.81 51.92 2.61
CA ILE A 766 7.08 51.26 3.69
C ILE A 766 6.96 49.78 3.37
N ALA A 767 7.04 48.95 4.41
CA ALA A 767 6.83 47.51 4.30
C ALA A 767 5.85 47.07 5.37
N TYR A 768 4.93 46.18 5.01
CA TYR A 768 3.90 45.75 5.93
C TYR A 768 3.30 44.44 5.45
N ILE A 769 2.58 43.77 6.35
CA ILE A 769 1.87 42.53 6.07
C ILE A 769 0.38 42.80 6.28
N ARG A 770 -0.45 42.29 5.37
CA ARG A 770 -1.88 42.55 5.37
C ARG A 770 -2.64 41.25 5.48
N LEU A 771 -3.69 41.25 6.30
CA LEU A 771 -4.60 40.12 6.45
C LEU A 771 -6.01 40.57 6.10
N THR A 772 -6.74 39.69 5.41
CA THR A 772 -8.11 39.97 4.99
C THR A 772 -9.03 38.87 5.49
N GLN A 773 -10.14 39.27 6.10
CA GLN A 773 -11.15 38.34 6.58
C GLN A 773 -12.39 38.48 5.70
N TYR A 774 -12.83 37.37 5.10
CA TYR A 774 -13.92 37.41 4.15
C TYR A 774 -14.75 36.14 4.28
N ILE A 775 -15.97 36.21 3.77
CA ILE A 775 -16.88 35.08 3.73
C ILE A 775 -16.86 34.51 2.32
N ASP A 776 -16.59 33.22 2.20
CA ASP A 776 -16.40 32.60 0.90
C ASP A 776 -17.74 32.44 0.18
N GLY A 777 -17.65 32.01 -1.08
CA GLY A 777 -18.85 31.73 -1.85
C GLY A 777 -19.69 30.62 -1.27
N GLN A 778 -19.10 29.76 -0.43
CA GLN A 778 -19.84 28.72 0.27
C GLN A 778 -20.46 29.23 1.55
N GLY A 779 -20.24 30.50 1.90
CA GLY A 779 -20.79 31.08 3.10
C GLY A 779 -19.95 30.94 4.34
N ARG A 780 -18.81 30.26 4.26
CA ARG A 780 -17.98 30.04 5.43
C ARG A 780 -16.94 31.14 5.57
N PRO A 781 -16.45 31.40 6.78
CA PRO A 781 -15.40 32.39 6.96
C PRO A 781 -14.09 31.93 6.35
N ARG A 782 -13.29 32.90 5.91
CA ARG A 782 -11.98 32.61 5.34
C ARG A 782 -11.06 33.79 5.60
N THR A 783 -9.75 33.53 5.52
CA THR A 783 -8.74 34.56 5.73
C THR A 783 -7.66 34.41 4.66
N SER A 784 -7.02 35.53 4.34
CA SER A 784 -5.93 35.54 3.37
C SER A 784 -4.85 36.49 3.83
N GLN A 785 -3.61 36.16 3.47
CA GLN A 785 -2.44 36.94 3.86
C GLN A 785 -1.72 37.43 2.62
N SER A 786 -1.16 38.63 2.70
CA SER A 786 -0.44 39.23 1.58
C SER A 786 0.73 40.04 2.13
N GLU A 787 1.75 40.19 1.29
CA GLU A 787 2.96 40.94 1.62
C GLU A 787 3.14 42.03 0.56
N GLU A 788 3.20 43.27 1.01
CA GLU A 788 3.15 44.42 0.11
C GLU A 788 4.32 45.36 0.36
N THR A 789 4.67 46.11 -0.68
CA THR A 789 5.70 47.14 -0.61
C THR A 789 5.22 48.37 -1.37
N ARG A 790 5.68 49.55 -0.95
CA ARG A 790 5.30 50.79 -1.60
C ARG A 790 6.43 51.80 -1.51
N VAL A 791 6.57 52.62 -2.54
CA VAL A 791 7.57 53.67 -2.61
C VAL A 791 6.85 55.00 -2.71
N TRP A 792 7.27 55.96 -1.90
CA TRP A 792 6.59 57.25 -1.77
C TRP A 792 7.52 58.38 -2.21
N HIS A 793 6.93 59.39 -2.84
CA HIS A 793 7.64 60.57 -3.33
C HIS A 793 6.74 61.77 -3.15
N ARG A 794 7.34 62.92 -2.77
CA ARG A 794 6.60 64.13 -2.45
C ARG A 794 7.12 65.30 -3.27
N PRO A 795 6.78 65.38 -4.55
CA PRO A 795 6.97 66.61 -5.30
C PRO A 795 5.74 67.50 -5.23
N ASP A 796 5.97 68.80 -5.10
CA ASP A 796 4.88 69.77 -4.93
C ASP A 796 4.14 69.55 -3.62
N GLY A 797 4.82 68.98 -2.63
CA GLY A 797 4.21 68.77 -1.33
C GLY A 797 3.02 67.84 -1.33
N LYS A 798 3.08 66.76 -2.12
CA LYS A 798 2.01 65.78 -2.16
C LYS A 798 2.62 64.39 -2.30
N TRP A 799 2.34 63.52 -1.34
CA TRP A 799 2.87 62.17 -1.36
C TRP A 799 2.26 61.39 -2.52
N GLN A 800 3.10 60.98 -3.46
CA GLN A 800 2.66 60.20 -4.62
C GLN A 800 3.36 58.85 -4.60
N ASN A 801 2.59 57.79 -4.79
CA ASN A 801 3.16 56.45 -4.87
C ASN A 801 3.66 56.20 -6.29
N VAL A 802 4.95 55.89 -6.41
CA VAL A 802 5.57 55.67 -7.71
C VAL A 802 5.95 54.22 -7.96
N HIS A 803 5.81 53.34 -6.97
CA HIS A 803 6.16 51.94 -7.16
C HIS A 803 5.51 51.10 -6.09
N PHE A 804 4.79 50.06 -6.49
CA PHE A 804 4.11 49.14 -5.59
C PHE A 804 4.56 47.72 -5.91
N HIS A 805 4.36 46.81 -4.95
CA HIS A 805 4.67 45.40 -5.17
C HIS A 805 3.94 44.57 -4.12
N CYS A 806 3.11 43.63 -4.58
CA CYS A 806 2.37 42.74 -3.71
C CYS A 806 3.03 41.36 -3.66
N SER A 807 2.46 40.47 -2.86
CA SER A 807 2.93 39.08 -2.80
C SER A 807 1.92 38.20 -2.09
N GLY A 808 1.57 37.07 -2.70
CA GLY A 808 0.68 36.11 -2.09
C GLY A 808 1.23 34.69 -2.18
N ALA A 809 0.36 33.70 -1.98
CA ALA A 809 0.78 32.30 -2.11
C ALA A 809 -0.24 31.51 -2.93
N PRO A 810 -0.55 31.93 -4.17
CA PRO A 810 -1.44 31.11 -5.02
C PRO A 810 -0.69 30.10 -5.87
N VAL A 811 -0.20 29.04 -5.24
CA VAL A 811 0.45 27.98 -5.99
C VAL A 811 -0.57 27.34 -6.92
N ALA A 812 -0.13 26.99 -8.13
CA ALA A 812 -1.06 26.58 -9.17
C ALA A 812 -1.98 25.44 -8.76
N PRO A 813 -1.51 24.35 -8.13
CA PRO A 813 -2.37 23.17 -7.96
C PRO A 813 -3.54 23.43 -7.03
N LEU A 814 -4.75 23.29 -7.57
CA LEU A 814 -5.97 23.11 -6.79
C LEU A 814 -6.20 24.26 -5.80
N GLN A 815 -6.48 25.43 -6.37
CA GLN A 815 -6.99 26.55 -5.58
C GLN A 815 -7.96 27.38 -6.42
N LYS B 681 -22.54 -19.09 42.64
CA LYS B 681 -22.78 -19.57 41.25
C LYS B 681 -24.11 -19.06 40.68
N ALA B 682 -25.04 -18.73 41.58
CA ALA B 682 -26.32 -18.18 41.14
C ALA B 682 -26.18 -16.72 40.71
N ARG B 683 -25.38 -15.95 41.46
CA ARG B 683 -25.29 -14.52 41.19
C ARG B 683 -24.72 -14.26 39.79
N LYS B 684 -23.79 -15.09 39.34
CA LYS B 684 -23.17 -14.89 38.04
C LYS B 684 -24.23 -14.74 36.95
N GLN B 685 -25.26 -15.59 36.98
CA GLN B 685 -26.27 -15.55 35.93
C GLN B 685 -26.99 -14.21 35.92
N GLU B 686 -27.43 -13.73 37.09
CA GLU B 686 -28.16 -12.47 37.13
C GLU B 686 -27.25 -11.32 36.70
N ILE B 687 -25.96 -11.41 37.00
CA ILE B 687 -25.01 -10.41 36.51
C ILE B 687 -24.98 -10.43 34.99
N ILE B 688 -24.89 -11.63 34.40
CA ILE B 688 -24.92 -11.73 32.94
C ILE B 688 -26.28 -11.31 32.41
N LYS B 689 -27.36 -11.64 33.13
CA LYS B 689 -28.68 -11.19 32.71
C LYS B 689 -28.77 -9.67 32.71
N THR B 690 -28.21 -9.04 33.75
CA THR B 690 -28.22 -7.58 33.80
C THR B 690 -27.43 -6.99 32.65
N THR B 691 -26.27 -7.57 32.36
CA THR B 691 -25.45 -7.06 31.25
C THR B 691 -26.21 -7.12 29.94
N GLU B 692 -26.93 -8.22 29.69
CA GLU B 692 -27.73 -8.32 28.48
C GLU B 692 -28.80 -7.22 28.44
N GLN B 693 -29.45 -6.97 29.57
CA GLN B 693 -30.46 -5.92 29.61
C GLN B 693 -29.87 -4.58 29.24
N LEU B 694 -28.69 -4.27 29.79
CA LEU B 694 -28.06 -2.98 29.50
C LEU B 694 -27.74 -2.86 28.02
N ILE B 695 -27.13 -3.89 27.42
CA ILE B 695 -26.79 -3.84 26.01
C ILE B 695 -28.03 -3.67 25.16
N GLU B 696 -29.11 -4.39 25.52
CA GLU B 696 -30.35 -4.26 24.77
C GLU B 696 -30.88 -2.83 24.84
N ALA B 697 -30.83 -2.22 26.03
CA ALA B 697 -31.37 -0.87 26.19
C ALA B 697 -30.62 0.13 25.33
N VAL B 698 -29.28 0.11 25.38
CA VAL B 698 -28.51 1.06 24.58
C VAL B 698 -28.79 0.86 23.11
N ASN B 699 -28.91 -0.40 22.66
CA ASN B 699 -29.23 -0.64 21.25
C ASN B 699 -30.57 -0.06 20.88
N ASN B 700 -31.58 -0.21 21.75
CA ASN B 700 -32.90 0.33 21.45
C ASN B 700 -32.96 1.84 21.61
N GLY B 701 -31.96 2.45 22.24
CA GLY B 701 -31.90 3.89 22.35
C GLY B 701 -32.80 4.49 23.41
N ASP B 702 -33.10 3.75 24.47
CA ASP B 702 -33.90 4.25 25.58
C ASP B 702 -32.94 4.84 26.59
N PHE B 703 -32.93 6.17 26.70
CA PHE B 703 -32.06 6.83 27.67
C PHE B 703 -32.50 6.54 29.10
N GLU B 704 -33.78 6.26 29.31
CA GLU B 704 -34.29 6.06 30.66
C GLU B 704 -33.63 4.86 31.33
N ALA B 705 -33.66 3.71 30.65
CA ALA B 705 -33.09 2.49 31.24
C ALA B 705 -31.61 2.66 31.51
N TYR B 706 -30.88 3.27 30.57
CA TYR B 706 -29.44 3.48 30.77
C TYR B 706 -29.19 4.31 32.01
N ALA B 707 -29.96 5.38 32.21
CA ALA B 707 -29.77 6.22 33.38
C ALA B 707 -30.06 5.47 34.67
N LYS B 708 -31.07 4.59 34.66
CA LYS B 708 -31.44 3.88 35.88
C LYS B 708 -30.31 3.00 36.37
N ILE B 709 -29.64 2.30 35.46
CA ILE B 709 -28.60 1.35 35.85
C ILE B 709 -27.28 2.05 36.09
N CYS B 710 -26.92 2.99 35.22
CA CYS B 710 -25.61 3.63 35.30
C CYS B 710 -25.52 4.53 36.53
N ASP B 711 -24.46 4.36 37.29
CA ASP B 711 -24.20 5.22 38.43
C ASP B 711 -23.67 6.56 37.94
N PRO B 712 -24.24 7.70 38.38
CA PRO B 712 -23.77 9.01 37.90
C PRO B 712 -22.26 9.19 37.97
N GLY B 713 -21.59 8.39 38.80
CA GLY B 713 -20.14 8.42 38.89
C GLY B 713 -19.42 7.59 37.85
N LEU B 714 -20.13 7.16 36.81
CA LEU B 714 -19.55 6.29 35.79
C LEU B 714 -18.37 6.96 35.10
N THR B 715 -17.33 6.17 34.81
CA THR B 715 -16.17 6.60 34.06
C THR B 715 -15.90 5.58 32.96
N SER B 716 -15.55 6.06 31.77
CA SER B 716 -15.47 5.17 30.62
C SER B 716 -14.36 5.60 29.67
N PHE B 717 -13.87 4.62 28.90
CA PHE B 717 -13.00 4.84 27.76
C PHE B 717 -13.73 4.36 26.51
N GLU B 718 -13.87 5.24 25.52
CA GLU B 718 -14.42 4.88 24.23
C GLU B 718 -13.60 5.53 23.14
N PRO B 719 -13.59 4.95 21.93
CA PRO B 719 -12.94 5.64 20.80
C PRO B 719 -13.57 6.98 20.49
N GLU B 720 -14.82 7.18 20.89
CA GLU B 720 -15.48 8.46 20.67
C GLU B 720 -14.79 9.58 21.44
N ALA B 721 -14.09 9.25 22.52
CA ALA B 721 -13.41 10.23 23.35
C ALA B 721 -11.96 10.46 22.93
N LEU B 722 -11.53 9.86 21.81
CA LEU B 722 -10.17 10.06 21.29
C LEU B 722 -9.10 9.62 22.27
N GLY B 723 -9.44 8.74 23.22
CA GLY B 723 -8.47 8.22 24.16
C GLY B 723 -8.32 9.00 25.44
N ASN B 724 -9.26 9.89 25.76
CA ASN B 724 -9.25 10.62 27.01
C ASN B 724 -10.27 10.01 27.96
N LEU B 725 -9.86 9.78 29.21
CA LEU B 725 -10.81 9.33 30.22
C LEU B 725 -11.93 10.35 30.36
N VAL B 726 -13.17 9.85 30.39
CA VAL B 726 -14.34 10.70 30.47
C VAL B 726 -15.18 10.25 31.65
N GLU B 727 -15.90 11.21 32.26
CA GLU B 727 -16.71 10.97 33.43
C GLU B 727 -18.06 11.66 33.27
N GLY B 728 -19.10 11.06 33.83
CA GLY B 728 -20.41 11.65 33.85
C GLY B 728 -21.32 11.09 32.76
N MET B 729 -22.61 11.44 32.88
CA MET B 729 -23.61 10.95 31.94
C MET B 729 -23.82 11.90 30.77
N ASP B 730 -23.57 13.19 30.96
CA ASP B 730 -23.86 14.17 29.92
C ASP B 730 -23.16 13.84 28.61
N PHE B 731 -21.92 13.36 28.66
CA PHE B 731 -21.18 13.05 27.44
C PHE B 731 -21.93 12.04 26.58
N HIS B 732 -22.44 10.98 27.19
CA HIS B 732 -23.18 9.98 26.43
C HIS B 732 -24.58 10.47 26.07
N ARG B 733 -25.15 11.37 26.87
CA ARG B 733 -26.51 11.82 26.63
C ARG B 733 -26.68 12.40 25.23
N PHE B 734 -25.61 12.96 24.66
CA PHE B 734 -25.69 13.53 23.32
C PHE B 734 -26.05 12.47 22.28
N TYR B 735 -25.45 11.28 22.38
CA TYR B 735 -25.62 10.28 21.34
C TYR B 735 -27.02 9.70 21.34
N PHE B 736 -27.63 9.56 22.51
CA PHE B 736 -28.99 9.01 22.58
C PHE B 736 -30.00 9.88 21.86
N GLU B 737 -29.69 11.16 21.62
CA GLU B 737 -30.64 12.07 21.01
C GLU B 737 -30.38 12.32 19.53
N ASN B 738 -29.19 11.99 19.02
CA ASN B 738 -28.85 12.26 17.63
C ASN B 738 -28.23 11.09 16.88
N LEU B 739 -27.62 10.12 17.55
CA LEU B 739 -27.01 8.99 16.86
C LEU B 739 -28.01 7.85 16.74
N LEU B 740 -28.50 7.35 17.88
CA LEU B 740 -29.43 6.23 17.87
C LEU B 740 -30.81 6.62 17.34
N ALA B 741 -31.07 7.92 17.16
CA ALA B 741 -32.32 8.33 16.55
C ALA B 741 -32.48 7.72 15.17
N LYS B 742 -31.36 7.38 14.52
CA LYS B 742 -31.37 6.73 13.22
C LYS B 742 -31.15 5.23 13.30
N ASN B 743 -31.21 4.65 14.50
CA ASN B 743 -30.95 3.22 14.66
C ASN B 743 -32.12 2.39 14.17
N SER B 744 -32.32 2.35 12.85
CA SER B 744 -33.39 1.58 12.23
C SER B 744 -32.91 0.45 11.34
N LYS B 745 -31.62 0.41 11.00
CA LYS B 745 -31.13 -0.62 10.11
C LYS B 745 -31.05 -1.96 10.84
N PRO B 746 -31.07 -3.07 10.12
CA PRO B 746 -31.02 -4.39 10.77
C PRO B 746 -29.60 -4.70 11.23
N ILE B 747 -29.47 -5.03 12.52
CA ILE B 747 -28.19 -5.37 13.12
C ILE B 747 -28.40 -6.54 14.08
N HIS B 748 -27.32 -7.25 14.36
CA HIS B 748 -27.34 -8.36 15.30
C HIS B 748 -26.07 -8.32 16.14
N THR B 749 -26.21 -8.72 17.40
CA THR B 749 -25.10 -8.63 18.36
C THR B 749 -25.00 -9.95 19.10
N THR B 750 -23.78 -10.46 19.22
CA THR B 750 -23.52 -11.72 19.91
C THR B 750 -22.51 -11.48 21.04
N ILE B 751 -22.65 -12.25 22.12
CA ILE B 751 -21.76 -12.18 23.26
C ILE B 751 -21.08 -13.53 23.41
N LEU B 752 -19.75 -13.53 23.47
CA LEU B 752 -18.96 -14.75 23.43
C LEU B 752 -18.17 -14.92 24.72
N ASN B 753 -18.32 -16.08 25.35
CA ASN B 753 -17.46 -16.52 26.45
C ASN B 753 -17.36 -15.49 27.57
N PRO B 754 -18.49 -15.05 28.13
CA PRO B 754 -18.42 -14.12 29.28
C PRO B 754 -17.75 -14.78 30.46
N HIS B 755 -16.95 -13.99 31.19
CA HIS B 755 -16.25 -14.44 32.38
C HIS B 755 -16.57 -13.47 33.50
N VAL B 756 -17.20 -13.96 34.56
CA VAL B 756 -17.61 -13.14 35.69
C VAL B 756 -16.71 -13.47 36.88
N HIS B 757 -16.16 -12.44 37.52
CA HIS B 757 -15.30 -12.59 38.67
C HIS B 757 -15.96 -11.91 39.86
N VAL B 758 -16.08 -12.64 40.96
CA VAL B 758 -16.75 -12.15 42.16
C VAL B 758 -15.69 -11.88 43.22
N ILE B 759 -15.73 -10.67 43.79
CA ILE B 759 -14.74 -10.24 44.77
C ILE B 759 -15.37 -9.84 46.09
N GLY B 760 -16.69 -9.83 46.19
CA GLY B 760 -17.34 -9.43 47.43
C GLY B 760 -18.84 -9.58 47.29
N GLU B 761 -19.54 -9.30 48.39
CA GLU B 761 -20.99 -9.45 48.40
C GLU B 761 -21.66 -8.49 47.43
N ASP B 762 -21.16 -7.26 47.37
CA ASP B 762 -21.73 -6.23 46.50
C ASP B 762 -20.75 -5.77 45.43
N ALA B 763 -19.78 -6.62 45.06
CA ALA B 763 -18.79 -6.28 44.06
C ALA B 763 -18.65 -7.42 43.07
N ALA B 764 -18.56 -7.08 41.79
CA ALA B 764 -18.35 -8.08 40.75
C ALA B 764 -17.82 -7.41 39.50
N CYS B 765 -17.15 -8.20 38.67
CA CYS B 765 -16.58 -7.74 37.41
C CYS B 765 -16.91 -8.76 36.32
N ILE B 766 -17.02 -8.27 35.08
CA ILE B 766 -17.36 -9.12 33.94
C ILE B 766 -16.54 -8.67 32.74
N ALA B 767 -16.04 -9.65 31.99
CA ALA B 767 -15.33 -9.41 30.73
C ALA B 767 -15.88 -10.34 29.67
N TYR B 768 -15.87 -9.89 28.42
CA TYR B 768 -16.44 -10.68 27.34
C TYR B 768 -15.97 -10.12 26.00
N ILE B 769 -16.20 -10.90 24.96
CA ILE B 769 -15.95 -10.49 23.58
C ILE B 769 -17.31 -10.30 22.90
N ARG B 770 -17.38 -9.35 21.97
CA ARG B 770 -18.64 -8.89 21.40
C ARG B 770 -18.52 -8.85 19.90
N LEU B 771 -19.41 -9.56 19.21
CA LEU B 771 -19.47 -9.58 17.75
C LEU B 771 -20.79 -8.95 17.30
N THR B 772 -20.72 -8.08 16.30
CA THR B 772 -21.88 -7.38 15.78
C THR B 772 -21.93 -7.53 14.26
N GLN B 773 -23.15 -7.56 13.73
CA GLN B 773 -23.38 -7.69 12.30
C GLN B 773 -24.28 -6.57 11.82
N TYR B 774 -24.04 -6.10 10.60
CA TYR B 774 -24.79 -4.98 10.05
C TYR B 774 -24.60 -4.97 8.53
N ILE B 775 -25.28 -4.03 7.88
CA ILE B 775 -25.22 -3.86 6.43
C ILE B 775 -24.55 -2.52 6.15
N ASP B 776 -23.50 -2.54 5.34
CA ASP B 776 -22.75 -1.34 5.03
C ASP B 776 -23.49 -0.49 4.00
N GLY B 777 -22.82 0.56 3.54
CA GLY B 777 -23.40 1.45 2.56
C GLY B 777 -23.42 0.92 1.14
N GLN B 778 -22.73 -0.18 0.89
CA GLN B 778 -22.71 -0.80 -0.44
C GLN B 778 -23.76 -1.88 -0.60
N GLY B 779 -24.56 -2.13 0.44
CA GLY B 779 -25.52 -3.22 0.43
C GLY B 779 -24.98 -4.54 0.92
N ARG B 780 -23.68 -4.64 1.17
CA ARG B 780 -23.09 -5.87 1.67
C ARG B 780 -23.25 -5.96 3.19
N PRO B 781 -23.20 -7.17 3.75
CA PRO B 781 -23.15 -7.30 5.20
C PRO B 781 -21.71 -7.30 5.71
N ARG B 782 -21.54 -6.81 6.93
CA ARG B 782 -20.22 -6.66 7.52
C ARG B 782 -20.25 -7.09 8.98
N THR B 783 -19.09 -7.50 9.48
CA THR B 783 -18.93 -7.92 10.86
C THR B 783 -17.76 -7.16 11.47
N SER B 784 -17.84 -6.91 12.78
CA SER B 784 -16.77 -6.25 13.52
C SER B 784 -16.71 -6.84 14.93
N GLN B 785 -15.53 -6.75 15.53
CA GLN B 785 -15.27 -7.37 16.81
C GLN B 785 -14.74 -6.33 17.79
N SER B 786 -15.11 -6.48 19.06
CA SER B 786 -14.63 -5.61 20.12
C SER B 786 -14.75 -6.33 21.45
N GLU B 787 -13.78 -6.10 22.32
CA GLU B 787 -13.75 -6.68 23.66
C GLU B 787 -14.03 -5.59 24.67
N GLU B 788 -14.62 -5.97 25.80
CA GLU B 788 -15.18 -4.99 26.72
C GLU B 788 -14.98 -5.44 28.16
N THR B 789 -15.08 -4.48 29.07
CA THR B 789 -15.01 -4.72 30.51
C THR B 789 -16.05 -3.86 31.20
N ARG B 790 -16.57 -4.35 32.32
CA ARG B 790 -17.53 -3.60 33.13
C ARG B 790 -17.39 -4.01 34.59
N VAL B 791 -17.56 -3.03 35.49
CA VAL B 791 -17.45 -3.25 36.92
C VAL B 791 -18.78 -2.85 37.55
N TRP B 792 -19.33 -3.74 38.37
CA TRP B 792 -20.66 -3.58 38.94
C TRP B 792 -20.59 -3.37 40.43
N HIS B 793 -21.44 -2.47 40.94
CA HIS B 793 -21.54 -2.16 42.35
C HIS B 793 -22.99 -2.28 42.78
N ARG B 794 -23.22 -2.75 44.01
CA ARG B 794 -24.56 -2.96 44.55
C ARG B 794 -24.73 -2.15 45.82
N PRO B 795 -25.07 -0.86 45.71
CA PRO B 795 -25.58 -0.13 46.87
C PRO B 795 -27.10 -0.24 46.95
N ASP B 796 -27.61 -0.59 48.12
CA ASP B 796 -29.05 -0.81 48.33
C ASP B 796 -29.50 -1.91 47.36
N GLY B 797 -28.88 -3.08 47.51
CA GLY B 797 -29.34 -4.29 46.88
C GLY B 797 -29.49 -4.27 45.37
N LYS B 798 -29.16 -3.16 44.72
CA LYS B 798 -29.40 -2.98 43.30
C LYS B 798 -28.07 -2.76 42.59
N TRP B 799 -27.83 -3.54 41.55
CA TRP B 799 -26.56 -3.43 40.81
C TRP B 799 -26.51 -2.14 40.01
N GLN B 800 -25.30 -1.59 39.89
CA GLN B 800 -25.07 -0.41 39.07
C GLN B 800 -23.66 -0.48 38.50
N ASN B 801 -23.46 0.19 37.36
CA ASN B 801 -22.22 0.14 36.63
C ASN B 801 -21.39 1.37 36.96
N VAL B 802 -20.10 1.16 37.26
CA VAL B 802 -19.23 2.25 37.71
C VAL B 802 -17.96 2.30 36.88
N HIS B 803 -17.97 1.67 35.71
CA HIS B 803 -16.80 1.70 34.83
C HIS B 803 -17.16 1.01 33.51
N PHE B 804 -16.39 1.30 32.48
CA PHE B 804 -16.62 0.72 31.16
C PHE B 804 -15.40 0.95 30.29
N HIS B 805 -14.95 -0.11 29.61
CA HIS B 805 -13.80 -0.03 28.73
C HIS B 805 -14.13 -0.74 27.42
N CYS B 806 -13.90 -0.06 26.30
CA CYS B 806 -14.13 -0.63 24.98
C CYS B 806 -12.84 -0.52 24.16
N SER B 807 -12.39 -1.64 23.62
CA SER B 807 -11.19 -1.70 22.81
C SER B 807 -11.53 -2.12 21.39
N GLY B 808 -10.69 -1.71 20.46
CA GLY B 808 -10.92 -2.06 19.06
C GLY B 808 -11.83 -1.06 18.38
N ALA B 809 -12.81 -1.58 17.65
CA ALA B 809 -13.67 -0.73 16.84
C ALA B 809 -14.62 0.07 17.72
N PRO B 810 -15.20 1.15 17.18
CA PRO B 810 -16.19 1.91 17.94
C PRO B 810 -17.45 1.09 18.18
N VAL B 811 -18.18 1.49 19.23
CA VAL B 811 -19.41 0.77 19.58
C VAL B 811 -20.40 0.79 18.41
N ALA B 812 -20.57 1.95 17.80
CA ALA B 812 -21.43 2.06 16.62
C ALA B 812 -20.68 1.54 15.39
N PRO B 813 -21.27 0.63 14.61
CA PRO B 813 -20.55 0.09 13.45
C PRO B 813 -20.23 1.17 12.43
N LEU B 814 -19.11 1.00 11.74
CA LEU B 814 -18.71 1.90 10.66
C LEU B 814 -19.38 1.47 9.37
N GLN B 815 -20.00 2.42 8.67
CA GLN B 815 -20.68 2.13 7.41
C GLN B 815 -20.26 3.14 6.34
N LYS C 681 -9.62 32.33 49.49
CA LYS C 681 -9.23 31.17 48.65
C LYS C 681 -10.30 30.95 47.57
N ALA C 682 -10.66 29.69 47.31
CA ALA C 682 -11.73 29.35 46.38
C ALA C 682 -11.43 29.89 44.98
N ARG C 683 -10.33 29.42 44.41
CA ARG C 683 -9.91 29.82 43.08
C ARG C 683 -10.40 28.86 42.00
N LYS C 684 -10.36 27.55 42.27
CA LYS C 684 -10.84 26.59 41.28
C LYS C 684 -12.30 26.82 40.95
N GLN C 685 -13.13 27.06 41.98
CA GLN C 685 -14.51 27.45 41.72
C GLN C 685 -14.58 28.81 41.06
N GLU C 686 -13.61 29.69 41.33
CA GLU C 686 -13.59 30.99 40.68
C GLU C 686 -13.46 30.85 39.17
N ILE C 687 -12.53 30.00 38.72
CA ILE C 687 -12.37 29.79 37.29
C ILE C 687 -13.61 29.12 36.72
N ILE C 688 -14.27 28.26 37.50
CA ILE C 688 -15.45 27.56 37.01
C ILE C 688 -16.50 28.55 36.55
N LYS C 689 -16.83 29.52 37.40
CA LYS C 689 -17.80 30.54 37.01
C LYS C 689 -17.24 31.42 35.90
N THR C 690 -16.00 31.89 36.04
CA THR C 690 -15.43 32.79 35.05
C THR C 690 -15.26 32.10 33.71
N THR C 691 -14.62 30.92 33.70
CA THR C 691 -14.38 30.23 32.43
C THR C 691 -15.69 29.79 31.80
N GLU C 692 -16.67 29.38 32.60
CA GLU C 692 -17.97 29.00 32.05
C GLU C 692 -18.63 30.19 31.37
N GLN C 693 -18.56 31.37 32.00
CA GLN C 693 -19.20 32.54 31.41
C GLN C 693 -18.52 32.91 30.09
N LEU C 694 -17.19 32.83 30.04
CA LEU C 694 -16.47 33.14 28.80
C LEU C 694 -16.82 32.14 27.72
N ILE C 695 -16.84 30.84 28.05
CA ILE C 695 -17.10 29.83 27.03
C ILE C 695 -18.51 29.98 26.48
N GLU C 696 -19.48 30.24 27.36
CA GLU C 696 -20.86 30.38 26.90
C GLU C 696 -21.00 31.54 25.91
N ALA C 697 -20.38 32.67 26.22
CA ALA C 697 -20.41 33.80 25.29
C ALA C 697 -19.72 33.45 23.98
N VAL C 698 -18.61 32.71 24.05
CA VAL C 698 -17.89 32.33 22.85
C VAL C 698 -18.79 31.55 21.90
N ASN C 699 -19.57 30.61 22.45
CA ASN C 699 -20.50 29.83 21.65
C ASN C 699 -21.69 30.65 21.15
N ASN C 700 -21.77 31.93 21.51
CA ASN C 700 -22.84 32.80 21.07
C ASN C 700 -22.24 34.00 20.33
N GLY C 701 -23.07 34.65 19.53
CA GLY C 701 -22.62 35.76 18.70
C GLY C 701 -22.41 37.07 19.41
N ASP C 702 -22.74 37.15 20.70
CA ASP C 702 -22.57 38.40 21.44
C ASP C 702 -21.10 38.78 21.49
N PHE C 703 -20.84 40.08 21.35
CA PHE C 703 -19.50 40.64 21.50
C PHE C 703 -19.30 41.34 22.83
N GLU C 704 -20.39 41.71 23.52
CA GLU C 704 -20.25 42.44 24.78
C GLU C 704 -19.35 41.70 25.75
N ALA C 705 -19.63 40.41 25.97
CA ALA C 705 -18.79 39.62 26.87
C ALA C 705 -17.36 39.55 26.36
N TYR C 706 -17.18 39.21 25.08
CA TYR C 706 -15.83 39.11 24.52
C TYR C 706 -15.09 40.43 24.66
N ALA C 707 -15.77 41.54 24.35
CA ALA C 707 -15.13 42.84 24.46
C ALA C 707 -14.75 43.17 25.90
N LYS C 708 -15.67 42.94 26.83
CA LYS C 708 -15.44 43.35 28.21
C LYS C 708 -14.25 42.61 28.81
N ILE C 709 -14.16 41.29 28.60
CA ILE C 709 -13.10 40.52 29.23
C ILE C 709 -11.75 40.81 28.57
N CYS C 710 -11.73 40.88 27.25
CA CYS C 710 -10.46 40.99 26.53
C CYS C 710 -9.78 42.32 26.82
N ASP C 711 -8.54 42.44 26.34
CA ASP C 711 -7.72 43.63 26.54
C ASP C 711 -7.42 44.22 25.17
N PRO C 712 -7.63 45.53 24.96
CA PRO C 712 -7.44 46.07 23.61
C PRO C 712 -6.01 45.92 23.13
N GLY C 713 -5.86 45.76 21.80
CA GLY C 713 -4.56 45.57 21.20
C GLY C 713 -3.88 44.30 21.64
N LEU C 714 -4.63 43.30 22.09
CA LEU C 714 -4.06 42.07 22.63
C LEU C 714 -3.76 41.09 21.51
N THR C 715 -2.58 40.50 21.55
CA THR C 715 -2.22 39.41 20.66
C THR C 715 -2.87 38.11 21.13
N SER C 716 -3.14 37.21 20.19
CA SER C 716 -3.65 35.89 20.53
C SER C 716 -3.32 34.94 19.39
N PHE C 717 -2.91 33.72 19.74
CA PHE C 717 -2.54 32.70 18.76
C PHE C 717 -3.76 31.84 18.45
N GLU C 718 -4.21 31.88 17.19
CA GLU C 718 -5.22 30.97 16.71
C GLU C 718 -4.88 30.58 15.27
N PRO C 719 -5.18 29.33 14.86
CA PRO C 719 -4.86 28.92 13.49
C PRO C 719 -5.60 29.73 12.44
N GLU C 720 -6.63 30.48 12.86
CA GLU C 720 -7.35 31.33 11.92
C GLU C 720 -6.40 32.29 11.21
N ALA C 721 -5.34 32.72 11.88
CA ALA C 721 -4.37 33.65 11.31
C ALA C 721 -3.06 32.99 10.93
N LEU C 722 -2.94 31.67 11.07
CA LEU C 722 -1.69 30.96 10.79
C LEU C 722 -0.55 31.55 11.62
N GLY C 723 -0.81 31.74 12.91
CA GLY C 723 0.21 32.23 13.81
C GLY C 723 0.70 33.62 13.46
N ASN C 724 -0.21 34.53 13.12
CA ASN C 724 0.15 35.90 12.78
C ASN C 724 -0.10 36.88 13.92
N LEU C 725 -0.43 36.40 15.10
CA LEU C 725 -0.57 37.25 16.28
C LEU C 725 -1.63 38.34 16.05
N VAL C 726 -2.87 37.87 15.89
CA VAL C 726 -4.01 38.77 15.70
C VAL C 726 -4.01 39.78 16.84
N GLU C 727 -3.89 41.05 16.52
CA GLU C 727 -3.75 42.12 17.50
C GLU C 727 -5.08 42.84 17.67
N GLY C 728 -5.49 43.05 18.92
CA GLY C 728 -6.70 43.79 19.19
C GLY C 728 -7.95 42.95 19.02
N MET C 729 -8.96 43.22 19.86
CA MET C 729 -10.20 42.45 19.81
C MET C 729 -10.98 42.69 18.52
N ASP C 730 -10.64 43.75 17.77
CA ASP C 730 -11.42 44.07 16.57
C ASP C 730 -11.39 42.93 15.57
N PHE C 731 -10.32 42.13 15.56
CA PHE C 731 -10.24 41.01 14.62
C PHE C 731 -11.39 40.03 14.84
N HIS C 732 -11.66 39.68 16.09
CA HIS C 732 -12.77 38.78 16.38
C HIS C 732 -14.11 39.48 16.23
N ARG C 733 -14.14 40.80 16.39
CA ARG C 733 -15.40 41.54 16.30
C ARG C 733 -16.03 41.37 14.93
N PHE C 734 -15.22 41.48 13.88
CA PHE C 734 -15.75 41.42 12.52
C PHE C 734 -16.53 40.13 12.28
N TYR C 735 -15.93 38.99 12.63
CA TYR C 735 -16.55 37.70 12.30
C TYR C 735 -17.76 37.41 13.18
N PHE C 736 -17.66 37.70 14.48
CA PHE C 736 -18.75 37.38 15.39
C PHE C 736 -20.02 38.17 15.04
N GLU C 737 -19.86 39.46 14.73
CA GLU C 737 -21.03 40.28 14.44
C GLU C 737 -21.63 39.95 13.07
N ASN C 738 -20.80 39.73 12.06
CA ASN C 738 -21.31 39.66 10.69
C ASN C 738 -21.72 38.24 10.30
N LEU C 739 -20.80 37.29 10.37
CA LEU C 739 -21.02 35.96 9.82
C LEU C 739 -21.25 34.90 10.89
N LEU C 740 -20.35 34.78 11.86
CA LEU C 740 -20.34 33.61 12.72
C LEU C 740 -21.61 33.47 13.54
N ALA C 741 -22.43 34.51 13.63
CA ALA C 741 -23.74 34.42 14.28
C ALA C 741 -24.76 33.77 13.33
N LYS C 742 -24.41 32.57 12.87
CA LYS C 742 -25.26 31.81 11.98
C LYS C 742 -26.28 31.03 12.80
N ASN C 743 -27.01 30.12 12.15
CA ASN C 743 -27.94 29.26 12.86
C ASN C 743 -27.16 28.17 13.60
N SER C 744 -27.42 28.04 14.89
CA SER C 744 -26.71 27.06 15.70
C SER C 744 -27.15 25.64 15.33
N LYS C 745 -26.25 24.69 15.57
CA LYS C 745 -26.49 23.28 15.35
C LYS C 745 -26.12 22.51 16.60
N PRO C 746 -26.71 21.33 16.81
CA PRO C 746 -26.44 20.59 18.06
C PRO C 746 -24.95 20.38 18.28
N ILE C 747 -24.41 21.04 19.33
CA ILE C 747 -23.00 20.97 19.65
C ILE C 747 -22.86 20.82 21.16
N HIS C 748 -21.70 20.33 21.59
CA HIS C 748 -21.45 20.10 23.00
C HIS C 748 -19.97 20.31 23.28
N THR C 749 -19.67 21.00 24.37
CA THR C 749 -18.31 21.37 24.74
C THR C 749 -17.93 20.73 26.06
N THR C 750 -16.68 20.30 26.17
CA THR C 750 -16.19 19.62 27.37
C THR C 750 -14.85 20.20 27.78
N ILE C 751 -14.61 20.27 29.09
CA ILE C 751 -13.36 20.73 29.65
C ILE C 751 -12.85 19.64 30.60
N LEU C 752 -11.58 19.28 30.45
CA LEU C 752 -10.99 18.18 31.21
C LEU C 752 -9.87 18.69 32.11
N ASN C 753 -9.90 18.28 33.38
CA ASN C 753 -8.85 18.50 34.37
C ASN C 753 -8.14 19.86 34.17
N PRO C 754 -8.86 20.96 34.32
CA PRO C 754 -8.19 22.27 34.25
C PRO C 754 -7.22 22.47 35.40
N HIS C 755 -6.15 23.20 35.14
CA HIS C 755 -5.13 23.51 36.12
C HIS C 755 -4.99 25.02 36.21
N VAL C 756 -4.83 25.54 37.43
CA VAL C 756 -4.80 26.97 37.67
C VAL C 756 -3.59 27.31 38.52
N HIS C 757 -2.87 28.35 38.12
CA HIS C 757 -1.85 28.98 38.95
C HIS C 757 -2.31 30.39 39.32
N VAL C 758 -2.03 30.79 40.56
CA VAL C 758 -2.36 32.12 41.04
C VAL C 758 -1.06 32.89 41.19
N ILE C 759 -0.96 34.03 40.49
CA ILE C 759 0.25 34.83 40.47
C ILE C 759 -0.03 36.11 41.26
N GLY C 760 0.76 36.35 42.30
CA GLY C 760 0.53 37.53 43.12
C GLY C 760 -0.87 37.50 43.69
N GLU C 761 -1.62 38.58 43.47
CA GLU C 761 -3.00 38.69 43.89
C GLU C 761 -3.96 38.99 42.74
N ASP C 762 -3.52 39.72 41.73
CA ASP C 762 -4.38 40.17 40.64
C ASP C 762 -4.02 39.52 39.32
N ALA C 763 -3.57 38.26 39.36
CA ALA C 763 -3.21 37.55 38.14
C ALA C 763 -3.39 36.05 38.36
N ALA C 764 -3.52 35.32 37.26
CA ALA C 764 -3.67 33.88 37.31
C ALA C 764 -3.48 33.30 35.91
N CYS C 765 -3.07 32.04 35.86
CA CYS C 765 -2.85 31.31 34.62
C CYS C 765 -3.62 30.00 34.68
N ILE C 766 -4.24 29.63 33.55
CA ILE C 766 -5.12 28.47 33.48
C ILE C 766 -4.82 27.69 32.21
N ALA C 767 -4.78 26.36 32.33
CA ALA C 767 -4.56 25.47 31.20
C ALA C 767 -5.54 24.31 31.28
N TYR C 768 -5.86 23.72 30.13
CA TYR C 768 -6.84 22.64 30.07
C TYR C 768 -6.89 22.10 28.65
N ILE C 769 -7.67 21.04 28.48
CA ILE C 769 -7.93 20.43 27.17
C ILE C 769 -9.42 20.53 26.90
N ARG C 770 -9.77 20.90 25.66
CA ARG C 770 -11.15 21.09 25.25
C ARG C 770 -11.52 20.04 24.21
N LEU C 771 -12.60 19.31 24.47
CA LEU C 771 -13.18 18.37 23.52
C LEU C 771 -14.50 18.93 23.02
N THR C 772 -14.66 18.98 21.71
CA THR C 772 -15.85 19.55 21.07
C THR C 772 -16.66 18.44 20.42
N GLN C 773 -17.94 18.36 20.75
CA GLN C 773 -18.85 17.41 20.14
C GLN C 773 -19.78 18.14 19.17
N TYR C 774 -19.87 17.64 17.95
CA TYR C 774 -20.64 18.28 16.90
C TYR C 774 -21.04 17.24 15.87
N ILE C 775 -21.98 17.62 15.02
CA ILE C 775 -22.47 16.77 13.93
C ILE C 775 -22.04 17.42 12.62
N ASP C 776 -21.31 16.67 11.80
CA ASP C 776 -20.81 17.20 10.55
C ASP C 776 -21.93 17.37 9.54
N GLY C 777 -21.58 17.91 8.37
CA GLY C 777 -22.56 18.11 7.32
C GLY C 777 -23.09 16.83 6.72
N GLN C 778 -22.34 15.73 6.84
CA GLN C 778 -22.79 14.43 6.35
C GLN C 778 -23.83 13.79 7.25
N GLY C 779 -24.14 14.40 8.39
CA GLY C 779 -25.09 13.84 9.32
C GLY C 779 -24.52 12.83 10.28
N ARG C 780 -23.22 12.86 10.55
CA ARG C 780 -22.55 11.92 11.42
C ARG C 780 -21.86 12.66 12.54
N PRO C 781 -21.95 12.19 13.80
CA PRO C 781 -21.29 12.90 14.89
C PRO C 781 -19.77 12.77 14.81
N ARG C 782 -19.09 13.76 15.38
CA ARG C 782 -17.64 13.79 15.38
C ARG C 782 -17.14 14.52 16.62
N THR C 783 -15.88 14.30 16.96
CA THR C 783 -15.23 14.96 18.08
C THR C 783 -13.85 15.44 17.67
N SER C 784 -13.38 16.48 18.34
CA SER C 784 -12.06 17.06 18.08
C SER C 784 -11.43 17.47 19.39
N GLN C 785 -10.09 17.46 19.41
CA GLN C 785 -9.32 17.76 20.60
C GLN C 785 -8.46 18.99 20.35
N SER C 786 -8.39 19.88 21.34
CA SER C 786 -7.63 21.11 21.19
C SER C 786 -7.30 21.65 22.59
N GLU C 787 -6.04 21.99 22.81
CA GLU C 787 -5.58 22.53 24.08
C GLU C 787 -5.46 24.04 24.01
N GLU C 788 -5.46 24.67 25.18
CA GLU C 788 -5.60 26.12 25.26
C GLU C 788 -4.78 26.65 26.43
N THR C 789 -4.70 27.98 26.49
CA THR C 789 -4.04 28.68 27.59
C THR C 789 -4.65 30.06 27.71
N ARG C 790 -4.68 30.59 28.92
CA ARG C 790 -5.22 31.92 29.17
C ARG C 790 -4.54 32.53 30.38
N VAL C 791 -4.30 33.83 30.31
CA VAL C 791 -3.71 34.59 31.42
C VAL C 791 -4.74 35.60 31.88
N TRP C 792 -4.99 35.66 33.18
CA TRP C 792 -6.01 36.51 33.76
C TRP C 792 -5.35 37.61 34.59
N HIS C 793 -5.93 38.80 34.56
CA HIS C 793 -5.48 39.92 35.36
C HIS C 793 -6.69 40.61 35.96
N ARG C 794 -6.50 41.19 37.15
CA ARG C 794 -7.55 41.92 37.85
C ARG C 794 -7.26 43.41 37.77
N PRO C 795 -7.62 44.09 36.67
CA PRO C 795 -7.52 45.56 36.64
C PRO C 795 -8.66 46.18 37.44
N ASP C 796 -8.30 46.90 38.50
CA ASP C 796 -9.28 47.55 39.38
C ASP C 796 -10.30 46.54 39.91
N GLY C 797 -9.80 45.39 40.35
CA GLY C 797 -10.66 44.39 40.97
C GLY C 797 -11.26 43.41 39.97
N LYS C 798 -12.06 43.92 39.04
CA LYS C 798 -12.69 43.05 38.06
C LYS C 798 -11.64 42.34 37.23
N TRP C 799 -11.93 41.07 36.89
CA TRP C 799 -10.97 40.25 36.16
C TRP C 799 -10.97 40.59 34.68
N GLN C 800 -9.81 40.41 34.05
CA GLN C 800 -9.67 40.60 32.62
C GLN C 800 -8.65 39.62 32.09
N ASN C 801 -8.96 39.01 30.94
CA ASN C 801 -8.07 38.06 30.28
C ASN C 801 -7.18 38.84 29.32
N VAL C 802 -5.86 38.87 29.61
CA VAL C 802 -4.93 39.66 28.82
C VAL C 802 -4.10 38.80 27.87
N HIS C 803 -4.50 37.56 27.63
CA HIS C 803 -3.82 36.73 26.63
C HIS C 803 -4.66 35.48 26.38
N PHE C 804 -4.41 34.86 25.23
CA PHE C 804 -5.13 33.66 24.82
C PHE C 804 -4.31 32.94 23.77
N HIS C 805 -4.27 31.61 23.86
CA HIS C 805 -3.46 30.79 22.98
C HIS C 805 -4.20 29.49 22.73
N CYS C 806 -4.38 29.14 21.45
CA CYS C 806 -5.09 27.93 21.06
C CYS C 806 -4.17 27.08 20.20
N SER C 807 -4.08 25.80 20.51
CA SER C 807 -3.22 24.87 19.80
C SER C 807 -4.02 23.66 19.35
N GLY C 808 -3.53 23.01 18.29
CA GLY C 808 -4.22 21.87 17.73
C GLY C 808 -5.35 22.26 16.82
N ALA C 809 -6.14 23.25 17.23
CA ALA C 809 -7.27 23.72 16.43
C ALA C 809 -7.70 25.09 16.95
N PRO C 810 -8.52 25.81 16.21
CA PRO C 810 -9.02 27.11 16.69
C PRO C 810 -10.09 26.98 17.77
N VAL C 811 -10.66 28.12 18.15
CA VAL C 811 -11.72 28.12 19.16
C VAL C 811 -12.87 27.23 18.73
N ALA C 812 -13.32 27.38 17.49
CA ALA C 812 -14.50 26.68 17.00
C ALA C 812 -14.12 25.53 16.08
N PRO C 813 -14.97 24.52 15.95
CA PRO C 813 -14.67 23.37 15.10
C PRO C 813 -15.06 23.63 13.64
N LEU C 814 -14.91 22.61 12.82
CA LEU C 814 -15.27 22.64 11.41
C LEU C 814 -16.29 21.55 11.14
N GLN C 815 -17.35 21.91 10.40
CA GLN C 815 -18.38 20.94 10.03
C GLN C 815 -18.17 20.44 8.60
N LYS D 681 -21.46 -50.35 1.48
CA LYS D 681 -20.99 -49.31 0.52
C LYS D 681 -22.09 -48.29 0.27
N ALA D 682 -23.35 -48.73 0.40
CA ALA D 682 -24.46 -47.83 0.16
C ALA D 682 -24.44 -46.66 1.15
N ARG D 683 -24.14 -46.94 2.41
CA ARG D 683 -24.12 -45.87 3.41
C ARG D 683 -23.12 -44.78 3.06
N LYS D 684 -22.04 -45.13 2.35
CA LYS D 684 -21.10 -44.13 1.90
C LYS D 684 -21.68 -43.23 0.81
N GLN D 685 -22.86 -43.56 0.28
CA GLN D 685 -23.50 -42.78 -0.77
C GLN D 685 -24.50 -41.77 -0.21
N GLU D 686 -25.46 -42.22 0.61
CA GLU D 686 -26.51 -41.32 1.06
C GLU D 686 -25.95 -40.14 1.83
N ILE D 687 -24.79 -40.30 2.48
CA ILE D 687 -24.14 -39.17 3.12
C ILE D 687 -23.80 -38.12 2.06
N ILE D 688 -23.24 -38.56 0.93
CA ILE D 688 -22.93 -37.63 -0.14
C ILE D 688 -24.21 -37.01 -0.69
N LYS D 689 -25.26 -37.81 -0.87
CA LYS D 689 -26.52 -37.27 -1.34
C LYS D 689 -27.07 -36.23 -0.37
N THR D 690 -27.01 -36.51 0.93
CA THR D 690 -27.48 -35.55 1.92
C THR D 690 -26.69 -34.26 1.86
N THR D 691 -25.37 -34.36 1.73
CA THR D 691 -24.55 -33.16 1.64
C THR D 691 -24.95 -32.31 0.45
N GLU D 692 -25.23 -32.95 -0.69
CA GLU D 692 -25.66 -32.20 -1.87
C GLU D 692 -26.98 -31.49 -1.62
N GLN D 693 -27.91 -32.16 -0.92
CA GLN D 693 -29.19 -31.52 -0.62
C GLN D 693 -28.99 -30.28 0.22
N LEU D 694 -28.14 -30.35 1.25
CA LEU D 694 -27.92 -29.21 2.12
C LEU D 694 -27.34 -28.03 1.35
N ILE D 695 -26.36 -28.30 0.50
CA ILE D 695 -25.74 -27.22 -0.28
C ILE D 695 -26.78 -26.57 -1.18
N GLU D 696 -27.64 -27.38 -1.82
CA GLU D 696 -28.67 -26.83 -2.68
C GLU D 696 -29.64 -25.95 -1.89
N ALA D 697 -30.06 -26.42 -0.71
CA ALA D 697 -31.00 -25.64 0.09
C ALA D 697 -30.40 -24.30 0.49
N VAL D 698 -29.11 -24.29 0.86
CA VAL D 698 -28.44 -23.03 1.18
C VAL D 698 -28.42 -22.13 -0.06
N ASN D 699 -28.09 -22.70 -1.22
CA ASN D 699 -27.97 -21.90 -2.44
C ASN D 699 -29.31 -21.28 -2.81
N ASN D 700 -30.41 -22.02 -2.67
CA ASN D 700 -31.72 -21.49 -3.01
C ASN D 700 -32.18 -20.40 -2.06
N GLY D 701 -31.48 -20.19 -0.95
CA GLY D 701 -31.89 -19.19 0.02
C GLY D 701 -33.17 -19.55 0.75
N ASP D 702 -33.34 -20.82 1.09
CA ASP D 702 -34.48 -21.29 1.86
C ASP D 702 -34.00 -21.62 3.27
N PHE D 703 -34.77 -21.18 4.26
CA PHE D 703 -34.40 -21.42 5.66
C PHE D 703 -35.10 -22.64 6.25
N GLU D 704 -36.36 -22.89 5.87
CA GLU D 704 -37.11 -23.98 6.47
C GLU D 704 -36.40 -25.31 6.27
N ALA D 705 -36.03 -25.62 5.03
CA ALA D 705 -35.35 -26.88 4.76
C ALA D 705 -34.00 -26.94 5.47
N TYR D 706 -33.33 -25.79 5.62
CA TYR D 706 -32.04 -25.77 6.29
C TYR D 706 -32.17 -26.24 7.73
N ALA D 707 -33.21 -25.78 8.43
CA ALA D 707 -33.37 -26.12 9.83
C ALA D 707 -33.65 -27.60 10.03
N LYS D 708 -34.34 -28.24 9.09
CA LYS D 708 -34.75 -29.63 9.26
C LYS D 708 -33.55 -30.58 9.30
N ILE D 709 -32.37 -30.13 8.87
CA ILE D 709 -31.19 -30.98 8.84
C ILE D 709 -30.25 -30.60 9.97
N CYS D 710 -29.86 -29.33 10.01
CA CYS D 710 -28.88 -28.87 11.00
C CYS D 710 -29.36 -29.15 12.41
N ASP D 711 -28.45 -29.69 13.23
CA ASP D 711 -28.78 -29.95 14.62
C ASP D 711 -28.84 -28.64 15.39
N PRO D 712 -29.74 -28.51 16.37
CA PRO D 712 -29.82 -27.24 17.10
C PRO D 712 -28.53 -26.85 17.81
N GLY D 713 -27.65 -27.81 18.10
CA GLY D 713 -26.41 -27.52 18.78
C GLY D 713 -25.24 -27.34 17.82
N LEU D 714 -25.53 -26.90 16.60
CA LEU D 714 -24.50 -26.79 15.58
C LEU D 714 -23.44 -25.78 15.98
N THR D 715 -22.18 -26.10 15.65
CA THR D 715 -21.05 -25.19 15.79
C THR D 715 -20.32 -25.14 14.46
N SER D 716 -19.60 -24.04 14.22
CA SER D 716 -18.97 -23.88 12.91
C SER D 716 -17.90 -22.80 12.95
N PHE D 717 -16.83 -23.02 12.19
CA PHE D 717 -15.83 -22.01 11.89
C PHE D 717 -16.09 -21.48 10.48
N GLU D 718 -16.39 -20.19 10.37
CA GLU D 718 -16.54 -19.55 9.07
C GLU D 718 -15.80 -18.23 9.06
N PRO D 719 -15.35 -17.76 7.89
CA PRO D 719 -14.71 -16.45 7.83
C PRO D 719 -15.60 -15.32 8.30
N GLU D 720 -16.92 -15.46 8.16
CA GLU D 720 -17.83 -14.42 8.62
C GLU D 720 -17.71 -14.20 10.12
N ALA D 721 -17.19 -15.18 10.85
CA ALA D 721 -17.06 -15.11 12.29
C ALA D 721 -15.74 -14.49 12.73
N LEU D 722 -14.90 -14.07 11.79
CA LEU D 722 -13.62 -13.44 12.11
C LEU D 722 -12.73 -14.36 12.96
N GLY D 723 -12.82 -15.67 12.72
CA GLY D 723 -11.96 -16.62 13.38
C GLY D 723 -12.45 -17.14 14.72
N ASN D 724 -13.63 -16.72 15.16
CA ASN D 724 -14.19 -17.24 16.41
C ASN D 724 -15.07 -18.45 16.12
N LEU D 725 -15.40 -19.18 17.19
CA LEU D 725 -16.29 -20.33 17.11
C LEU D 725 -17.70 -19.89 17.48
N VAL D 726 -18.65 -20.14 16.59
CA VAL D 726 -20.02 -19.65 16.73
C VAL D 726 -20.95 -20.84 16.88
N GLU D 727 -21.80 -20.79 17.90
CA GLU D 727 -22.73 -21.87 18.20
C GLU D 727 -24.16 -21.42 17.98
N GLY D 728 -25.01 -22.37 17.59
CA GLY D 728 -26.43 -22.10 17.45
C GLY D 728 -26.83 -21.78 16.04
N MET D 729 -28.15 -21.66 15.85
CA MET D 729 -28.73 -21.35 14.55
C MET D 729 -29.01 -19.86 14.37
N ASP D 730 -29.22 -19.13 15.46
CA ASP D 730 -29.65 -17.74 15.36
C ASP D 730 -28.64 -16.91 14.57
N PHE D 731 -27.35 -17.24 14.67
CA PHE D 731 -26.34 -16.45 13.97
C PHE D 731 -26.54 -16.49 12.47
N HIS D 732 -26.82 -17.67 11.92
CA HIS D 732 -26.94 -17.80 10.47
C HIS D 732 -28.26 -17.25 9.96
N ARG D 733 -29.31 -17.26 10.79
CA ARG D 733 -30.63 -16.82 10.34
C ARG D 733 -30.56 -15.42 9.75
N PHE D 734 -29.66 -14.57 10.26
CA PHE D 734 -29.55 -13.20 9.78
C PHE D 734 -29.21 -13.18 8.29
N TYR D 735 -28.28 -14.03 7.87
CA TYR D 735 -27.87 -14.04 6.47
C TYR D 735 -29.03 -14.44 5.57
N PHE D 736 -29.83 -15.41 5.99
CA PHE D 736 -30.92 -15.91 5.15
C PHE D 736 -32.01 -14.87 4.95
N GLU D 737 -31.98 -13.77 5.71
CA GLU D 737 -33.02 -12.76 5.63
C GLU D 737 -32.63 -11.54 4.81
N ASN D 738 -31.35 -11.38 4.47
CA ASN D 738 -30.93 -10.13 3.83
C ASN D 738 -30.04 -10.31 2.61
N LEU D 739 -29.32 -11.43 2.48
CA LEU D 739 -28.28 -11.55 1.47
C LEU D 739 -28.51 -12.67 0.47
N LEU D 740 -28.77 -13.90 0.92
CA LEU D 740 -28.68 -15.06 0.02
C LEU D 740 -29.73 -15.01 -1.08
N ALA D 741 -31.00 -14.83 -0.71
CA ALA D 741 -32.11 -15.03 -1.63
C ALA D 741 -32.52 -13.79 -2.39
N LYS D 742 -31.81 -12.67 -2.23
CA LYS D 742 -32.29 -11.40 -2.77
C LYS D 742 -32.07 -11.31 -4.27
N ASN D 743 -30.96 -11.85 -4.79
CA ASN D 743 -30.63 -11.71 -6.20
C ASN D 743 -30.57 -13.05 -6.94
N SER D 744 -29.92 -14.06 -6.36
CA SER D 744 -29.78 -15.36 -7.01
C SER D 744 -29.22 -15.20 -8.43
N LYS D 745 -28.06 -14.55 -8.52
CA LYS D 745 -27.41 -14.38 -9.81
C LYS D 745 -26.84 -15.72 -10.28
N PRO D 746 -26.58 -15.83 -11.59
CA PRO D 746 -26.09 -17.13 -12.12
C PRO D 746 -24.81 -17.57 -11.43
N ILE D 747 -24.76 -18.85 -11.07
CA ILE D 747 -23.62 -19.42 -10.37
C ILE D 747 -23.64 -20.92 -10.61
N HIS D 748 -22.50 -21.57 -10.38
CA HIS D 748 -22.39 -23.02 -10.50
C HIS D 748 -21.48 -23.54 -9.40
N THR D 749 -21.89 -24.65 -8.78
CA THR D 749 -21.16 -25.26 -7.67
C THR D 749 -20.75 -26.67 -8.08
N THR D 750 -19.49 -27.00 -7.84
CA THR D 750 -18.93 -28.31 -8.18
C THR D 750 -18.26 -28.91 -6.96
N ILE D 751 -18.46 -30.22 -6.76
CA ILE D 751 -17.87 -30.96 -5.64
C ILE D 751 -16.92 -31.99 -6.23
N LEU D 752 -15.68 -32.00 -5.74
CA LEU D 752 -14.62 -32.82 -6.30
C LEU D 752 -14.08 -33.79 -5.25
N ASN D 753 -13.97 -35.06 -5.63
CA ASN D 753 -13.28 -36.07 -4.85
C ASN D 753 -13.72 -36.10 -3.38
N PRO D 754 -15.01 -36.34 -3.12
CA PRO D 754 -15.44 -36.50 -1.74
C PRO D 754 -14.82 -37.74 -1.10
N HIS D 755 -14.51 -37.63 0.19
CA HIS D 755 -13.97 -38.74 0.97
C HIS D 755 -14.83 -38.89 2.22
N VAL D 756 -15.27 -40.12 2.49
CA VAL D 756 -16.24 -40.39 3.55
C VAL D 756 -15.71 -41.50 4.44
N HIS D 757 -15.79 -41.30 5.74
CA HIS D 757 -15.54 -42.34 6.73
C HIS D 757 -16.85 -42.80 7.33
N VAL D 758 -16.88 -44.06 7.76
CA VAL D 758 -18.03 -44.63 8.45
C VAL D 758 -17.58 -44.98 9.86
N ILE D 759 -18.12 -44.26 10.85
CA ILE D 759 -17.76 -44.44 12.25
C ILE D 759 -18.97 -45.02 12.96
N GLY D 760 -18.80 -46.20 13.55
CA GLY D 760 -19.93 -46.81 14.23
C GLY D 760 -21.06 -47.07 13.27
N GLU D 761 -22.29 -46.96 13.78
CA GLU D 761 -23.49 -47.14 12.99
C GLU D 761 -24.24 -45.84 12.72
N ASP D 762 -23.99 -44.79 13.51
CA ASP D 762 -24.72 -43.53 13.41
C ASP D 762 -23.76 -42.35 13.46
N ALA D 763 -22.64 -42.46 12.75
CA ALA D 763 -21.67 -41.38 12.72
C ALA D 763 -20.82 -41.49 11.46
N ALA D 764 -20.46 -40.34 10.90
CA ALA D 764 -19.64 -40.30 9.70
C ALA D 764 -19.14 -38.88 9.50
N CYS D 765 -17.99 -38.77 8.84
CA CYS D 765 -17.38 -37.48 8.52
C CYS D 765 -17.06 -37.45 7.03
N ILE D 766 -17.17 -36.26 6.43
CA ILE D 766 -17.00 -36.09 5.00
C ILE D 766 -16.11 -34.88 4.76
N ALA D 767 -15.20 -35.01 3.80
CA ALA D 767 -14.30 -33.93 3.41
C ALA D 767 -14.26 -33.84 1.89
N TYR D 768 -14.23 -32.61 1.38
CA TYR D 768 -14.27 -32.40 -0.07
C TYR D 768 -13.78 -31.00 -0.39
N ILE D 769 -13.53 -30.77 -1.68
CA ILE D 769 -13.22 -29.45 -2.21
C ILE D 769 -14.45 -28.94 -2.95
N ARG D 770 -14.52 -27.63 -3.14
CA ARG D 770 -15.72 -26.99 -3.69
C ARG D 770 -15.29 -25.83 -4.58
N LEU D 771 -15.58 -25.94 -5.88
CA LEU D 771 -15.28 -24.89 -6.85
C LEU D 771 -16.57 -24.18 -7.21
N THR D 772 -16.53 -22.84 -7.20
CA THR D 772 -17.70 -22.01 -7.49
C THR D 772 -17.40 -21.12 -8.68
N GLN D 773 -18.39 -20.98 -9.56
CA GLN D 773 -18.32 -20.08 -10.70
C GLN D 773 -19.36 -18.98 -10.54
N TYR D 774 -18.96 -17.74 -10.81
CA TYR D 774 -19.86 -16.60 -10.64
C TYR D 774 -19.36 -15.47 -11.53
N ILE D 775 -20.22 -14.48 -11.74
CA ILE D 775 -19.92 -13.30 -12.53
C ILE D 775 -19.71 -12.13 -11.56
N ASP D 776 -18.55 -11.50 -11.65
CA ASP D 776 -18.24 -10.39 -10.76
C ASP D 776 -19.03 -9.14 -11.16
N GLY D 777 -18.77 -8.04 -10.45
CA GLY D 777 -19.44 -6.79 -10.76
C GLY D 777 -18.97 -6.15 -12.05
N GLN D 778 -17.78 -6.52 -12.53
CA GLN D 778 -17.24 -5.96 -13.76
C GLN D 778 -17.77 -6.68 -15.01
N GLY D 779 -18.63 -7.68 -14.85
CA GLY D 779 -19.14 -8.40 -15.98
C GLY D 779 -18.20 -9.42 -16.57
N ARG D 780 -17.35 -10.03 -15.73
CA ARG D 780 -16.40 -11.03 -16.19
C ARG D 780 -16.53 -12.28 -15.33
N PRO D 781 -16.20 -13.46 -15.89
CA PRO D 781 -16.30 -14.69 -15.09
C PRO D 781 -15.17 -14.80 -14.08
N ARG D 782 -15.44 -15.54 -13.01
CA ARG D 782 -14.46 -15.74 -11.95
C ARG D 782 -14.67 -17.12 -11.34
N THR D 783 -13.64 -17.60 -10.64
CA THR D 783 -13.68 -18.88 -9.96
C THR D 783 -13.04 -18.73 -8.58
N SER D 784 -13.44 -19.61 -7.67
CA SER D 784 -12.92 -19.59 -6.31
C SER D 784 -12.96 -21.01 -5.75
N GLN D 785 -11.94 -21.34 -4.95
CA GLN D 785 -11.79 -22.69 -4.40
C GLN D 785 -11.82 -22.62 -2.88
N SER D 786 -12.43 -23.64 -2.27
CA SER D 786 -12.47 -23.76 -0.82
C SER D 786 -12.69 -25.22 -0.46
N GLU D 787 -12.19 -25.60 0.72
CA GLU D 787 -12.34 -26.94 1.23
C GLU D 787 -13.15 -26.91 2.52
N GLU D 788 -13.87 -27.99 2.80
CA GLU D 788 -14.85 -28.00 3.87
C GLU D 788 -14.88 -29.35 4.56
N THR D 789 -15.35 -29.36 5.81
CA THR D 789 -15.48 -30.56 6.62
C THR D 789 -16.85 -30.55 7.29
N ARG D 790 -17.38 -31.75 7.53
CA ARG D 790 -18.67 -31.89 8.20
C ARG D 790 -18.67 -33.18 9.01
N VAL D 791 -19.49 -33.19 10.07
CA VAL D 791 -19.67 -34.35 10.92
C VAL D 791 -21.16 -34.62 11.04
N TRP D 792 -21.55 -35.87 10.82
CA TRP D 792 -22.96 -36.25 10.80
C TRP D 792 -23.26 -37.22 11.93
N HIS D 793 -24.49 -37.12 12.47
CA HIS D 793 -24.94 -37.94 13.57
C HIS D 793 -26.43 -38.22 13.36
N ARG D 794 -26.85 -39.45 13.65
CA ARG D 794 -28.22 -39.89 13.37
C ARG D 794 -28.89 -40.43 14.64
N PRO D 795 -29.40 -39.55 15.49
CA PRO D 795 -30.34 -39.99 16.52
C PRO D 795 -31.77 -39.92 16.03
N ASP D 796 -32.53 -41.00 16.21
CA ASP D 796 -33.93 -41.06 15.83
C ASP D 796 -34.05 -40.90 14.31
N GLY D 797 -33.44 -41.85 13.61
CA GLY D 797 -33.74 -42.06 12.20
C GLY D 797 -33.68 -40.81 11.33
N LYS D 798 -32.65 -39.99 11.52
CA LYS D 798 -32.45 -38.82 10.65
C LYS D 798 -31.01 -38.36 10.75
N TRP D 799 -30.35 -38.22 9.61
CA TRP D 799 -29.00 -37.67 9.59
C TRP D 799 -29.06 -36.18 9.93
N GLN D 800 -28.14 -35.74 10.79
CA GLN D 800 -28.10 -34.35 11.21
C GLN D 800 -26.65 -33.90 11.35
N ASN D 801 -26.42 -32.61 11.10
CA ASN D 801 -25.07 -32.05 11.09
C ASN D 801 -24.79 -31.39 12.44
N VAL D 802 -23.56 -31.54 12.92
CA VAL D 802 -23.17 -31.00 14.22
C VAL D 802 -21.89 -30.18 14.17
N HIS D 803 -21.18 -30.15 13.04
CA HIS D 803 -19.96 -29.35 12.94
C HIS D 803 -19.68 -29.05 11.48
N PHE D 804 -19.10 -27.88 11.22
CA PHE D 804 -18.83 -27.43 9.86
C PHE D 804 -17.62 -26.50 9.89
N HIS D 805 -16.60 -26.84 9.11
CA HIS D 805 -15.37 -26.07 9.04
C HIS D 805 -15.11 -25.73 7.58
N CYS D 806 -14.93 -24.44 7.29
CA CYS D 806 -14.69 -23.97 5.93
C CYS D 806 -13.43 -23.11 5.93
N SER D 807 -12.46 -23.49 5.11
CA SER D 807 -11.22 -22.74 4.96
C SER D 807 -11.28 -21.90 3.68
N GLY D 808 -10.19 -21.21 3.39
CA GLY D 808 -10.16 -20.38 2.20
C GLY D 808 -11.27 -19.36 2.21
N ALA D 809 -12.03 -19.30 1.12
CA ALA D 809 -13.15 -18.38 1.03
C ALA D 809 -14.31 -18.85 1.91
N PRO D 810 -15.23 -17.96 2.24
CA PRO D 810 -16.39 -18.36 3.06
C PRO D 810 -17.41 -19.17 2.27
N VAL D 811 -18.53 -19.49 2.91
CA VAL D 811 -19.59 -20.24 2.21
C VAL D 811 -20.14 -19.40 1.06
N ALA D 812 -20.39 -18.12 1.32
CA ALA D 812 -20.95 -17.24 0.29
C ALA D 812 -19.83 -16.78 -0.65
N PRO D 813 -19.98 -16.95 -1.95
CA PRO D 813 -18.93 -16.49 -2.87
C PRO D 813 -18.84 -14.97 -2.90
N LEU D 814 -17.63 -14.49 -3.21
CA LEU D 814 -17.36 -13.05 -3.29
C LEU D 814 -17.76 -12.57 -4.69
N GLN D 815 -18.99 -12.08 -4.80
CA GLN D 815 -19.50 -11.59 -6.09
C GLN D 815 -19.03 -10.17 -6.36
N LYS E 681 23.29 0.18 -60.80
CA LYS E 681 22.64 1.39 -60.21
C LYS E 681 21.13 1.29 -60.31
N ALA E 682 20.62 1.20 -61.54
CA ALA E 682 19.17 1.20 -61.75
C ALA E 682 18.49 0.15 -60.87
N ARG E 683 19.13 -1.01 -60.72
CA ARG E 683 18.61 -2.04 -59.82
C ARG E 683 18.39 -1.46 -58.43
N LYS E 684 19.47 -0.99 -57.81
CA LYS E 684 19.40 -0.55 -56.41
C LYS E 684 18.32 0.51 -56.23
N GLN E 685 18.17 1.41 -57.20
CA GLN E 685 17.15 2.44 -57.10
C GLN E 685 15.75 1.83 -57.01
N GLU E 686 15.43 0.92 -57.94
CA GLU E 686 14.07 0.42 -58.03
C GLU E 686 13.68 -0.38 -56.79
N ILE E 687 14.63 -1.09 -56.18
CA ILE E 687 14.31 -1.81 -54.94
C ILE E 687 13.88 -0.82 -53.87
N ILE E 688 14.63 0.28 -53.73
CA ILE E 688 14.26 1.31 -52.77
C ILE E 688 12.90 1.90 -53.13
N LYS E 689 12.71 2.24 -54.40
CA LYS E 689 11.42 2.74 -54.86
C LYS E 689 10.31 1.76 -54.48
N THR E 690 10.53 0.47 -54.78
CA THR E 690 9.56 -0.54 -54.37
C THR E 690 9.39 -0.56 -52.87
N THR E 691 10.50 -0.47 -52.13
CA THR E 691 10.43 -0.47 -50.67
C THR E 691 9.50 0.62 -50.18
N GLU E 692 9.62 1.83 -50.73
CA GLU E 692 8.69 2.90 -50.36
C GLU E 692 7.27 2.54 -50.77
N GLN E 693 7.08 2.07 -52.00
CA GLN E 693 5.75 1.68 -52.45
C GLN E 693 5.09 0.72 -51.47
N LEU E 694 5.86 -0.26 -50.99
CA LEU E 694 5.33 -1.17 -49.97
C LEU E 694 4.94 -0.41 -48.71
N ILE E 695 5.78 0.53 -48.28
CA ILE E 695 5.49 1.30 -47.08
C ILE E 695 4.22 2.12 -47.26
N GLU E 696 4.07 2.78 -48.41
CA GLU E 696 2.89 3.58 -48.64
C GLU E 696 1.63 2.71 -48.66
N ALA E 697 1.69 1.57 -49.34
CA ALA E 697 0.55 0.65 -49.35
C ALA E 697 0.16 0.26 -47.93
N VAL E 698 1.14 0.13 -47.04
CA VAL E 698 0.84 -0.16 -45.64
C VAL E 698 0.05 0.99 -45.03
N ASN E 699 0.61 2.19 -45.05
CA ASN E 699 -0.07 3.34 -44.45
C ASN E 699 -1.39 3.63 -45.14
N ASN E 700 -1.43 3.57 -46.48
CA ASN E 700 -2.68 3.73 -47.19
C ASN E 700 -3.57 2.49 -47.07
N GLY E 701 -3.01 1.36 -46.66
CA GLY E 701 -3.80 0.15 -46.54
C GLY E 701 -4.08 -0.54 -47.85
N ASP E 702 -3.30 -0.25 -48.89
CA ASP E 702 -3.50 -0.87 -50.20
C ASP E 702 -2.98 -2.31 -50.13
N PHE E 703 -3.84 -3.18 -49.60
CA PHE E 703 -3.49 -4.58 -49.41
C PHE E 703 -3.25 -5.29 -50.74
N GLU E 704 -4.03 -4.99 -51.78
CA GLU E 704 -3.88 -5.69 -53.04
C GLU E 704 -2.50 -5.46 -53.64
N ALA E 705 -2.02 -4.22 -53.62
CA ALA E 705 -0.66 -3.95 -54.06
C ALA E 705 0.34 -4.57 -53.09
N TYR E 706 0.12 -4.38 -51.79
CA TYR E 706 0.95 -5.05 -50.80
C TYR E 706 1.01 -6.54 -51.06
N ALA E 707 -0.13 -7.14 -51.45
CA ALA E 707 -0.11 -8.53 -51.87
C ALA E 707 0.65 -8.73 -53.16
N LYS E 708 0.66 -7.74 -54.06
CA LYS E 708 1.38 -7.88 -55.32
C LYS E 708 2.89 -7.87 -55.10
N ILE E 709 3.38 -6.97 -54.23
CA ILE E 709 4.81 -6.91 -53.97
C ILE E 709 5.26 -8.13 -53.18
N CYS E 710 4.48 -8.50 -52.15
CA CYS E 710 4.86 -9.60 -51.30
C CYS E 710 4.46 -10.93 -51.92
N ASP E 711 5.42 -11.84 -52.00
CA ASP E 711 5.12 -13.19 -52.48
C ASP E 711 4.14 -13.85 -51.51
N PRO E 712 3.14 -14.59 -52.02
CA PRO E 712 2.23 -15.30 -51.12
C PRO E 712 2.96 -16.24 -50.16
N GLY E 713 4.19 -16.61 -50.52
CA GLY E 713 5.04 -17.42 -49.67
C GLY E 713 5.89 -16.67 -48.69
N LEU E 714 5.56 -15.41 -48.41
CA LEU E 714 6.39 -14.59 -47.53
C LEU E 714 6.45 -15.19 -46.13
N THR E 715 7.60 -15.02 -45.47
CA THR E 715 7.80 -15.45 -44.10
C THR E 715 8.52 -14.34 -43.35
N SER E 716 8.32 -14.26 -42.04
CA SER E 716 8.85 -13.13 -41.30
C SER E 716 8.93 -13.42 -39.80
N PHE E 717 10.00 -12.91 -39.19
CA PHE E 717 10.09 -12.70 -37.75
C PHE E 717 9.70 -11.25 -37.48
N GLU E 718 8.94 -11.03 -36.41
CA GLU E 718 8.62 -9.66 -36.01
C GLU E 718 7.96 -9.70 -34.65
N PRO E 719 8.11 -8.63 -33.84
CA PRO E 719 7.59 -8.67 -32.47
C PRO E 719 6.08 -8.85 -32.39
N GLU E 720 5.33 -8.53 -33.44
CA GLU E 720 3.90 -8.85 -33.45
C GLU E 720 3.68 -10.30 -33.08
N ALA E 721 4.51 -11.20 -33.61
CA ALA E 721 4.56 -12.58 -33.15
C ALA E 721 5.59 -12.68 -32.03
N LEU E 722 5.37 -13.63 -31.13
CA LEU E 722 6.23 -13.82 -29.97
C LEU E 722 7.46 -14.67 -30.29
N GLY E 723 8.22 -14.30 -31.31
CA GLY E 723 9.40 -15.03 -31.72
C GLY E 723 9.13 -16.19 -32.65
N ASN E 724 7.91 -16.34 -33.16
CA ASN E 724 7.59 -17.43 -34.07
C ASN E 724 7.80 -17.00 -35.52
N LEU E 725 7.98 -17.99 -36.38
CA LEU E 725 8.12 -17.77 -37.82
C LEU E 725 6.74 -17.85 -38.46
N VAL E 726 6.04 -16.71 -38.47
CA VAL E 726 4.75 -16.65 -39.14
C VAL E 726 4.94 -16.83 -40.64
N GLU E 727 3.94 -17.39 -41.30
CA GLU E 727 3.99 -17.62 -42.74
C GLU E 727 2.69 -17.09 -43.34
N GLY E 728 2.80 -16.57 -44.56
CA GLY E 728 1.65 -16.00 -45.24
C GLY E 728 1.40 -14.56 -44.79
N MET E 729 0.39 -13.96 -45.41
CA MET E 729 0.03 -12.57 -45.13
C MET E 729 -1.21 -12.46 -44.23
N ASP E 730 -1.87 -13.56 -43.91
CA ASP E 730 -3.08 -13.49 -43.11
C ASP E 730 -2.81 -12.84 -41.76
N PHE E 731 -1.73 -13.25 -41.09
CA PHE E 731 -1.39 -12.67 -39.80
C PHE E 731 -1.25 -11.16 -39.89
N HIS E 732 -0.66 -10.66 -40.96
CA HIS E 732 -0.52 -9.21 -41.15
C HIS E 732 -1.84 -8.58 -41.58
N ARG E 733 -2.70 -9.34 -42.27
CA ARG E 733 -3.97 -8.79 -42.74
C ARG E 733 -4.76 -8.17 -41.58
N PHE E 734 -4.71 -8.79 -40.40
CA PHE E 734 -5.41 -8.24 -39.24
C PHE E 734 -5.01 -6.79 -38.99
N TYR E 735 -3.75 -6.46 -39.25
CA TYR E 735 -3.28 -5.09 -39.10
C TYR E 735 -3.72 -4.20 -40.24
N PHE E 736 -4.60 -4.67 -41.13
CA PHE E 736 -5.11 -3.85 -42.23
C PHE E 736 -6.63 -3.69 -42.15
N GLU E 737 -7.38 -4.78 -42.02
CA GLU E 737 -8.82 -4.71 -42.21
C GLU E 737 -9.51 -4.08 -41.00
N ASN E 738 -9.43 -4.73 -39.84
CA ASN E 738 -10.16 -4.25 -38.66
C ASN E 738 -9.39 -3.16 -37.92
N LEU E 739 -8.12 -2.95 -38.23
CA LEU E 739 -7.34 -1.91 -37.58
C LEU E 739 -7.54 -0.57 -38.27
N LEU E 740 -7.30 -0.52 -39.58
CA LEU E 740 -7.37 0.73 -40.32
C LEU E 740 -8.78 1.30 -40.38
N ALA E 741 -9.80 0.48 -40.15
CA ALA E 741 -11.17 0.98 -40.18
C ALA E 741 -11.38 2.13 -39.22
N LYS E 742 -10.66 2.15 -38.11
CA LYS E 742 -10.73 3.23 -37.13
C LYS E 742 -9.38 3.90 -36.89
N ASN E 743 -8.28 3.18 -37.14
CA ASN E 743 -6.93 3.72 -36.94
C ASN E 743 -6.53 4.51 -38.17
N SER E 744 -6.93 5.78 -38.20
CA SER E 744 -6.62 6.65 -39.33
C SER E 744 -6.41 8.06 -38.82
N LYS E 745 -5.16 8.53 -38.88
CA LYS E 745 -4.80 9.88 -38.50
C LYS E 745 -3.69 10.36 -39.42
N PRO E 746 -3.53 11.67 -39.60
CA PRO E 746 -2.38 12.17 -40.36
C PRO E 746 -1.07 11.65 -39.79
N ILE E 747 -0.31 10.95 -40.63
CA ILE E 747 0.89 10.25 -40.20
C ILE E 747 1.94 10.35 -41.29
N HIS E 748 3.20 10.40 -40.89
CA HIS E 748 4.31 10.52 -41.82
C HIS E 748 5.45 9.64 -41.35
N THR E 749 6.35 9.31 -42.28
CA THR E 749 7.47 8.42 -42.01
C THR E 749 8.71 8.93 -42.72
N THR E 750 9.87 8.65 -42.15
CA THR E 750 11.16 9.01 -42.72
C THR E 750 12.05 7.78 -42.77
N ILE E 751 12.70 7.55 -43.90
CA ILE E 751 13.59 6.41 -44.10
C ILE E 751 15.03 6.85 -43.90
N LEU E 752 15.78 6.09 -43.11
CA LEU E 752 17.13 6.45 -42.71
C LEU E 752 18.11 5.36 -43.11
N ASN E 753 19.30 5.80 -43.55
CA ASN E 753 20.44 4.93 -43.79
C ASN E 753 20.10 3.65 -44.55
N PRO E 754 19.55 3.75 -45.76
CA PRO E 754 19.40 2.56 -46.59
C PRO E 754 20.76 1.98 -46.97
N HIS E 755 20.80 0.66 -47.13
CA HIS E 755 22.00 -0.03 -47.57
C HIS E 755 21.58 -1.32 -48.28
N VAL E 756 22.04 -1.50 -49.51
CA VAL E 756 21.59 -2.58 -50.36
C VAL E 756 22.81 -3.33 -50.90
N HIS E 757 22.62 -4.60 -51.25
CA HIS E 757 23.59 -5.37 -52.00
C HIS E 757 22.85 -6.25 -53.00
N VAL E 758 23.54 -6.62 -54.07
CA VAL E 758 22.96 -7.41 -55.14
C VAL E 758 23.50 -8.83 -55.09
N ILE E 759 22.65 -9.79 -55.42
CA ILE E 759 23.04 -11.19 -55.55
C ILE E 759 22.48 -11.70 -56.87
N GLY E 760 23.36 -12.15 -57.76
CA GLY E 760 22.90 -12.68 -59.03
C GLY E 760 22.12 -11.65 -59.81
N GLU E 761 21.10 -12.12 -60.53
CA GLU E 761 20.27 -11.25 -61.36
C GLU E 761 18.86 -11.06 -60.81
N ASP E 762 18.48 -11.79 -59.75
CA ASP E 762 17.12 -11.66 -59.21
C ASP E 762 17.11 -11.69 -57.69
N ALA E 763 18.24 -11.44 -57.03
CA ALA E 763 18.33 -11.50 -55.58
C ALA E 763 19.08 -10.29 -55.07
N ALA E 764 18.68 -9.82 -53.88
CA ALA E 764 19.31 -8.66 -53.27
C ALA E 764 18.75 -8.50 -51.85
N CYS E 765 19.48 -7.72 -51.06
CA CYS E 765 19.11 -7.42 -49.68
C CYS E 765 19.04 -5.92 -49.46
N ILE E 766 18.03 -5.48 -48.72
CA ILE E 766 17.87 -4.07 -48.35
C ILE E 766 17.60 -3.99 -46.85
N ALA E 767 18.31 -3.08 -46.19
CA ALA E 767 18.14 -2.83 -44.76
C ALA E 767 17.99 -1.34 -44.53
N TYR E 768 17.09 -0.97 -43.62
CA TYR E 768 16.80 0.43 -43.39
C TYR E 768 16.19 0.62 -42.01
N ILE E 769 16.43 1.80 -41.44
CA ILE E 769 15.75 2.26 -40.24
C ILE E 769 14.58 3.13 -40.68
N ARG E 770 13.46 2.99 -39.99
CA ARG E 770 12.24 3.75 -40.30
C ARG E 770 11.84 4.59 -39.10
N LEU E 771 11.50 5.85 -39.35
CA LEU E 771 10.85 6.70 -38.37
C LEU E 771 9.41 6.97 -38.80
N THR E 772 8.51 7.02 -37.82
CA THR E 772 7.11 7.35 -38.05
C THR E 772 6.76 8.52 -37.17
N GLN E 773 6.09 9.52 -37.75
CA GLN E 773 5.87 10.82 -37.10
C GLN E 773 4.39 11.08 -36.95
N TYR E 774 3.90 11.05 -35.72
CA TYR E 774 2.56 11.50 -35.39
C TYR E 774 2.48 11.66 -33.88
N ILE E 775 1.53 12.47 -33.44
CA ILE E 775 1.36 12.80 -32.03
C ILE E 775 0.29 11.88 -31.43
N ASP E 776 0.65 11.16 -30.37
CA ASP E 776 -0.26 10.24 -29.71
C ASP E 776 -1.06 11.01 -28.66
N GLY E 777 -1.77 10.29 -27.79
CA GLY E 777 -2.64 10.92 -26.81
C GLY E 777 -1.92 11.63 -25.67
N GLN E 778 -0.61 11.87 -25.82
CA GLN E 778 0.16 12.61 -24.84
C GLN E 778 0.71 13.89 -25.46
N GLY E 779 0.89 14.91 -24.62
CA GLY E 779 1.41 16.18 -25.07
C GLY E 779 2.89 16.17 -25.41
N ARG E 780 3.62 15.14 -24.97
CA ARG E 780 5.02 15.04 -25.32
C ARG E 780 5.18 14.83 -26.82
N PRO E 781 6.13 15.51 -27.47
CA PRO E 781 6.37 15.23 -28.88
C PRO E 781 6.76 13.77 -29.10
N ARG E 782 6.31 13.21 -30.22
CA ARG E 782 6.41 11.78 -30.46
C ARG E 782 7.02 11.50 -31.83
N THR E 783 7.81 10.43 -31.88
CA THR E 783 8.32 9.92 -33.15
C THR E 783 8.72 8.47 -32.92
N SER E 784 7.97 7.54 -33.50
CA SER E 784 8.25 6.12 -33.36
C SER E 784 9.35 5.69 -34.33
N GLN E 785 9.87 4.49 -34.12
CA GLN E 785 11.01 4.00 -34.87
C GLN E 785 10.87 2.50 -35.12
N SER E 786 11.25 2.07 -36.31
CA SER E 786 11.33 0.65 -36.64
C SER E 786 12.47 0.44 -37.63
N GLU E 787 13.07 -0.74 -37.56
CA GLU E 787 14.19 -1.10 -38.43
C GLU E 787 13.92 -2.48 -39.00
N GLU E 788 14.12 -2.63 -40.31
CA GLU E 788 13.55 -3.78 -41.01
C GLU E 788 14.47 -4.23 -42.14
N THR E 789 14.14 -5.40 -42.69
CA THR E 789 14.89 -6.05 -43.76
C THR E 789 13.92 -6.55 -44.83
N ARG E 790 14.44 -6.72 -46.04
CA ARG E 790 13.76 -7.45 -47.10
C ARG E 790 14.76 -8.26 -47.90
N VAL E 791 14.33 -9.43 -48.34
CA VAL E 791 15.08 -10.28 -49.27
C VAL E 791 14.25 -10.40 -50.53
N TRP E 792 14.86 -10.12 -51.68
CA TRP E 792 14.11 -9.85 -52.89
C TRP E 792 14.24 -10.95 -53.93
N HIS E 793 13.15 -11.18 -54.67
CA HIS E 793 13.05 -12.21 -55.69
C HIS E 793 12.43 -11.61 -56.93
N ARG E 794 12.95 -12.02 -58.10
CA ARG E 794 12.39 -11.61 -59.39
C ARG E 794 12.17 -12.84 -60.27
N PRO E 795 11.04 -13.52 -60.12
CA PRO E 795 10.64 -14.51 -61.12
C PRO E 795 9.78 -13.87 -62.19
N ASP E 796 9.98 -14.33 -63.43
CA ASP E 796 9.27 -13.86 -64.63
C ASP E 796 9.54 -12.40 -64.94
N GLY E 797 10.49 -11.76 -64.26
CA GLY E 797 10.84 -10.38 -64.52
C GLY E 797 10.27 -9.35 -63.57
N LYS E 798 9.38 -9.75 -62.68
CA LYS E 798 8.77 -8.84 -61.70
C LYS E 798 9.32 -9.15 -60.32
N TRP E 799 9.83 -8.11 -59.64
CA TRP E 799 10.40 -8.29 -58.32
C TRP E 799 9.32 -8.62 -57.30
N GLN E 800 9.72 -9.33 -56.25
CA GLN E 800 8.84 -9.63 -55.13
C GLN E 800 9.71 -9.95 -53.91
N ASN E 801 9.09 -9.86 -52.74
CA ASN E 801 9.76 -10.11 -51.47
C ASN E 801 9.32 -11.45 -50.91
N VAL E 802 10.28 -12.24 -50.45
CA VAL E 802 10.01 -13.58 -49.94
C VAL E 802 10.31 -13.72 -48.45
N HIS E 803 11.25 -12.94 -47.91
CA HIS E 803 11.58 -12.98 -46.50
C HIS E 803 11.61 -11.55 -45.98
N PHE E 804 11.20 -11.37 -44.72
CA PHE E 804 11.10 -10.04 -44.13
C PHE E 804 11.38 -10.14 -42.64
N HIS E 805 12.37 -9.39 -42.17
CA HIS E 805 12.76 -9.37 -40.76
C HIS E 805 12.49 -7.98 -40.22
N CYS E 806 12.17 -7.88 -38.93
CA CYS E 806 11.83 -6.61 -38.32
C CYS E 806 12.26 -6.56 -36.87
N SER E 807 12.01 -5.40 -36.27
CA SER E 807 12.21 -5.16 -34.85
C SER E 807 11.67 -3.79 -34.50
N GLY E 808 11.17 -3.66 -33.28
CA GLY E 808 10.63 -2.39 -32.81
C GLY E 808 9.14 -2.30 -33.02
N ALA E 809 8.71 -1.27 -33.75
CA ALA E 809 7.28 -1.00 -33.89
C ALA E 809 6.62 -2.03 -34.80
N PRO E 810 5.31 -2.25 -34.65
CA PRO E 810 4.60 -3.18 -35.54
C PRO E 810 4.39 -2.62 -36.93
N VAL E 811 3.66 -3.37 -37.76
CA VAL E 811 3.33 -2.89 -39.11
C VAL E 811 2.57 -1.58 -39.05
N ALA E 812 1.79 -1.36 -37.99
CA ALA E 812 1.01 -0.15 -37.83
C ALA E 812 0.87 0.16 -36.34
N PRO E 813 1.03 1.42 -35.94
CA PRO E 813 1.00 1.74 -34.49
C PRO E 813 -0.42 1.96 -33.98
N LEU E 814 -0.53 1.98 -32.66
CA LEU E 814 -1.79 2.35 -32.02
C LEU E 814 -2.09 3.82 -32.25
N GLN E 815 -3.38 4.16 -32.26
CA GLN E 815 -3.80 5.54 -32.44
C GLN E 815 -5.02 5.85 -31.57
N LYS F 681 -1.34 -42.24 -44.01
CA LYS F 681 -0.77 -40.87 -43.93
C LYS F 681 -1.86 -39.82 -44.06
N ALA F 682 -2.88 -40.11 -44.87
CA ALA F 682 -3.99 -39.17 -45.04
C ALA F 682 -4.71 -38.95 -43.72
N ARG F 683 -4.71 -39.96 -42.84
CA ARG F 683 -5.36 -39.78 -41.54
C ARG F 683 -4.75 -38.63 -40.76
N LYS F 684 -3.44 -38.38 -40.93
CA LYS F 684 -2.82 -37.25 -40.27
C LYS F 684 -3.43 -35.93 -40.72
N GLN F 685 -4.13 -35.90 -41.86
CA GLN F 685 -4.76 -34.69 -42.34
C GLN F 685 -6.16 -34.51 -41.76
N GLU F 686 -6.98 -35.56 -41.79
CA GLU F 686 -8.35 -35.43 -41.31
C GLU F 686 -8.39 -35.07 -39.83
N ILE F 687 -7.42 -35.55 -39.05
CA ILE F 687 -7.35 -35.15 -37.64
C ILE F 687 -7.22 -33.64 -37.53
N ILE F 688 -6.33 -33.04 -38.32
CA ILE F 688 -6.17 -31.60 -38.31
C ILE F 688 -7.46 -30.93 -38.78
N LYS F 689 -8.14 -31.53 -39.75
CA LYS F 689 -9.41 -30.99 -40.21
C LYS F 689 -10.43 -30.94 -39.09
N THR F 690 -10.53 -32.03 -38.33
CA THR F 690 -11.47 -32.05 -37.20
C THR F 690 -11.08 -31.03 -36.14
N THR F 691 -9.80 -31.02 -35.75
CA THR F 691 -9.35 -30.06 -34.73
C THR F 691 -9.68 -28.64 -35.14
N GLU F 692 -9.47 -28.30 -36.42
CA GLU F 692 -9.79 -26.95 -36.88
C GLU F 692 -11.27 -26.64 -36.69
N GLN F 693 -12.14 -27.61 -37.02
CA GLN F 693 -13.57 -27.41 -36.82
C GLN F 693 -13.89 -27.21 -35.35
N LEU F 694 -13.25 -28.00 -34.48
CA LEU F 694 -13.51 -27.89 -33.05
C LEU F 694 -13.19 -26.50 -32.53
N ILE F 695 -12.02 -25.98 -32.86
CA ILE F 695 -11.63 -24.65 -32.40
C ILE F 695 -12.59 -23.60 -32.96
N GLU F 696 -12.94 -23.72 -34.24
CA GLU F 696 -13.84 -22.76 -34.85
C GLU F 696 -15.18 -22.73 -34.12
N ALA F 697 -15.74 -23.90 -33.83
CA ALA F 697 -17.02 -23.96 -33.11
C ALA F 697 -16.89 -23.32 -31.74
N VAL F 698 -15.79 -23.56 -31.04
CA VAL F 698 -15.59 -22.97 -29.72
C VAL F 698 -15.61 -21.44 -29.83
N ASN F 699 -14.88 -20.90 -30.81
CA ASN F 699 -14.82 -19.44 -30.95
C ASN F 699 -16.17 -18.86 -31.31
N ASN F 700 -16.91 -19.53 -32.20
CA ASN F 700 -18.15 -18.95 -32.73
C ASN F 700 -19.17 -18.73 -31.62
N GLY F 701 -19.33 -19.71 -30.74
CA GLY F 701 -20.27 -19.61 -29.64
C GLY F 701 -21.43 -20.59 -29.67
N ASP F 702 -21.49 -21.48 -30.64
CA ASP F 702 -22.51 -22.51 -30.68
C ASP F 702 -22.10 -23.69 -29.81
N PHE F 703 -23.05 -24.22 -29.04
CA PHE F 703 -22.74 -25.32 -28.13
C PHE F 703 -23.01 -26.69 -28.72
N GLU F 704 -23.96 -26.80 -29.66
CA GLU F 704 -24.32 -28.11 -30.19
C GLU F 704 -23.12 -28.81 -30.79
N ALA F 705 -22.34 -28.09 -31.62
CA ALA F 705 -21.20 -28.70 -32.27
C ALA F 705 -20.17 -29.20 -31.25
N TYR F 706 -19.86 -28.37 -30.25
CA TYR F 706 -18.89 -28.79 -29.24
C TYR F 706 -19.36 -30.05 -28.54
N ALA F 707 -20.66 -30.15 -28.25
CA ALA F 707 -21.19 -31.33 -27.58
C ALA F 707 -20.99 -32.58 -28.42
N LYS F 708 -21.26 -32.50 -29.72
CA LYS F 708 -21.20 -33.67 -30.58
C LYS F 708 -19.78 -34.24 -30.64
N ILE F 709 -18.79 -33.37 -30.83
CA ILE F 709 -17.41 -33.84 -30.95
C ILE F 709 -16.90 -34.34 -29.60
N CYS F 710 -17.17 -33.59 -28.53
CA CYS F 710 -16.64 -33.93 -27.22
C CYS F 710 -17.35 -35.17 -26.68
N ASP F 711 -16.56 -36.13 -26.20
CA ASP F 711 -17.12 -37.31 -25.58
C ASP F 711 -17.74 -36.94 -24.24
N PRO F 712 -18.84 -37.60 -23.84
CA PRO F 712 -19.43 -37.26 -22.54
C PRO F 712 -18.47 -37.42 -21.38
N GLY F 713 -17.61 -38.43 -21.41
CA GLY F 713 -16.64 -38.64 -20.35
C GLY F 713 -15.34 -37.91 -20.62
N LEU F 714 -15.41 -36.58 -20.71
CA LEU F 714 -14.26 -35.77 -21.07
C LEU F 714 -13.62 -35.18 -19.82
N THR F 715 -12.29 -35.25 -19.75
CA THR F 715 -11.50 -34.56 -18.75
C THR F 715 -10.86 -33.33 -19.38
N SER F 716 -10.31 -32.45 -18.54
CA SER F 716 -9.70 -31.23 -19.06
C SER F 716 -8.88 -30.54 -17.99
N PHE F 717 -7.71 -30.06 -18.39
CA PHE F 717 -6.91 -29.13 -17.60
C PHE F 717 -6.97 -27.77 -18.27
N GLU F 718 -7.18 -26.71 -17.49
CA GLU F 718 -7.17 -25.37 -18.02
C GLU F 718 -7.11 -24.39 -16.86
N PRO F 719 -6.66 -23.15 -17.09
CA PRO F 719 -6.51 -22.20 -15.98
C PRO F 719 -7.81 -21.93 -15.24
N GLU F 720 -8.95 -21.96 -15.93
CA GLU F 720 -10.23 -21.70 -15.28
C GLU F 720 -10.52 -22.71 -14.19
N ALA F 721 -9.85 -23.86 -14.19
CA ALA F 721 -10.03 -24.87 -13.16
C ALA F 721 -9.15 -24.66 -11.94
N LEU F 722 -8.33 -23.61 -11.94
CA LEU F 722 -7.48 -23.29 -10.79
C LEU F 722 -6.57 -24.47 -10.43
N GLY F 723 -6.06 -25.15 -11.45
CA GLY F 723 -5.10 -26.22 -11.24
C GLY F 723 -5.69 -27.56 -10.87
N ASN F 724 -7.01 -27.70 -10.83
CA ASN F 724 -7.65 -28.97 -10.54
C ASN F 724 -8.04 -29.67 -11.84
N LEU F 725 -8.32 -30.96 -11.74
CA LEU F 725 -8.73 -31.78 -12.87
C LEU F 725 -10.25 -31.90 -12.86
N VAL F 726 -10.88 -31.35 -13.90
CA VAL F 726 -12.33 -31.33 -14.01
C VAL F 726 -12.77 -32.45 -14.95
N GLU F 727 -14.00 -32.93 -14.77
CA GLU F 727 -14.57 -33.99 -15.58
C GLU F 727 -15.98 -33.61 -15.97
N GLY F 728 -16.45 -34.21 -17.07
CA GLY F 728 -17.81 -33.98 -17.52
C GLY F 728 -17.92 -32.78 -18.44
N MET F 729 -19.16 -32.52 -18.85
CA MET F 729 -19.48 -31.46 -19.80
C MET F 729 -20.11 -30.23 -19.16
N ASP F 730 -20.78 -30.38 -18.02
CA ASP F 730 -21.52 -29.27 -17.45
C ASP F 730 -20.60 -28.11 -17.06
N PHE F 731 -19.35 -28.41 -16.69
CA PHE F 731 -18.44 -27.36 -16.26
C PHE F 731 -18.29 -26.27 -17.32
N HIS F 732 -18.40 -26.64 -18.60
CA HIS F 732 -18.26 -25.70 -19.69
C HIS F 732 -19.57 -25.10 -20.15
N ARG F 733 -20.70 -25.78 -19.89
CA ARG F 733 -22.00 -25.26 -20.33
C ARG F 733 -22.22 -23.85 -19.82
N PHE F 734 -21.75 -23.56 -18.60
CA PHE F 734 -21.88 -22.21 -18.06
C PHE F 734 -21.17 -21.19 -18.94
N TYR F 735 -19.96 -21.53 -19.41
CA TYR F 735 -19.21 -20.61 -20.24
C TYR F 735 -19.92 -20.35 -21.56
N PHE F 736 -20.44 -21.39 -22.19
CA PHE F 736 -21.09 -21.23 -23.49
C PHE F 736 -22.33 -20.36 -23.37
N GLU F 737 -23.12 -20.55 -22.32
CA GLU F 737 -24.39 -19.84 -22.21
C GLU F 737 -24.18 -18.35 -22.00
N ASN F 738 -23.16 -17.98 -21.22
CA ASN F 738 -22.97 -16.58 -20.84
C ASN F 738 -21.99 -15.85 -21.76
N LEU F 739 -20.76 -16.33 -21.86
CA LEU F 739 -19.69 -15.58 -22.52
C LEU F 739 -19.58 -15.88 -24.00
N LEU F 740 -19.33 -17.15 -24.35
CA LEU F 740 -19.03 -17.48 -25.75
C LEU F 740 -20.21 -17.17 -26.65
N ALA F 741 -21.43 -17.52 -26.22
CA ALA F 741 -22.60 -17.24 -27.03
C ALA F 741 -22.77 -15.75 -27.29
N LYS F 742 -22.27 -14.91 -26.38
CA LYS F 742 -22.37 -13.46 -26.50
C LYS F 742 -21.13 -12.83 -27.12
N ASN F 743 -20.16 -13.63 -27.56
CA ASN F 743 -18.97 -13.09 -28.20
C ASN F 743 -19.35 -12.40 -29.50
N SER F 744 -19.05 -11.11 -29.60
CA SER F 744 -19.40 -10.33 -30.77
C SER F 744 -18.28 -9.36 -31.15
N LYS F 745 -17.02 -9.74 -30.92
CA LYS F 745 -15.89 -8.88 -31.21
C LYS F 745 -14.89 -9.58 -32.13
N PRO F 746 -14.13 -8.82 -32.91
CA PRO F 746 -13.19 -9.45 -33.85
C PRO F 746 -11.96 -9.99 -33.13
N ILE F 747 -11.59 -11.23 -33.48
CA ILE F 747 -10.38 -11.87 -32.98
C ILE F 747 -9.90 -12.81 -34.08
N HIS F 748 -8.67 -13.30 -33.91
CA HIS F 748 -8.09 -14.22 -34.88
C HIS F 748 -7.24 -15.25 -34.17
N THR F 749 -7.22 -16.46 -34.72
CA THR F 749 -6.48 -17.58 -34.15
C THR F 749 -5.72 -18.29 -35.26
N THR F 750 -4.55 -18.82 -34.92
CA THR F 750 -3.70 -19.52 -35.88
C THR F 750 -3.06 -20.72 -35.21
N ILE F 751 -2.78 -21.75 -36.01
CA ILE F 751 -2.15 -22.98 -35.53
C ILE F 751 -0.81 -23.13 -36.25
N LEU F 752 0.25 -23.34 -35.48
CA LEU F 752 1.61 -23.38 -36.00
C LEU F 752 2.21 -24.76 -35.80
N ASN F 753 2.68 -25.37 -36.89
CA ASN F 753 3.46 -26.60 -36.86
C ASN F 753 2.81 -27.68 -35.96
N PRO F 754 1.66 -28.22 -36.37
CA PRO F 754 1.07 -29.32 -35.60
C PRO F 754 1.86 -30.60 -35.75
N HIS F 755 1.72 -31.47 -34.75
CA HIS F 755 2.34 -32.80 -34.77
C HIS F 755 1.26 -33.82 -34.42
N VAL F 756 1.21 -34.91 -35.17
CA VAL F 756 0.17 -35.91 -35.03
C VAL F 756 0.80 -37.29 -34.96
N HIS F 757 0.39 -38.08 -33.97
CA HIS F 757 0.80 -39.47 -33.82
C HIS F 757 -0.41 -40.37 -34.05
N VAL F 758 -0.21 -41.44 -34.80
CA VAL F 758 -1.26 -42.42 -35.07
C VAL F 758 -0.92 -43.69 -34.29
N ILE F 759 -1.82 -44.08 -33.40
CA ILE F 759 -1.66 -45.26 -32.56
C ILE F 759 -2.89 -46.14 -32.73
N GLY F 760 -2.67 -47.42 -32.96
CA GLY F 760 -3.79 -48.30 -33.26
C GLY F 760 -4.41 -47.91 -34.59
N GLU F 761 -5.74 -47.85 -34.63
CA GLU F 761 -6.45 -47.44 -35.84
C GLU F 761 -7.50 -46.39 -35.52
N ASP F 762 -8.01 -46.37 -34.29
CA ASP F 762 -9.03 -45.42 -33.87
C ASP F 762 -8.53 -44.48 -32.78
N ALA F 763 -7.24 -44.22 -32.73
CA ALA F 763 -6.66 -43.34 -31.72
C ALA F 763 -5.50 -42.57 -32.32
N ALA F 764 -5.22 -41.41 -31.74
CA ALA F 764 -4.15 -40.55 -32.21
C ALA F 764 -3.99 -39.38 -31.24
N CYS F 765 -2.78 -38.83 -31.20
CA CYS F 765 -2.44 -37.73 -30.33
C CYS F 765 -1.97 -36.55 -31.17
N ILE F 766 -2.43 -35.34 -30.82
CA ILE F 766 -2.12 -34.13 -31.57
C ILE F 766 -1.63 -33.07 -30.60
N ALA F 767 -0.53 -32.42 -30.94
CA ALA F 767 0.03 -31.31 -30.17
C ALA F 767 0.32 -30.14 -31.10
N TYR F 768 0.17 -28.93 -30.59
CA TYR F 768 0.32 -27.75 -31.43
C TYR F 768 0.40 -26.50 -30.56
N ILE F 769 0.72 -25.38 -31.21
CA ILE F 769 0.77 -24.08 -30.57
C ILE F 769 -0.37 -23.24 -31.14
N ARG F 770 -0.78 -22.22 -30.38
CA ARG F 770 -1.95 -21.42 -30.72
C ARG F 770 -1.65 -19.96 -30.44
N LEU F 771 -1.61 -19.13 -31.48
CA LEU F 771 -1.47 -17.69 -31.35
C LEU F 771 -2.82 -17.05 -31.64
N THR F 772 -3.30 -16.25 -30.69
CA THR F 772 -4.60 -15.60 -30.79
C THR F 772 -4.39 -14.09 -30.86
N GLN F 773 -4.95 -13.46 -31.89
CA GLN F 773 -4.97 -12.01 -32.01
C GLN F 773 -6.37 -11.52 -31.72
N TYR F 774 -6.48 -10.58 -30.79
CA TYR F 774 -7.78 -10.14 -30.31
C TYR F 774 -7.80 -8.63 -30.16
N ILE F 775 -8.93 -8.02 -30.52
CA ILE F 775 -9.18 -6.62 -30.19
C ILE F 775 -9.66 -6.57 -28.74
N ASP F 776 -8.95 -5.83 -27.91
CA ASP F 776 -9.27 -5.80 -26.49
C ASP F 776 -10.48 -4.91 -26.23
N GLY F 777 -10.94 -4.91 -24.98
CA GLY F 777 -12.05 -4.06 -24.60
C GLY F 777 -11.77 -2.59 -24.83
N GLN F 778 -10.50 -2.22 -24.92
CA GLN F 778 -10.10 -0.86 -25.27
C GLN F 778 -10.10 -0.61 -26.77
N GLY F 779 -10.55 -1.56 -27.57
CA GLY F 779 -10.53 -1.43 -29.01
C GLY F 779 -9.13 -1.34 -29.58
N ARG F 780 -8.24 -2.20 -29.08
CA ARG F 780 -6.85 -2.23 -29.51
C ARG F 780 -6.42 -3.67 -29.77
N PRO F 781 -5.55 -3.89 -30.75
CA PRO F 781 -5.13 -5.27 -31.05
C PRO F 781 -4.01 -5.73 -30.13
N ARG F 782 -4.05 -7.00 -29.77
CA ARG F 782 -3.03 -7.59 -28.91
C ARG F 782 -2.94 -9.08 -29.18
N THR F 783 -1.79 -9.65 -28.83
CA THR F 783 -1.45 -11.03 -29.15
C THR F 783 -1.09 -11.79 -27.88
N SER F 784 -1.44 -13.06 -27.85
CA SER F 784 -1.10 -13.95 -26.76
C SER F 784 -0.92 -15.36 -27.28
N GLN F 785 -0.22 -16.18 -26.52
CA GLN F 785 0.18 -17.51 -26.95
C GLN F 785 -0.31 -18.57 -25.95
N SER F 786 -0.55 -19.77 -26.45
CA SER F 786 -0.95 -20.89 -25.61
C SER F 786 -0.78 -22.18 -26.39
N GLU F 787 -0.34 -23.23 -25.70
CA GLU F 787 -0.10 -24.54 -26.30
C GLU F 787 -1.09 -25.54 -25.72
N GLU F 788 -1.45 -26.54 -26.52
CA GLU F 788 -2.55 -27.43 -26.18
C GLU F 788 -2.24 -28.86 -26.61
N THR F 789 -2.97 -29.79 -26.02
CA THR F 789 -2.90 -31.21 -26.37
C THR F 789 -4.30 -31.78 -26.40
N ARG F 790 -4.54 -32.72 -27.31
CA ARG F 790 -5.84 -33.37 -27.44
C ARG F 790 -5.64 -34.82 -27.84
N VAL F 791 -6.47 -35.70 -27.29
CA VAL F 791 -6.43 -37.14 -27.58
C VAL F 791 -7.75 -37.50 -28.23
N TRP F 792 -7.68 -38.28 -29.31
CA TRP F 792 -8.85 -38.55 -30.15
C TRP F 792 -9.16 -40.04 -30.17
N HIS F 793 -10.45 -40.37 -30.10
CA HIS F 793 -10.94 -41.74 -30.18
C HIS F 793 -12.09 -41.79 -31.16
N ARG F 794 -12.22 -42.92 -31.86
CA ARG F 794 -13.24 -43.09 -32.90
C ARG F 794 -13.98 -44.41 -32.68
N PRO F 795 -14.92 -44.44 -31.74
CA PRO F 795 -15.89 -45.53 -31.72
C PRO F 795 -17.07 -45.23 -32.62
N ASP F 796 -17.65 -46.29 -33.16
CA ASP F 796 -18.81 -46.24 -34.05
C ASP F 796 -18.56 -45.43 -35.32
N GLY F 797 -17.30 -45.12 -35.64
CA GLY F 797 -16.98 -44.45 -36.88
C GLY F 797 -16.99 -42.94 -36.86
N LYS F 798 -16.92 -42.32 -35.68
CA LYS F 798 -16.83 -40.87 -35.57
C LYS F 798 -15.76 -40.51 -34.55
N TRP F 799 -14.84 -39.63 -34.94
CA TRP F 799 -13.78 -39.20 -34.03
C TRP F 799 -14.37 -38.35 -32.91
N GLN F 800 -13.84 -38.52 -31.70
CA GLN F 800 -14.27 -37.75 -30.55
C GLN F 800 -13.08 -37.55 -29.61
N ASN F 801 -13.12 -36.45 -28.87
CA ASN F 801 -12.03 -36.07 -27.99
C ASN F 801 -12.32 -36.52 -26.57
N VAL F 802 -11.33 -37.14 -25.93
CA VAL F 802 -11.51 -37.68 -24.59
C VAL F 802 -10.67 -36.97 -23.54
N HIS F 803 -9.61 -36.26 -23.93
CA HIS F 803 -8.77 -35.54 -22.98
C HIS F 803 -8.35 -34.22 -23.61
N PHE F 804 -8.02 -33.24 -22.77
CA PHE F 804 -7.68 -31.92 -23.24
C PHE F 804 -6.78 -31.25 -22.22
N HIS F 805 -5.68 -30.65 -22.70
CA HIS F 805 -4.75 -29.92 -21.87
C HIS F 805 -4.51 -28.54 -22.48
N CYS F 806 -4.34 -27.54 -21.62
CA CYS F 806 -4.06 -26.18 -22.07
C CYS F 806 -3.16 -25.49 -21.06
N SER F 807 -2.28 -24.63 -21.56
CA SER F 807 -1.32 -23.91 -20.74
C SER F 807 -1.45 -22.42 -21.02
N GLY F 808 -0.55 -21.64 -20.42
CA GLY F 808 -0.53 -20.21 -20.62
C GLY F 808 -1.88 -19.55 -20.45
N ALA F 809 -2.39 -18.97 -21.54
CA ALA F 809 -3.63 -18.22 -21.47
C ALA F 809 -4.83 -19.16 -21.32
N PRO F 810 -5.97 -18.63 -20.86
CA PRO F 810 -7.16 -19.47 -20.71
C PRO F 810 -7.72 -19.91 -22.05
N VAL F 811 -8.50 -20.98 -22.01
CA VAL F 811 -9.12 -21.51 -23.24
C VAL F 811 -10.04 -20.48 -23.86
N ALA F 812 -10.87 -19.84 -23.03
CA ALA F 812 -11.78 -18.83 -23.54
C ALA F 812 -11.00 -17.61 -24.03
N PRO F 813 -11.54 -16.87 -24.99
CA PRO F 813 -10.80 -15.71 -25.52
C PRO F 813 -10.55 -14.68 -24.42
N LEU F 814 -9.38 -14.05 -24.48
CA LEU F 814 -9.00 -13.00 -23.53
C LEU F 814 -9.43 -11.61 -24.01
N GLN F 815 -10.74 -11.37 -24.11
CA GLN F 815 -11.25 -10.07 -24.50
C GLN F 815 -11.37 -9.15 -23.28
N LYS G 681 9.51 50.73 31.76
CA LYS G 681 9.87 50.40 30.36
C LYS G 681 10.96 49.34 30.33
N ALA G 682 12.01 49.56 31.11
CA ALA G 682 13.12 48.62 31.13
C ALA G 682 12.65 47.21 31.50
N ARG G 683 11.58 47.10 32.27
CA ARG G 683 11.06 45.78 32.62
C ARG G 683 10.76 44.96 31.38
N LYS G 684 10.13 45.58 30.39
CA LYS G 684 9.88 44.89 29.14
C LYS G 684 11.18 44.48 28.45
N GLN G 685 12.29 45.11 28.81
CA GLN G 685 13.58 44.74 28.25
C GLN G 685 14.15 43.53 28.98
N GLU G 686 14.30 43.63 30.30
CA GLU G 686 14.96 42.57 31.06
C GLU G 686 14.27 41.22 30.83
N ILE G 687 12.94 41.23 30.71
CA ILE G 687 12.22 39.98 30.45
C ILE G 687 12.71 39.35 29.16
N ILE G 688 12.82 40.17 28.10
CA ILE G 688 13.28 39.65 26.82
C ILE G 688 14.69 39.10 26.95
N LYS G 689 15.55 39.77 27.72
CA LYS G 689 16.89 39.26 27.94
C LYS G 689 16.85 37.91 28.65
N THR G 690 16.00 37.78 29.67
CA THR G 690 15.90 36.53 30.40
C THR G 690 15.43 35.40 29.47
N THR G 691 14.41 35.67 28.65
CA THR G 691 13.94 34.65 27.73
C THR G 691 15.03 34.25 26.74
N GLU G 692 15.77 35.23 26.22
CA GLU G 692 16.88 34.91 25.32
C GLU G 692 17.93 34.08 26.05
N GLN G 693 18.24 34.44 27.29
CA GLN G 693 19.20 33.66 28.07
C GLN G 693 18.70 32.23 28.27
N LEU G 694 17.41 32.08 28.57
CA LEU G 694 16.85 30.75 28.77
C LEU G 694 16.95 29.92 27.49
N ILE G 695 16.63 30.52 26.35
CA ILE G 695 16.71 29.80 25.08
C ILE G 695 18.15 29.35 24.82
N GLU G 696 19.12 30.22 25.10
CA GLU G 696 20.51 29.83 24.94
C GLU G 696 20.88 28.67 25.86
N ALA G 697 20.40 28.72 27.11
CA ALA G 697 20.74 27.66 28.07
C ALA G 697 20.25 26.31 27.57
N VAL G 698 18.99 26.22 27.15
CA VAL G 698 18.47 24.96 26.65
C VAL G 698 19.19 24.56 25.37
N ASN G 699 19.58 25.52 24.55
CA ASN G 699 20.33 25.21 23.33
C ASN G 699 21.67 24.54 23.68
N ASN G 700 22.34 25.04 24.72
CA ASN G 700 23.62 24.48 25.14
C ASN G 700 23.48 23.41 26.21
N GLY G 701 22.25 23.11 26.64
CA GLY G 701 22.04 21.98 27.54
C GLY G 701 22.53 22.18 28.95
N ASP G 702 22.69 23.43 29.40
CA ASP G 702 23.10 23.68 30.78
C ASP G 702 21.95 23.40 31.72
N PHE G 703 21.91 22.18 32.28
CA PHE G 703 20.76 21.78 33.07
C PHE G 703 20.58 22.65 34.30
N GLU G 704 21.68 23.00 34.97
CA GLU G 704 21.58 23.77 36.20
C GLU G 704 20.84 25.08 35.98
N ALA G 705 21.25 25.85 34.98
CA ALA G 705 20.60 27.13 34.72
C ALA G 705 19.13 26.94 34.38
N TYR G 706 18.83 25.94 33.55
CA TYR G 706 17.43 25.65 33.22
C TYR G 706 16.62 25.38 34.47
N ALA G 707 17.18 24.58 35.38
CA ALA G 707 16.49 24.29 36.64
C ALA G 707 16.31 25.55 37.47
N LYS G 708 17.34 26.41 37.51
CA LYS G 708 17.28 27.61 38.34
C LYS G 708 16.11 28.50 37.91
N ILE G 709 16.03 28.81 36.61
CA ILE G 709 14.97 29.70 36.13
C ILE G 709 13.61 29.02 36.26
N CYS G 710 13.53 27.75 35.85
CA CYS G 710 12.26 27.05 35.82
C CYS G 710 11.71 26.86 37.23
N ASP G 711 10.45 27.25 37.43
CA ASP G 711 9.80 27.06 38.71
C ASP G 711 9.60 25.57 38.98
N PRO G 712 9.63 25.16 40.26
CA PRO G 712 9.38 23.74 40.55
C PRO G 712 8.04 23.24 40.04
N GLY G 713 7.01 24.08 40.02
CA GLY G 713 5.69 23.66 39.60
C GLY G 713 5.36 24.04 38.18
N LEU G 714 6.32 23.89 37.27
CA LEU G 714 6.12 24.29 35.89
C LEU G 714 5.13 23.37 35.18
N THR G 715 4.32 23.95 34.30
CA THR G 715 3.46 23.23 33.38
C THR G 715 4.00 23.38 31.97
N SER G 716 3.47 22.61 31.03
CA SER G 716 3.94 22.73 29.66
C SER G 716 3.03 21.98 28.70
N PHE G 717 2.73 22.63 27.58
CA PHE G 717 2.26 21.97 26.38
C PHE G 717 3.41 21.92 25.38
N GLU G 718 3.48 20.86 24.59
CA GLU G 718 4.50 20.75 23.56
C GLU G 718 4.19 19.55 22.69
N PRO G 719 4.75 19.50 21.47
CA PRO G 719 4.45 18.36 20.58
C PRO G 719 4.85 17.02 21.15
N GLU G 720 5.92 16.97 21.94
CA GLU G 720 6.38 15.70 22.47
C GLU G 720 5.40 15.10 23.47
N ALA G 721 4.50 15.90 24.01
CA ALA G 721 3.56 15.43 25.02
C ALA G 721 2.29 14.82 24.42
N LEU G 722 2.17 14.79 23.09
CA LEU G 722 0.99 14.23 22.44
C LEU G 722 -0.29 14.91 22.94
N GLY G 723 -0.19 16.21 23.21
CA GLY G 723 -1.35 16.96 23.66
C GLY G 723 -1.80 16.66 25.07
N ASN G 724 -0.86 16.32 25.96
CA ASN G 724 -1.15 16.11 27.37
C ASN G 724 -0.37 17.12 28.20
N LEU G 725 -1.02 17.69 29.20
CA LEU G 725 -0.37 18.65 30.09
C LEU G 725 0.55 17.89 31.04
N VAL G 726 1.84 18.23 31.04
CA VAL G 726 2.85 17.54 31.83
C VAL G 726 3.46 18.55 32.80
N GLU G 727 3.54 18.16 34.07
CA GLU G 727 4.01 19.04 35.13
C GLU G 727 5.31 18.50 35.72
N GLY G 728 6.17 19.42 36.14
CA GLY G 728 7.41 19.08 36.81
C GLY G 728 8.61 19.11 35.88
N MET G 729 9.79 18.95 36.48
CA MET G 729 11.04 18.97 35.74
C MET G 729 11.51 17.57 35.31
N ASP G 730 10.94 16.52 35.89
CA ASP G 730 11.41 15.17 35.58
C ASP G 730 11.20 14.83 34.10
N PHE G 731 10.06 15.24 33.54
CA PHE G 731 9.75 14.85 32.18
C PHE G 731 10.80 15.35 31.19
N HIS G 732 11.20 16.62 31.33
CA HIS G 732 12.22 17.17 30.43
C HIS G 732 13.61 16.70 30.81
N ARG G 733 13.80 16.24 32.05
CA ARG G 733 15.12 15.80 32.48
C ARG G 733 15.66 14.69 31.59
N PHE G 734 14.77 13.93 30.96
CA PHE G 734 15.21 12.81 30.12
C PHE G 734 16.08 13.29 28.97
N TYR G 735 15.71 14.40 28.34
CA TYR G 735 16.46 14.89 27.18
C TYR G 735 17.89 15.23 27.56
N PHE G 736 18.07 15.94 28.69
CA PHE G 736 19.41 16.31 29.11
C PHE G 736 20.24 15.07 29.46
N GLU G 737 19.65 14.15 30.23
CA GLU G 737 20.41 13.00 30.72
C GLU G 737 20.83 12.07 29.59
N ASN G 738 20.09 12.05 28.49
CA ASN G 738 20.31 11.07 27.42
C ASN G 738 20.81 11.71 26.13
N LEU G 739 20.08 12.68 25.59
CA LEU G 739 20.38 13.20 24.26
C LEU G 739 21.31 14.42 24.33
N LEU G 740 20.89 15.46 25.04
CA LEU G 740 21.64 16.71 25.01
C LEU G 740 23.04 16.53 25.57
N ALA G 741 23.17 15.75 26.65
CA ALA G 741 24.49 15.51 27.23
C ALA G 741 25.44 14.92 26.19
N LYS G 742 25.01 13.86 25.50
CA LYS G 742 25.84 13.29 24.44
C LYS G 742 25.97 14.25 23.27
N ASN G 743 24.87 14.92 22.91
CA ASN G 743 24.88 15.84 21.78
C ASN G 743 25.80 17.02 22.07
N SER G 744 26.77 17.25 21.17
CA SER G 744 27.71 18.35 21.31
C SER G 744 27.77 19.25 20.08
N LYS G 745 26.91 19.02 19.09
CA LYS G 745 26.93 19.80 17.87
C LYS G 745 26.31 21.18 18.11
N PRO G 746 26.68 22.17 17.30
CA PRO G 746 26.23 23.55 17.55
C PRO G 746 24.77 23.77 17.20
N ILE G 747 24.31 24.99 17.48
CA ILE G 747 22.93 25.39 17.24
C ILE G 747 22.84 26.91 17.30
N HIS G 748 21.90 27.46 16.53
CA HIS G 748 21.71 28.90 16.46
C HIS G 748 20.21 29.20 16.37
N THR G 749 19.82 30.37 16.86
CA THR G 749 18.40 30.68 17.01
C THR G 749 18.12 32.08 16.46
N THR G 750 16.88 32.27 16.01
CA THR G 750 16.39 33.57 15.58
C THR G 750 15.03 33.82 16.24
N ILE G 751 14.89 34.99 16.86
CA ILE G 751 13.67 35.38 17.57
C ILE G 751 13.12 36.63 16.91
N LEU G 752 11.83 36.62 16.59
CA LEU G 752 11.21 37.66 15.79
C LEU G 752 10.01 38.26 16.52
N ASN G 753 9.97 39.60 16.58
CA ASN G 753 8.79 40.35 16.99
C ASN G 753 8.25 39.83 18.33
N PRO G 754 8.93 40.13 19.43
CA PRO G 754 8.37 39.80 20.76
C PRO G 754 7.46 40.91 21.26
N HIS G 755 6.35 40.51 21.88
CA HIS G 755 5.44 41.43 22.55
C HIS G 755 5.32 41.00 24.00
N VAL G 756 5.49 41.95 24.92
CA VAL G 756 5.53 41.66 26.35
C VAL G 756 4.52 42.56 27.06
N HIS G 757 3.68 41.95 27.90
CA HIS G 757 2.77 42.68 28.76
C HIS G 757 3.40 42.88 30.14
N VAL G 758 2.73 43.68 30.96
CA VAL G 758 3.13 43.92 32.35
C VAL G 758 1.89 43.82 33.22
N ILE G 759 1.94 42.92 34.20
CA ILE G 759 0.86 42.72 35.15
C ILE G 759 1.44 42.80 36.56
N GLY G 760 0.84 43.64 37.40
CA GLY G 760 1.36 43.81 38.74
C GLY G 760 2.81 44.24 38.73
N GLU G 761 3.62 43.61 39.59
CA GLU G 761 5.04 43.90 39.69
C GLU G 761 5.92 42.66 39.65
N ASP G 762 5.35 41.46 39.66
CA ASP G 762 6.12 40.22 39.58
C ASP G 762 5.50 39.26 38.59
N ALA G 763 4.85 39.79 37.55
CA ALA G 763 4.21 38.97 36.54
C ALA G 763 4.44 39.59 35.17
N ALA G 764 4.40 38.75 34.14
CA ALA G 764 4.57 39.20 32.77
C ALA G 764 4.29 38.06 31.82
N CYS G 765 3.89 38.41 30.60
CA CYS G 765 3.65 37.45 29.53
C CYS G 765 4.45 37.89 28.31
N ILE G 766 4.87 36.92 27.49
CA ILE G 766 5.64 37.19 26.29
C ILE G 766 5.17 36.24 25.19
N ALA G 767 4.88 36.81 24.02
CA ALA G 767 4.49 36.03 22.84
C ALA G 767 5.40 36.43 21.69
N TYR G 768 5.72 35.47 20.82
CA TYR G 768 6.65 35.73 19.74
C TYR G 768 6.63 34.58 18.76
N ILE G 769 7.42 34.72 17.70
CA ILE G 769 7.64 33.69 16.70
C ILE G 769 9.13 33.37 16.70
N ARG G 770 9.46 32.12 16.36
CA ARG G 770 10.82 31.64 16.51
C ARG G 770 11.28 30.91 15.25
N LEU G 771 12.57 31.08 14.92
CA LEU G 771 13.23 30.39 13.83
C LEU G 771 14.64 30.03 14.28
N THR G 772 15.04 28.79 14.03
CA THR G 772 16.25 28.25 14.64
C THR G 772 17.09 27.54 13.60
N GLN G 773 18.41 27.56 13.78
CA GLN G 773 19.36 26.88 12.91
C GLN G 773 20.23 25.94 13.73
N TYR G 774 20.65 24.83 13.13
CA TYR G 774 21.50 23.87 13.82
C TYR G 774 22.12 22.95 12.80
N ILE G 775 22.82 21.93 13.31
CA ILE G 775 23.53 20.95 12.49
C ILE G 775 23.00 19.56 12.83
N ASP G 776 22.75 18.76 11.80
CA ASP G 776 22.22 17.42 11.99
C ASP G 776 23.35 16.42 12.17
N GLY G 777 22.99 15.13 12.21
CA GLY G 777 24.00 14.09 12.27
C GLY G 777 24.86 14.04 11.02
N GLN G 778 24.23 14.18 9.85
CA GLN G 778 24.97 14.19 8.60
C GLN G 778 25.79 15.46 8.41
N GLY G 779 25.54 16.50 9.21
CA GLY G 779 26.23 17.75 9.07
C GLY G 779 25.57 18.74 8.12
N ARG G 780 24.61 18.29 7.30
CA ARG G 780 23.93 19.16 6.38
C ARG G 780 23.04 20.14 7.17
N PRO G 781 22.83 21.33 6.64
CA PRO G 781 22.13 22.35 7.41
C PRO G 781 20.62 22.16 7.60
N ARG G 782 20.17 22.52 8.81
CA ARG G 782 18.81 22.28 9.25
C ARG G 782 18.32 23.48 10.06
N THR G 783 17.21 24.07 9.62
CA THR G 783 16.59 25.22 10.27
C THR G 783 15.17 24.85 10.65
N SER G 784 14.74 25.27 11.84
CA SER G 784 13.45 24.89 12.38
C SER G 784 12.64 26.12 12.74
N GLN G 785 11.32 25.91 12.84
CA GLN G 785 10.37 26.97 13.17
C GLN G 785 9.52 26.53 14.36
N SER G 786 9.22 27.48 15.23
CA SER G 786 8.33 27.26 16.36
C SER G 786 7.75 28.60 16.78
N GLU G 787 6.65 28.53 17.53
CA GLU G 787 5.92 29.73 17.96
C GLU G 787 5.45 29.47 19.39
N GLU G 788 6.00 30.21 20.34
CA GLU G 788 5.97 29.82 21.74
C GLU G 788 5.53 30.97 22.63
N THR G 789 4.85 30.61 23.72
CA THR G 789 4.38 31.55 24.74
C THR G 789 4.96 31.17 26.08
N ARG G 790 5.17 32.16 26.95
CA ARG G 790 5.73 31.93 28.27
C ARG G 790 5.13 32.90 29.28
N VAL G 791 5.07 32.45 30.53
CA VAL G 791 4.58 33.25 31.65
C VAL G 791 5.63 33.27 32.74
N TRP G 792 5.86 34.43 33.34
CA TRP G 792 6.93 34.62 34.30
C TRP G 792 6.38 35.13 35.62
N HIS G 793 6.98 34.66 36.72
CA HIS G 793 6.66 35.09 38.07
C HIS G 793 7.94 35.48 38.78
N ARG G 794 7.85 36.50 39.64
CA ARG G 794 9.01 37.05 40.33
C ARG G 794 8.74 37.13 41.82
N PRO G 795 8.66 35.98 42.50
CA PRO G 795 8.70 35.98 43.96
C PRO G 795 10.14 35.86 44.46
N ASP G 796 10.34 36.35 45.68
CA ASP G 796 11.66 36.36 46.32
C ASP G 796 12.68 37.16 45.50
N GLY G 797 12.22 38.07 44.65
CA GLY G 797 13.10 38.93 43.90
C GLY G 797 13.80 38.28 42.72
N LYS G 798 13.41 37.07 42.35
CA LYS G 798 14.03 36.35 41.24
C LYS G 798 12.97 35.98 40.21
N TRP G 799 13.24 36.29 38.95
CA TRP G 799 12.32 35.96 37.88
C TRP G 799 12.34 34.46 37.62
N GLN G 800 11.17 33.85 37.53
CA GLN G 800 11.05 32.41 37.32
C GLN G 800 9.87 32.13 36.40
N ASN G 801 10.04 31.13 35.55
CA ASN G 801 9.03 30.77 34.55
C ASN G 801 8.16 29.65 35.10
N VAL G 802 6.83 29.83 35.00
CA VAL G 802 5.89 28.86 35.54
C VAL G 802 5.02 28.21 34.47
N HIS G 803 4.97 28.74 33.24
CA HIS G 803 4.16 28.15 32.19
C HIS G 803 4.88 28.27 30.86
N PHE G 804 4.53 27.38 29.93
CA PHE G 804 5.15 27.34 28.61
C PHE G 804 4.15 26.71 27.64
N HIS G 805 4.24 27.13 26.38
CA HIS G 805 3.30 26.64 25.37
C HIS G 805 3.95 26.77 23.99
N CYS G 806 4.36 25.64 23.42
CA CYS G 806 4.95 25.61 22.09
C CYS G 806 3.88 25.32 21.04
N SER G 807 4.31 25.11 19.80
CA SER G 807 3.41 24.72 18.73
C SER G 807 4.25 24.18 17.57
N GLY G 808 3.55 23.66 16.56
CA GLY G 808 4.23 23.22 15.35
C GLY G 808 5.26 22.14 15.64
N ALA G 809 6.47 22.37 15.15
CA ALA G 809 7.51 21.34 15.16
C ALA G 809 8.03 21.10 16.57
N PRO G 810 8.71 19.97 16.79
CA PRO G 810 9.24 19.67 18.13
C PRO G 810 10.29 20.68 18.55
N VAL G 811 10.36 20.90 19.87
CA VAL G 811 11.34 21.83 20.43
C VAL G 811 12.76 21.32 20.18
N ALA G 812 12.99 20.03 20.42
CA ALA G 812 14.33 19.49 20.33
C ALA G 812 14.81 19.51 18.88
N PRO G 813 16.11 19.70 18.63
CA PRO G 813 16.61 19.65 17.26
C PRO G 813 16.50 18.25 16.67
N LEU G 814 16.32 18.19 15.34
CA LEU G 814 16.19 16.93 14.63
C LEU G 814 17.54 16.57 14.01
N GLN G 815 18.36 15.90 14.80
CA GLN G 815 19.68 15.46 14.35
C GLN G 815 19.63 14.00 13.89
N LYS H 681 -9.64 9.12 51.59
CA LYS H 681 -8.33 9.73 51.26
C LYS H 681 -7.19 8.73 51.42
N ALA H 682 -7.15 8.08 52.60
CA ALA H 682 -6.04 7.18 52.90
C ALA H 682 -6.02 6.00 51.94
N ARG H 683 -7.15 5.30 51.81
CA ARG H 683 -7.16 4.10 50.98
C ARG H 683 -6.93 4.42 49.52
N LYS H 684 -7.54 5.50 49.01
CA LYS H 684 -7.31 5.89 47.63
C LYS H 684 -5.82 6.11 47.38
N GLN H 685 -5.08 6.53 48.38
CA GLN H 685 -3.65 6.76 48.21
C GLN H 685 -2.91 5.44 47.98
N GLU H 686 -3.14 4.45 48.83
CA GLU H 686 -2.35 3.24 48.78
C GLU H 686 -2.69 2.35 47.60
N ILE H 687 -3.90 2.48 47.04
CA ILE H 687 -4.18 1.81 45.76
C ILE H 687 -3.23 2.34 44.70
N ILE H 688 -3.03 3.65 44.65
CA ILE H 688 -2.04 4.23 43.75
C ILE H 688 -0.64 3.76 44.11
N LYS H 689 -0.36 3.62 45.42
CA LYS H 689 0.96 3.17 45.84
C LYS H 689 1.26 1.79 45.28
N THR H 690 0.33 0.85 45.44
CA THR H 690 0.54 -0.51 44.91
C THR H 690 0.68 -0.48 43.39
N THR H 691 -0.20 0.26 42.71
CA THR H 691 -0.14 0.32 41.26
C THR H 691 1.23 0.82 40.79
N GLU H 692 1.76 1.85 41.46
CA GLU H 692 3.09 2.33 41.13
C GLU H 692 4.13 1.23 41.34
N GLN H 693 4.03 0.52 42.46
CA GLN H 693 4.98 -0.55 42.74
C GLN H 693 4.89 -1.65 41.69
N LEU H 694 3.67 -2.05 41.33
CA LEU H 694 3.49 -3.11 40.35
C LEU H 694 4.09 -2.70 39.01
N ILE H 695 3.85 -1.46 38.57
CA ILE H 695 4.42 -0.99 37.32
C ILE H 695 5.94 -1.00 37.39
N GLU H 696 6.50 -0.66 38.56
CA GLU H 696 7.94 -0.68 38.71
C GLU H 696 8.50 -2.09 38.58
N ALA H 697 7.83 -3.07 39.19
CA ALA H 697 8.34 -4.43 39.17
C ALA H 697 8.36 -4.99 37.76
N VAL H 698 7.29 -4.77 37.00
CA VAL H 698 7.22 -5.29 35.64
C VAL H 698 8.34 -4.67 34.80
N ASN H 699 8.58 -3.38 34.98
CA ASN H 699 9.65 -2.72 34.24
C ASN H 699 11.01 -3.32 34.61
N ASN H 700 11.22 -3.61 35.89
CA ASN H 700 12.50 -4.16 36.33
C ASN H 700 12.67 -5.63 35.95
N GLY H 701 11.59 -6.32 35.62
CA GLY H 701 11.68 -7.72 35.22
C GLY H 701 11.66 -8.71 36.36
N ASP H 702 11.49 -8.26 37.60
CA ASP H 702 11.43 -9.17 38.74
C ASP H 702 10.15 -9.98 38.66
N PHE H 703 10.30 -11.32 38.57
CA PHE H 703 9.12 -12.18 38.48
C PHE H 703 8.45 -12.34 39.83
N GLU H 704 9.23 -12.41 40.92
CA GLU H 704 8.65 -12.71 42.22
C GLU H 704 7.68 -11.62 42.65
N ALA H 705 8.08 -10.36 42.53
CA ALA H 705 7.21 -9.26 42.95
C ALA H 705 5.91 -9.28 42.15
N TYR H 706 6.00 -9.47 40.83
CA TYR H 706 4.80 -9.56 40.02
C TYR H 706 3.95 -10.74 40.43
N ALA H 707 4.57 -11.88 40.71
CA ALA H 707 3.83 -13.07 41.11
C ALA H 707 3.10 -12.84 42.43
N LYS H 708 3.76 -12.19 43.39
CA LYS H 708 3.15 -12.00 44.70
C LYS H 708 1.88 -11.16 44.59
N ILE H 709 1.97 -10.00 43.95
CA ILE H 709 0.82 -9.10 43.88
C ILE H 709 -0.30 -9.71 43.05
N CYS H 710 0.05 -10.29 41.90
CA CYS H 710 -0.96 -10.79 40.97
C CYS H 710 -1.68 -11.99 41.56
N ASP H 711 -3.00 -12.02 41.40
CA ASP H 711 -3.85 -13.09 41.91
C ASP H 711 -3.80 -14.30 40.97
N PRO H 712 -3.95 -15.52 41.50
CA PRO H 712 -3.93 -16.69 40.60
C PRO H 712 -5.00 -16.65 39.53
N GLY H 713 -6.17 -16.09 39.83
CA GLY H 713 -7.26 -16.02 38.87
C GLY H 713 -7.19 -14.86 37.91
N LEU H 714 -6.03 -14.22 37.79
CA LEU H 714 -5.90 -13.04 36.95
C LEU H 714 -6.27 -13.33 35.51
N THR H 715 -7.04 -12.42 34.91
CA THR H 715 -7.30 -12.39 33.48
C THR H 715 -6.59 -11.19 32.88
N SER H 716 -6.70 -11.03 31.56
CA SER H 716 -6.07 -9.87 30.94
C SER H 716 -6.51 -9.73 29.49
N PHE H 717 -6.69 -8.49 29.07
CA PHE H 717 -6.74 -8.10 27.67
C PHE H 717 -5.46 -7.34 27.35
N GLU H 718 -4.86 -7.59 26.20
CA GLU H 718 -3.69 -6.84 25.77
C GLU H 718 -3.34 -7.26 24.35
N PRO H 719 -2.60 -6.42 23.61
CA PRO H 719 -2.33 -6.73 22.20
C PRO H 719 -1.60 -8.05 22.02
N GLU H 720 -0.78 -8.45 22.99
CA GLU H 720 -0.04 -9.70 22.87
C GLU H 720 -0.99 -10.89 22.69
N ALA H 721 -2.23 -10.76 23.15
CA ALA H 721 -3.21 -11.84 23.07
C ALA H 721 -4.05 -11.79 21.81
N LEU H 722 -3.77 -10.86 20.90
CA LEU H 722 -4.48 -10.74 19.62
C LEU H 722 -5.99 -10.62 19.81
N GLY H 723 -6.42 -10.07 20.95
CA GLY H 723 -7.83 -9.88 21.21
C GLY H 723 -8.53 -11.02 21.89
N ASN H 724 -7.80 -11.93 22.53
CA ASN H 724 -8.39 -13.01 23.30
C ASN H 724 -8.29 -12.71 24.79
N LEU H 725 -9.16 -13.35 25.57
CA LEU H 725 -9.19 -13.16 27.02
C LEU H 725 -8.28 -14.20 27.66
N VAL H 726 -6.98 -13.89 27.69
CA VAL H 726 -6.02 -14.79 28.33
C VAL H 726 -6.28 -14.82 29.83
N GLU H 727 -5.91 -15.94 30.46
CA GLU H 727 -6.11 -16.11 31.89
C GLU H 727 -4.90 -16.84 32.47
N GLY H 728 -4.68 -16.64 33.77
CA GLY H 728 -3.62 -17.32 34.48
C GLY H 728 -2.29 -16.61 34.32
N MET H 729 -1.29 -17.11 35.06
CA MET H 729 0.04 -16.53 35.05
C MET H 729 0.98 -17.23 34.08
N ASP H 730 0.59 -18.36 33.50
CA ASP H 730 1.47 -19.08 32.60
C ASP H 730 1.84 -18.24 31.39
N PHE H 731 0.85 -17.54 30.82
CA PHE H 731 1.09 -16.81 29.57
C PHE H 731 2.16 -15.75 29.75
N HIS H 732 2.10 -14.98 30.83
CA HIS H 732 3.03 -13.88 31.00
C HIS H 732 4.43 -14.36 31.37
N ARG H 733 4.54 -15.54 31.99
CA ARG H 733 5.85 -16.03 32.42
C ARG H 733 6.82 -16.14 31.25
N PHE H 734 6.31 -16.30 30.04
CA PHE H 734 7.17 -16.39 28.86
C PHE H 734 8.01 -15.13 28.70
N TYR H 735 7.39 -13.96 28.85
CA TYR H 735 8.08 -12.71 28.57
C TYR H 735 9.18 -12.44 29.59
N PHE H 736 8.89 -12.70 30.88
CA PHE H 736 9.83 -12.31 31.93
C PHE H 736 11.16 -13.04 31.77
N GLU H 737 11.11 -14.34 31.47
CA GLU H 737 12.34 -15.13 31.42
C GLU H 737 13.16 -14.84 30.18
N ASN H 738 12.55 -14.27 29.14
CA ASN H 738 13.20 -14.14 27.84
C ASN H 738 13.47 -12.70 27.45
N LEU H 739 12.44 -11.85 27.43
CA LEU H 739 12.60 -10.51 26.86
C LEU H 739 13.02 -9.49 27.91
N LEU H 740 12.24 -9.34 28.97
CA LEU H 740 12.47 -8.29 29.96
C LEU H 740 13.62 -8.62 30.91
N ALA H 741 14.44 -9.63 30.60
CA ALA H 741 15.64 -9.87 31.38
C ALA H 741 16.61 -8.69 31.29
N LYS H 742 16.45 -7.82 30.30
CA LYS H 742 17.32 -6.67 30.10
C LYS H 742 16.48 -5.39 30.11
N ASN H 743 16.97 -4.38 30.81
CA ASN H 743 16.37 -3.04 30.82
C ASN H 743 17.45 -2.00 30.53
N SER H 744 18.36 -2.34 29.62
CA SER H 744 19.53 -1.50 29.39
C SER H 744 19.15 -0.13 28.85
N LYS H 745 18.46 -0.10 27.71
CA LYS H 745 18.23 1.16 27.03
C LYS H 745 17.34 2.07 27.86
N PRO H 746 17.47 3.39 27.70
CA PRO H 746 16.71 4.32 28.55
C PRO H 746 15.22 4.18 28.35
N ILE H 747 14.47 4.46 29.41
CA ILE H 747 13.01 4.41 29.38
C ILE H 747 12.49 5.18 30.58
N HIS H 748 11.37 5.87 30.38
CA HIS H 748 10.74 6.65 31.43
C HIS H 748 9.23 6.52 31.30
N THR H 749 8.58 6.07 32.37
CA THR H 749 7.13 5.85 32.38
C THR H 749 6.49 6.84 33.33
N THR H 750 5.39 7.46 32.87
CA THR H 750 4.67 8.45 33.66
C THR H 750 3.19 8.10 33.67
N ILE H 751 2.53 8.41 34.78
CA ILE H 751 1.11 8.15 34.98
C ILE H 751 0.41 9.48 35.20
N LEU H 752 -0.66 9.72 34.45
CA LEU H 752 -1.35 11.00 34.44
C LEU H 752 -2.78 10.85 34.91
N ASN H 753 -3.16 11.62 35.92
CA ASN H 753 -4.55 11.79 36.32
C ASN H 753 -5.22 10.46 36.66
N PRO H 754 -4.83 9.80 37.75
CA PRO H 754 -5.52 8.58 38.14
C PRO H 754 -6.90 8.88 38.73
N HIS H 755 -7.83 7.97 38.50
CA HIS H 755 -9.17 8.03 39.07
C HIS H 755 -9.45 6.70 39.74
N VAL H 756 -9.86 6.73 41.01
CA VAL H 756 -10.00 5.54 41.82
C VAL H 756 -11.39 5.53 42.47
N HIS H 757 -12.06 4.38 42.39
CA HIS H 757 -13.29 4.13 43.12
C HIS H 757 -13.02 3.11 44.21
N VAL H 758 -13.79 3.19 45.30
CA VAL H 758 -13.74 2.21 46.38
C VAL H 758 -15.11 1.54 46.44
N ILE H 759 -15.13 0.23 46.26
CA ILE H 759 -16.35 -0.56 46.26
C ILE H 759 -16.38 -1.36 47.55
N GLY H 760 -17.45 -1.21 48.32
CA GLY H 760 -17.54 -1.93 49.58
C GLY H 760 -16.37 -1.58 50.48
N GLU H 761 -15.69 -2.62 50.96
CA GLU H 761 -14.55 -2.47 51.85
C GLU H 761 -13.26 -2.99 51.22
N ASP H 762 -13.30 -4.20 50.63
CA ASP H 762 -12.10 -4.84 50.12
C ASP H 762 -12.10 -4.96 48.60
N ALA H 763 -12.55 -3.93 47.90
CA ALA H 763 -12.53 -3.90 46.44
C ALA H 763 -12.40 -2.46 45.97
N ALA H 764 -11.68 -2.28 44.86
CA ALA H 764 -11.47 -0.96 44.31
C ALA H 764 -11.12 -1.08 42.83
N CYS H 765 -11.28 0.03 42.12
CA CYS H 765 -10.97 0.11 40.70
C CYS H 765 -10.18 1.39 40.44
N ILE H 766 -9.28 1.32 39.46
CA ILE H 766 -8.40 2.44 39.12
C ILE H 766 -8.31 2.55 37.60
N ALA H 767 -8.45 3.78 37.09
CA ALA H 767 -8.30 4.07 35.68
C ALA H 767 -7.33 5.22 35.52
N TYR H 768 -6.45 5.13 34.53
CA TYR H 768 -5.41 6.13 34.35
C TYR H 768 -4.86 6.05 32.93
N ILE H 769 -4.16 7.11 32.53
CA ILE H 769 -3.45 7.15 31.27
C ILE H 769 -1.97 7.05 31.55
N ARG H 770 -1.23 6.36 30.67
CA ARG H 770 0.19 6.12 30.85
C ARG H 770 0.95 6.71 29.66
N LEU H 771 2.04 7.42 29.95
CA LEU H 771 2.94 7.95 28.94
C LEU H 771 4.30 7.31 29.12
N THR H 772 4.86 6.78 28.02
CA THR H 772 6.14 6.11 28.04
C THR H 772 7.11 6.85 27.13
N GLN H 773 8.30 7.15 27.65
CA GLN H 773 9.37 7.76 26.89
C GLN H 773 10.44 6.72 26.63
N TYR H 774 10.89 6.63 25.38
CA TYR H 774 11.87 5.63 25.00
C TYR H 774 12.66 6.13 23.79
N ILE H 775 13.80 5.49 23.55
CA ILE H 775 14.65 5.76 22.40
C ILE H 775 14.45 4.64 21.40
N ASP H 776 14.21 4.99 20.14
CA ASP H 776 13.99 3.99 19.11
C ASP H 776 15.33 3.42 18.64
N GLY H 777 15.25 2.39 17.79
CA GLY H 777 16.45 1.74 17.29
C GLY H 777 17.37 2.68 16.55
N GLN H 778 16.85 3.78 16.01
CA GLN H 778 17.65 4.77 15.32
C GLN H 778 18.25 5.80 16.28
N GLY H 779 18.15 5.56 17.59
CA GLY H 779 18.70 6.48 18.56
C GLY H 779 18.02 7.83 18.60
N ARG H 780 16.69 7.86 18.56
CA ARG H 780 15.94 9.10 18.68
C ARG H 780 14.83 8.93 19.72
N PRO H 781 14.48 9.99 20.44
CA PRO H 781 13.42 9.87 21.44
C PRO H 781 12.06 9.67 20.79
N ARG H 782 11.20 8.93 21.48
CA ARG H 782 9.86 8.64 21.00
C ARG H 782 8.94 8.43 22.20
N THR H 783 7.69 8.86 22.06
CA THR H 783 6.70 8.79 23.12
C THR H 783 5.47 8.03 22.64
N SER H 784 4.92 7.18 23.50
CA SER H 784 3.73 6.41 23.19
C SER H 784 2.73 6.54 24.34
N GLN H 785 1.45 6.42 24.00
CA GLN H 785 0.37 6.58 24.95
C GLN H 785 -0.41 5.29 25.08
N SER H 786 -1.03 5.10 26.25
CA SER H 786 -1.86 3.93 26.50
C SER H 786 -2.70 4.18 27.74
N GLU H 787 -3.96 3.74 27.69
CA GLU H 787 -4.88 3.87 28.80
C GLU H 787 -5.20 2.49 29.34
N GLU H 788 -5.24 2.37 30.67
CA GLU H 788 -5.28 1.06 31.32
C GLU H 788 -6.29 1.06 32.46
N THR H 789 -6.83 -0.13 32.73
CA THR H 789 -7.80 -0.35 33.80
C THR H 789 -7.33 -1.48 34.69
N ARG H 790 -7.74 -1.46 35.94
CA ARG H 790 -7.38 -2.51 36.89
C ARG H 790 -8.46 -2.63 37.95
N VAL H 791 -8.68 -3.86 38.43
CA VAL H 791 -9.61 -4.15 39.51
C VAL H 791 -8.82 -4.85 40.61
N TRP H 792 -8.94 -4.34 41.83
CA TRP H 792 -8.15 -4.80 42.96
C TRP H 792 -9.04 -5.49 43.99
N HIS H 793 -8.57 -6.60 44.54
CA HIS H 793 -9.26 -7.32 45.58
C HIS H 793 -8.29 -7.61 46.72
N ARG H 794 -8.74 -7.44 47.95
CA ARG H 794 -7.95 -7.78 49.13
C ARG H 794 -8.70 -8.84 49.92
N PRO H 795 -8.37 -10.13 49.79
CA PRO H 795 -9.15 -11.14 50.52
C PRO H 795 -9.12 -10.92 52.01
N ASP H 796 -7.93 -10.99 52.62
CA ASP H 796 -7.81 -10.70 54.05
C ASP H 796 -6.69 -9.71 54.36
N GLY H 797 -5.53 -9.88 53.73
CA GLY H 797 -4.33 -9.20 54.17
C GLY H 797 -3.57 -8.38 53.16
N LYS H 798 -3.66 -8.73 51.88
CA LYS H 798 -2.84 -8.11 50.85
C LYS H 798 -3.69 -7.78 49.63
N TRP H 799 -3.50 -6.58 49.09
CA TRP H 799 -4.15 -6.22 47.84
C TRP H 799 -3.64 -7.12 46.72
N GLN H 800 -4.54 -7.46 45.80
CA GLN H 800 -4.20 -8.33 44.67
C GLN H 800 -4.99 -7.90 43.45
N ASN H 801 -4.37 -8.06 42.27
CA ASN H 801 -4.98 -7.66 41.01
C ASN H 801 -5.63 -8.88 40.37
N VAL H 802 -6.88 -8.73 39.93
CA VAL H 802 -7.62 -9.83 39.35
C VAL H 802 -7.95 -9.61 37.88
N HIS H 803 -7.99 -8.36 37.40
CA HIS H 803 -8.32 -8.10 36.01
C HIS H 803 -7.47 -6.94 35.51
N PHE H 804 -7.28 -6.90 34.18
CA PHE H 804 -6.42 -5.92 33.55
C PHE H 804 -6.95 -5.65 32.15
N HIS H 805 -6.66 -4.46 31.62
CA HIS H 805 -7.12 -4.08 30.29
C HIS H 805 -6.24 -2.95 29.79
N CYS H 806 -5.51 -3.19 28.70
CA CYS H 806 -4.64 -2.19 28.11
C CYS H 806 -5.12 -1.92 26.68
N SER H 807 -5.40 -0.66 26.38
CA SER H 807 -5.92 -0.26 25.08
C SER H 807 -4.88 0.57 24.34
N GLY H 808 -4.77 0.35 23.05
CA GLY H 808 -3.82 1.09 22.22
C GLY H 808 -2.48 0.36 22.12
N ALA H 809 -1.41 1.03 22.52
CA ALA H 809 -0.08 0.47 22.40
C ALA H 809 0.13 -0.63 23.44
N PRO H 810 1.16 -1.47 23.25
CA PRO H 810 1.42 -2.55 24.23
C PRO H 810 1.92 -2.00 25.57
N VAL H 811 2.24 -2.91 26.49
CA VAL H 811 2.70 -2.50 27.80
C VAL H 811 4.13 -1.99 27.77
N ALA H 812 4.85 -2.19 26.66
CA ALA H 812 6.25 -1.80 26.55
C ALA H 812 6.47 -1.00 25.28
N PRO H 813 7.50 -0.16 25.24
CA PRO H 813 7.76 0.63 24.04
C PRO H 813 8.28 -0.22 22.90
N LEU H 814 8.07 0.28 21.68
CA LEU H 814 8.58 -0.36 20.46
C LEU H 814 9.93 0.24 20.14
N GLN H 815 10.99 -0.37 20.67
CA GLN H 815 12.35 0.12 20.48
C GLN H 815 12.92 -0.38 19.16
N LYS I 681 19.91 61.16 -17.05
CA LYS I 681 20.04 59.88 -17.82
C LYS I 681 21.19 59.04 -17.28
N ALA I 682 22.35 59.69 -17.10
CA ALA I 682 23.52 58.97 -16.61
C ALA I 682 23.26 58.35 -15.24
N ARG I 683 22.47 59.02 -14.40
CA ARG I 683 22.16 58.46 -13.09
C ARG I 683 21.45 57.12 -13.22
N LYS I 684 20.64 56.94 -14.26
CA LYS I 684 19.95 55.67 -14.45
C LYS I 684 20.93 54.54 -14.71
N GLN I 685 21.98 54.80 -15.49
CA GLN I 685 22.93 53.75 -15.86
C GLN I 685 23.60 53.17 -14.62
N GLU I 686 24.14 54.04 -13.76
CA GLU I 686 24.89 53.56 -12.60
C GLU I 686 24.04 52.69 -11.69
N ILE I 687 22.73 52.97 -11.62
CA ILE I 687 21.86 52.17 -10.78
C ILE I 687 21.80 50.73 -11.29
N ILE I 688 21.67 50.57 -12.61
CA ILE I 688 21.64 49.22 -13.19
C ILE I 688 22.99 48.55 -13.05
N LYS I 689 24.07 49.29 -13.26
CA LYS I 689 25.41 48.71 -13.13
C LYS I 689 25.66 48.19 -11.73
N THR I 690 25.33 48.99 -10.72
CA THR I 690 25.53 48.56 -9.34
C THR I 690 24.69 47.32 -9.02
N THR I 691 23.43 47.31 -9.48
CA THR I 691 22.58 46.15 -9.23
C THR I 691 23.17 44.90 -9.87
N GLU I 692 23.72 45.03 -11.09
CA GLU I 692 24.39 43.90 -11.71
C GLU I 692 25.58 43.44 -10.89
N GLN I 693 26.38 44.40 -10.39
CA GLN I 693 27.53 44.03 -9.57
C GLN I 693 27.09 43.28 -8.32
N LEU I 694 26.04 43.78 -7.65
CA LEU I 694 25.56 43.11 -6.46
C LEU I 694 25.05 41.71 -6.78
N ILE I 695 24.30 41.56 -7.89
CA ILE I 695 23.77 40.26 -8.26
C ILE I 695 24.91 39.30 -8.58
N GLU I 696 25.88 39.77 -9.38
CA GLU I 696 27.02 38.93 -9.71
C GLU I 696 27.80 38.55 -8.45
N ALA I 697 28.03 39.52 -7.56
CA ALA I 697 28.69 39.23 -6.29
C ALA I 697 27.90 38.20 -5.51
N VAL I 698 26.58 38.28 -5.56
CA VAL I 698 25.74 37.27 -4.90
C VAL I 698 26.00 35.90 -5.51
N ASN I 699 26.14 35.84 -6.84
CA ASN I 699 26.38 34.57 -7.50
C ASN I 699 27.73 33.98 -7.10
N ASN I 700 28.73 34.82 -6.86
CA ASN I 700 30.06 34.34 -6.52
C ASN I 700 30.23 34.02 -5.04
N GLY I 701 29.24 34.33 -4.21
CA GLY I 701 29.35 34.03 -2.79
C GLY I 701 30.37 34.87 -2.06
N ASP I 702 30.76 36.01 -2.60
CA ASP I 702 31.70 36.91 -1.94
C ASP I 702 30.90 37.76 -0.95
N PHE I 703 30.72 37.23 0.26
CA PHE I 703 29.87 37.89 1.24
C PHE I 703 30.43 39.25 1.62
N GLU I 704 31.75 39.41 1.63
CA GLU I 704 32.34 40.67 2.06
C GLU I 704 31.91 41.82 1.16
N ALA I 705 31.93 41.60 -0.16
CA ALA I 705 31.48 42.62 -1.09
C ALA I 705 29.99 42.92 -0.90
N TYR I 706 29.18 41.87 -0.73
CA TYR I 706 27.75 42.07 -0.53
C TYR I 706 27.49 42.89 0.72
N ALA I 707 28.29 42.68 1.77
CA ALA I 707 28.11 43.43 3.01
C ALA I 707 28.31 44.93 2.83
N LYS I 708 29.04 45.35 1.79
CA LYS I 708 29.33 46.76 1.59
C LYS I 708 28.18 47.50 0.92
N ILE I 709 27.64 46.95 -0.17
CA ILE I 709 26.57 47.63 -0.89
C ILE I 709 25.32 47.75 -0.01
N CYS I 710 24.91 46.64 0.59
CA CYS I 710 23.66 46.63 1.35
C CYS I 710 23.79 47.47 2.61
N ASP I 711 22.82 48.33 2.84
CA ASP I 711 22.80 49.13 4.05
C ASP I 711 22.59 48.22 5.27
N PRO I 712 23.21 48.53 6.42
CA PRO I 712 22.97 47.69 7.60
C PRO I 712 21.50 47.59 7.97
N GLY I 713 20.75 48.68 7.82
CA GLY I 713 19.32 48.65 8.06
C GLY I 713 18.55 48.14 6.86
N LEU I 714 18.83 46.91 6.45
CA LEU I 714 18.16 46.31 5.31
C LEU I 714 16.87 45.63 5.73
N THR I 715 15.81 45.85 4.95
CA THR I 715 14.56 45.15 5.10
C THR I 715 14.30 44.34 3.84
N SER I 716 13.73 43.15 4.00
CA SER I 716 13.55 42.28 2.84
C SER I 716 12.49 41.23 3.13
N PHE I 717 11.82 40.81 2.06
CA PHE I 717 10.92 39.67 2.07
C PHE I 717 11.53 38.58 1.20
N GLU I 718 11.18 37.32 1.48
CA GLU I 718 11.69 36.24 0.66
C GLU I 718 11.07 34.90 1.06
N PRO I 719 11.03 33.91 0.15
CA PRO I 719 10.44 32.62 0.51
C PRO I 719 11.12 31.96 1.71
N GLU I 720 12.43 32.12 1.84
CA GLU I 720 13.13 31.53 2.98
C GLU I 720 12.61 32.09 4.30
N ALA I 721 12.10 33.33 4.29
CA ALA I 721 11.55 33.93 5.49
C ALA I 721 10.10 33.54 5.72
N LEU I 722 9.51 32.71 4.86
CA LEU I 722 8.14 32.24 5.02
C LEU I 722 7.17 33.42 5.13
N GLY I 723 7.44 34.50 4.40
CA GLY I 723 6.57 35.65 4.42
C GLY I 723 6.73 36.54 5.63
N ASN I 724 7.88 36.51 6.29
CA ASN I 724 8.14 37.32 7.47
C ASN I 724 9.12 38.44 7.13
N LEU I 725 8.87 39.61 7.71
CA LEU I 725 9.72 40.78 7.51
C LEU I 725 11.03 40.56 8.27
N VAL I 726 12.05 40.09 7.55
CA VAL I 726 13.35 39.87 8.17
C VAL I 726 14.08 41.20 8.31
N GLU I 727 15.01 41.27 9.26
CA GLU I 727 15.82 42.46 9.45
C GLU I 727 17.24 42.04 9.82
N GLY I 728 18.20 42.88 9.46
CA GLY I 728 19.60 42.63 9.74
C GLY I 728 20.24 41.69 8.74
N MET I 729 21.56 41.66 8.77
CA MET I 729 22.33 40.80 7.87
C MET I 729 22.59 39.42 8.46
N ASP I 730 22.28 39.21 9.74
CA ASP I 730 22.60 37.94 10.38
C ASP I 730 21.87 36.78 9.71
N PHE I 731 20.58 36.97 9.42
CA PHE I 731 19.80 35.89 8.80
C PHE I 731 20.38 35.51 7.45
N HIS I 732 20.73 36.50 6.62
CA HIS I 732 21.28 36.21 5.31
C HIS I 732 22.68 35.63 5.42
N ARG I 733 23.38 35.86 6.53
CA ARG I 733 24.74 35.37 6.68
C ARG I 733 24.81 33.85 6.60
N PHE I 734 23.72 33.16 6.95
CA PHE I 734 23.75 31.70 6.99
C PHE I 734 24.03 31.12 5.61
N TYR I 735 23.35 31.63 4.58
CA TYR I 735 23.47 31.02 3.26
C TYR I 735 24.90 31.10 2.72
N PHE I 736 25.65 32.12 3.11
CA PHE I 736 26.98 32.36 2.57
C PHE I 736 28.04 31.45 3.19
N GLU I 737 27.64 30.43 3.95
CA GLU I 737 28.56 29.46 4.52
C GLU I 737 28.34 28.04 4.03
N ASN I 738 27.10 27.66 3.74
CA ASN I 738 26.78 26.29 3.35
C ASN I 738 26.26 26.20 1.92
N LEU I 739 25.23 26.96 1.57
CA LEU I 739 24.58 26.83 0.27
C LEU I 739 25.30 27.65 -0.80
N LEU I 740 25.38 28.97 -0.61
CA LEU I 740 25.98 29.83 -1.61
C LEU I 740 27.48 29.58 -1.76
N ALA I 741 28.12 28.99 -0.77
CA ALA I 741 29.54 28.67 -0.90
C ALA I 741 29.77 27.56 -1.93
N LYS I 742 28.82 26.64 -2.06
CA LYS I 742 28.93 25.51 -2.98
C LYS I 742 28.35 25.84 -4.37
N ASN I 743 28.08 27.11 -4.66
CA ASN I 743 27.50 27.51 -5.94
C ASN I 743 28.58 27.46 -7.01
N SER I 744 28.83 26.25 -7.51
CA SER I 744 29.83 26.01 -8.55
C SER I 744 29.27 25.42 -9.82
N LYS I 745 28.08 24.84 -9.80
CA LYS I 745 27.50 24.27 -10.99
C LYS I 745 27.17 25.36 -12.01
N PRO I 746 27.15 25.04 -13.30
CA PRO I 746 26.89 26.07 -14.31
C PRO I 746 25.54 26.74 -14.08
N ILE I 747 25.52 28.05 -14.28
CA ILE I 747 24.31 28.86 -14.08
C ILE I 747 24.38 30.07 -14.98
N HIS I 748 23.20 30.53 -15.41
CA HIS I 748 23.10 31.70 -16.28
C HIS I 748 22.00 32.61 -15.74
N THR I 749 22.31 33.90 -15.61
CA THR I 749 21.37 34.88 -15.09
C THR I 749 21.20 36.00 -16.12
N THR I 750 19.95 36.43 -16.30
CA THR I 750 19.62 37.47 -17.26
C THR I 750 18.67 38.48 -16.64
N ILE I 751 18.71 39.71 -17.15
CA ILE I 751 17.87 40.81 -16.68
C ILE I 751 17.03 41.30 -17.85
N LEU I 752 15.73 41.42 -17.63
CA LEU I 752 14.78 41.78 -18.69
C LEU I 752 13.87 42.92 -18.21
N ASN I 753 13.54 43.81 -19.13
CA ASN I 753 12.62 44.90 -18.90
C ASN I 753 12.92 45.65 -17.60
N PRO I 754 14.16 46.12 -17.41
CA PRO I 754 14.45 46.96 -16.24
C PRO I 754 13.75 48.31 -16.37
N HIS I 755 13.33 48.85 -15.23
CA HIS I 755 12.70 50.15 -15.18
C HIS I 755 13.16 50.85 -13.90
N VAL I 756 13.54 52.12 -14.03
CA VAL I 756 14.17 52.85 -12.94
C VAL I 756 13.40 54.14 -12.68
N HIS I 757 13.12 54.42 -11.42
CA HIS I 757 12.57 55.69 -10.98
C HIS I 757 13.64 56.47 -10.22
N VAL I 758 13.74 57.75 -10.50
CA VAL I 758 14.68 58.65 -9.84
C VAL I 758 13.87 59.55 -8.91
N ILE I 759 14.09 59.42 -7.61
CA ILE I 759 13.37 60.18 -6.59
C ILE I 759 14.36 61.12 -5.92
N GLY I 760 14.05 62.42 -5.94
CA GLY I 760 14.94 63.38 -5.33
C GLY I 760 16.29 63.39 -6.03
N GLU I 761 17.34 63.62 -5.23
CA GLU I 761 18.70 63.69 -5.74
C GLU I 761 19.60 62.56 -5.25
N ASP I 762 19.25 61.90 -4.16
CA ASP I 762 20.07 60.86 -3.55
C ASP I 762 19.26 59.60 -3.32
N ALA I 763 18.32 59.30 -4.23
CA ALA I 763 17.50 58.12 -4.12
C ALA I 763 17.10 57.66 -5.51
N ALA I 764 16.73 56.39 -5.62
CA ALA I 764 16.28 55.82 -6.89
C ALA I 764 15.70 54.44 -6.61
N CYS I 765 14.80 54.00 -7.50
CA CYS I 765 14.16 52.70 -7.39
C CYS I 765 14.40 51.92 -8.67
N ILE I 766 14.49 50.59 -8.55
CA ILE I 766 14.77 49.72 -9.69
C ILE I 766 13.86 48.51 -9.62
N ALA I 767 13.27 48.17 -10.76
CA ALA I 767 12.46 46.97 -10.91
C ALA I 767 12.82 46.30 -12.22
N TYR I 768 12.58 44.99 -12.30
CA TYR I 768 13.04 44.23 -13.45
C TYR I 768 12.47 42.81 -13.39
N ILE I 769 12.74 42.05 -14.43
CA ILE I 769 12.47 40.61 -14.47
C ILE I 769 13.81 39.89 -14.38
N ARG I 770 13.76 38.65 -13.91
CA ARG I 770 14.98 37.85 -13.74
C ARG I 770 14.75 36.47 -14.34
N LEU I 771 15.72 36.00 -15.11
CA LEU I 771 15.70 34.66 -15.69
C LEU I 771 16.97 33.94 -15.28
N THR I 772 16.83 32.74 -14.73
CA THR I 772 17.96 31.94 -14.30
C THR I 772 17.93 30.58 -14.99
N GLN I 773 19.09 30.14 -15.46
CA GLN I 773 19.26 28.84 -16.08
C GLN I 773 20.28 28.03 -15.29
N TYR I 774 20.01 26.74 -15.13
CA TYR I 774 20.81 25.89 -14.26
C TYR I 774 20.63 24.45 -14.68
N ILE I 775 21.55 23.60 -14.23
CA ILE I 775 21.47 22.16 -14.47
C ILE I 775 20.79 21.52 -13.27
N ASP I 776 19.67 20.86 -13.51
CA ASP I 776 18.92 20.19 -12.45
C ASP I 776 19.60 18.87 -12.10
N GLY I 777 18.97 18.08 -11.24
CA GLY I 777 19.52 16.79 -10.86
C GLY I 777 19.51 15.78 -11.98
N GLN I 778 18.63 15.95 -12.97
CA GLN I 778 18.56 15.07 -14.12
C GLN I 778 19.54 15.43 -15.23
N GLY I 779 20.35 16.48 -15.03
CA GLY I 779 21.32 16.86 -16.03
C GLY I 779 20.75 17.59 -17.22
N ARG I 780 19.59 18.24 -17.06
CA ARG I 780 18.97 18.99 -18.14
C ARG I 780 18.82 20.44 -17.71
N PRO I 781 19.13 21.42 -18.58
CA PRO I 781 18.94 22.82 -18.20
C PRO I 781 17.48 23.12 -17.90
N ARG I 782 17.27 23.98 -16.91
CA ARG I 782 15.93 24.43 -16.53
C ARG I 782 15.92 25.95 -16.45
N THR I 783 14.74 26.53 -16.68
CA THR I 783 14.55 27.97 -16.67
C THR I 783 13.63 28.34 -15.51
N SER I 784 14.02 29.39 -14.77
CA SER I 784 13.23 29.88 -13.65
C SER I 784 13.07 31.39 -13.78
N GLN I 785 11.93 31.89 -13.32
CA GLN I 785 11.61 33.31 -13.40
C GLN I 785 11.27 33.83 -12.01
N SER I 786 11.66 35.07 -11.75
CA SER I 786 11.42 35.70 -10.46
C SER I 786 11.49 37.21 -10.65
N GLU I 787 10.60 37.93 -9.97
CA GLU I 787 10.50 39.38 -10.10
C GLU I 787 10.79 40.04 -8.75
N GLU I 788 11.52 41.15 -8.79
CA GLU I 788 11.95 41.84 -7.59
C GLU I 788 11.55 43.31 -7.64
N THR I 789 11.92 44.03 -6.59
CA THR I 789 11.77 45.47 -6.50
C THR I 789 12.65 45.96 -5.36
N ARG I 790 13.44 46.99 -5.64
CA ARG I 790 14.44 47.46 -4.68
C ARG I 790 14.35 48.98 -4.56
N VAL I 791 14.88 49.49 -3.46
CA VAL I 791 14.96 50.92 -3.20
C VAL I 791 16.36 51.25 -2.75
N TRP I 792 17.00 52.20 -3.42
CA TRP I 792 18.38 52.58 -3.13
C TRP I 792 18.42 53.96 -2.46
N HIS I 793 19.37 54.10 -1.54
CA HIS I 793 19.64 55.36 -0.88
C HIS I 793 21.10 55.71 -1.09
N ARG I 794 21.40 57.00 -1.14
CA ARG I 794 22.74 57.50 -1.44
C ARG I 794 23.19 58.44 -0.32
N PRO I 795 23.54 57.90 0.84
CA PRO I 795 24.27 58.67 1.84
C PRO I 795 25.78 58.48 1.71
N ASP I 796 26.52 59.44 2.24
CA ASP I 796 27.98 59.40 2.28
C ASP I 796 28.58 59.41 0.87
N GLY I 797 27.77 59.70 -0.15
CA GLY I 797 28.25 59.75 -1.51
C GLY I 797 28.34 58.41 -2.22
N LYS I 798 27.76 57.36 -1.65
CA LYS I 798 27.75 56.04 -2.26
C LYS I 798 26.34 55.47 -2.25
N TRP I 799 26.05 54.64 -3.25
CA TRP I 799 24.74 53.99 -3.32
C TRP I 799 24.70 52.78 -2.40
N GLN I 800 23.54 52.55 -1.79
CA GLN I 800 23.35 51.39 -0.94
C GLN I 800 21.89 50.96 -1.02
N ASN I 801 21.64 49.69 -0.73
CA ASN I 801 20.33 49.09 -0.86
C ASN I 801 19.66 49.00 0.50
N VAL I 802 18.46 49.56 0.63
CA VAL I 802 17.71 49.58 1.86
C VAL I 802 16.36 48.89 1.74
N HIS I 803 16.19 48.06 0.71
CA HIS I 803 14.94 47.34 0.54
C HIS I 803 15.11 46.28 -0.55
N PHE I 804 14.29 45.24 -0.48
CA PHE I 804 14.35 44.15 -1.44
C PHE I 804 13.08 43.31 -1.27
N HIS I 805 12.42 43.01 -2.39
CA HIS I 805 11.13 42.30 -2.36
C HIS I 805 11.11 41.32 -3.53
N CYS I 806 11.50 40.08 -3.27
CA CYS I 806 11.52 39.02 -4.28
C CYS I 806 10.24 38.21 -4.20
N SER I 807 9.70 37.85 -5.36
CA SER I 807 8.51 37.03 -5.47
C SER I 807 8.82 35.76 -6.25
N GLY I 808 7.79 34.97 -6.52
CA GLY I 808 7.95 33.80 -7.36
C GLY I 808 8.97 32.83 -6.80
N ALA I 809 9.84 32.34 -7.69
CA ALA I 809 10.80 31.33 -7.31
C ALA I 809 11.86 31.92 -6.38
N PRO I 810 12.55 31.07 -5.61
CA PRO I 810 13.57 31.59 -4.69
C PRO I 810 14.77 32.17 -5.43
N VAL I 811 15.57 32.92 -4.69
CA VAL I 811 16.71 33.61 -5.28
C VAL I 811 17.70 32.61 -5.88
N ALA I 812 18.02 31.56 -5.12
CA ALA I 812 19.04 30.61 -5.55
C ALA I 812 18.49 29.68 -6.62
N PRO I 813 19.35 29.16 -7.49
CA PRO I 813 18.89 28.19 -8.49
C PRO I 813 18.46 26.88 -7.84
N LEU I 814 17.49 26.22 -8.48
CA LEU I 814 16.97 24.95 -7.98
C LEU I 814 17.64 23.79 -8.74
N GLN I 815 18.88 23.52 -8.33
CA GLN I 815 19.65 22.43 -8.91
C GLN I 815 19.38 21.12 -8.19
N LYS J 681 -10.29 -53.50 -16.12
CA LYS J 681 -9.84 -52.77 -14.90
C LYS J 681 -8.43 -53.18 -14.51
N ALA J 682 -8.00 -54.35 -14.98
CA ALA J 682 -6.66 -54.83 -14.68
C ALA J 682 -5.59 -53.90 -15.27
N ARG J 683 -5.83 -53.42 -16.48
CA ARG J 683 -4.82 -52.62 -17.17
C ARG J 683 -4.50 -51.35 -16.40
N LYS J 684 -5.49 -50.76 -15.73
CA LYS J 684 -5.28 -49.47 -15.08
C LYS J 684 -4.19 -49.55 -14.03
N GLN J 685 -4.17 -50.63 -13.24
CA GLN J 685 -3.17 -50.76 -12.19
C GLN J 685 -1.77 -50.78 -12.77
N GLU J 686 -1.54 -51.59 -13.79
CA GLU J 686 -0.20 -51.70 -14.36
C GLU J 686 0.23 -50.38 -14.99
N ILE J 687 -0.68 -49.68 -15.66
CA ILE J 687 -0.36 -48.37 -16.22
C ILE J 687 0.12 -47.44 -15.11
N ILE J 688 -0.64 -47.36 -14.02
CA ILE J 688 -0.23 -46.52 -12.89
C ILE J 688 1.09 -47.01 -12.32
N LYS J 689 1.24 -48.33 -12.19
CA LYS J 689 2.50 -48.89 -11.72
C LYS J 689 3.65 -48.49 -12.64
N THR J 690 3.42 -48.56 -13.96
CA THR J 690 4.44 -48.14 -14.90
C THR J 690 4.78 -46.66 -14.73
N THR J 691 3.75 -45.82 -14.60
CA THR J 691 3.99 -44.39 -14.44
C THR J 691 4.82 -44.12 -13.19
N GLU J 692 4.49 -44.78 -12.08
CA GLU J 692 5.27 -44.61 -10.86
C GLU J 692 6.71 -45.06 -11.06
N GLN J 693 6.90 -46.18 -11.75
CA GLN J 693 8.26 -46.65 -12.04
C GLN J 693 9.01 -45.61 -12.86
N LEU J 694 8.34 -45.02 -13.86
CA LEU J 694 8.99 -44.00 -14.68
C LEU J 694 9.40 -42.79 -13.85
N ILE J 695 8.50 -42.33 -12.98
CA ILE J 695 8.82 -41.18 -12.13
C ILE J 695 9.98 -41.51 -11.21
N GLU J 696 10.02 -42.75 -10.71
CA GLU J 696 11.13 -43.17 -9.86
C GLU J 696 12.44 -43.16 -10.63
N ALA J 697 12.43 -43.68 -11.87
CA ALA J 697 13.65 -43.79 -12.64
C ALA J 697 14.26 -42.42 -12.93
N VAL J 698 13.43 -41.47 -13.34
CA VAL J 698 13.94 -40.13 -13.65
C VAL J 698 14.53 -39.50 -12.40
N ASN J 699 13.91 -39.75 -11.24
CA ASN J 699 14.40 -39.15 -10.00
C ASN J 699 15.81 -39.65 -9.68
N ASN J 700 16.07 -40.93 -9.93
CA ASN J 700 17.37 -41.51 -9.59
C ASN J 700 18.43 -41.29 -10.67
N GLY J 701 18.09 -40.63 -11.76
CA GLY J 701 19.08 -40.31 -12.79
C GLY J 701 19.63 -41.51 -13.52
N ASP J 702 18.76 -42.44 -13.91
CA ASP J 702 19.14 -43.59 -14.72
C ASP J 702 18.60 -43.36 -16.13
N PHE J 703 19.46 -42.87 -17.02
CA PHE J 703 19.04 -42.59 -18.39
C PHE J 703 18.59 -43.86 -19.10
N GLU J 704 19.30 -44.97 -18.88
CA GLU J 704 18.97 -46.21 -19.58
C GLU J 704 17.54 -46.63 -19.31
N ALA J 705 17.12 -46.61 -18.04
CA ALA J 705 15.75 -47.00 -17.71
C ALA J 705 14.75 -46.07 -18.40
N TYR J 706 15.04 -44.77 -18.42
CA TYR J 706 14.14 -43.83 -19.07
C TYR J 706 13.98 -44.15 -20.54
N ALA J 707 15.08 -44.49 -21.22
CA ALA J 707 15.03 -44.77 -22.64
C ALA J 707 14.27 -46.07 -22.94
N LYS J 708 14.38 -47.05 -22.05
CA LYS J 708 13.81 -48.37 -22.34
C LYS J 708 12.29 -48.29 -22.53
N ILE J 709 11.63 -47.36 -21.84
CA ILE J 709 10.17 -47.28 -21.90
C ILE J 709 9.70 -46.25 -22.92
N CYS J 710 10.30 -45.06 -22.90
CA CYS J 710 9.86 -43.98 -23.77
C CYS J 710 10.10 -44.33 -25.24
N ASP J 711 9.10 -44.03 -26.07
CA ASP J 711 9.25 -44.22 -27.50
C ASP J 711 10.28 -43.23 -28.05
N PRO J 712 11.13 -43.64 -29.00
CA PRO J 712 12.11 -42.68 -29.55
C PRO J 712 11.46 -41.43 -30.15
N GLY J 713 10.27 -41.56 -30.74
CA GLY J 713 9.60 -40.41 -31.32
C GLY J 713 8.84 -39.62 -30.27
N LEU J 714 9.53 -39.25 -29.19
CA LEU J 714 8.88 -38.59 -28.07
C LEU J 714 8.86 -37.08 -28.27
N THR J 715 7.71 -36.48 -28.00
CA THR J 715 7.57 -35.03 -27.95
C THR J 715 7.19 -34.63 -26.53
N SER J 716 7.45 -33.38 -26.17
CA SER J 716 7.19 -32.93 -24.81
C SER J 716 7.06 -31.42 -24.76
N PHE J 717 6.21 -30.95 -23.85
CA PHE J 717 6.12 -29.54 -23.48
C PHE J 717 6.53 -29.41 -22.02
N GLU J 718 7.29 -28.36 -21.72
CA GLU J 718 7.72 -28.09 -20.35
C GLU J 718 8.45 -26.75 -20.32
N PRO J 719 8.58 -26.14 -19.15
CA PRO J 719 9.27 -24.83 -19.09
C PRO J 719 10.70 -24.88 -19.56
N GLU J 720 11.35 -26.04 -19.47
CA GLU J 720 12.72 -26.16 -19.97
C GLU J 720 12.84 -25.80 -21.44
N ALA J 721 11.76 -25.94 -22.20
CA ALA J 721 11.76 -25.61 -23.63
C ALA J 721 11.29 -24.18 -23.89
N LEU J 722 10.95 -23.41 -22.86
CA LEU J 722 10.51 -22.04 -23.01
C LEU J 722 9.24 -21.93 -23.86
N GLY J 723 8.43 -22.98 -23.89
CA GLY J 723 7.23 -22.98 -24.69
C GLY J 723 7.38 -23.49 -26.10
N ASN J 724 8.47 -24.20 -26.39
CA ASN J 724 8.70 -24.77 -27.71
C ASN J 724 8.51 -26.29 -27.66
N LEU J 725 7.74 -26.81 -28.61
CA LEU J 725 7.53 -28.24 -28.72
C LEU J 725 8.85 -28.91 -29.09
N VAL J 726 9.46 -29.60 -28.14
CA VAL J 726 10.72 -30.31 -28.36
C VAL J 726 10.41 -31.73 -28.83
N GLU J 727 11.34 -32.31 -29.56
CA GLU J 727 11.18 -33.66 -30.08
C GLU J 727 12.53 -34.36 -30.07
N GLY J 728 12.49 -35.68 -29.95
CA GLY J 728 13.70 -36.49 -29.93
C GLY J 728 14.22 -36.72 -28.52
N MET J 729 15.16 -37.65 -28.42
CA MET J 729 15.72 -38.05 -27.13
C MET J 729 16.97 -37.27 -26.75
N ASP J 730 17.64 -36.63 -27.73
CA ASP J 730 18.90 -35.97 -27.44
C ASP J 730 18.71 -34.86 -26.41
N PHE J 731 17.63 -34.08 -26.53
CA PHE J 731 17.48 -32.90 -25.69
C PHE J 731 17.55 -33.25 -24.21
N HIS J 732 16.84 -34.30 -23.79
CA HIS J 732 16.77 -34.64 -22.38
C HIS J 732 18.07 -35.28 -21.88
N ARG J 733 18.91 -35.80 -22.77
CA ARG J 733 20.18 -36.38 -22.34
C ARG J 733 21.03 -35.35 -21.61
N PHE J 734 20.87 -34.07 -21.92
CA PHE J 734 21.71 -33.05 -21.31
C PHE J 734 21.54 -33.04 -19.80
N TYR J 735 20.32 -33.27 -19.31
CA TYR J 735 20.07 -33.15 -17.87
C TYR J 735 20.65 -34.31 -17.09
N PHE J 736 20.83 -35.47 -17.72
CA PHE J 736 21.32 -36.65 -17.03
C PHE J 736 22.84 -36.68 -16.91
N GLU J 737 23.51 -35.55 -17.10
CA GLU J 737 24.96 -35.47 -16.90
C GLU J 737 25.41 -34.24 -16.13
N ASN J 738 24.58 -33.21 -15.99
CA ASN J 738 25.02 -31.97 -15.34
C ASN J 738 24.04 -31.49 -14.27
N LEU J 739 22.75 -31.75 -14.44
CA LEU J 739 21.74 -31.23 -13.51
C LEU J 739 21.58 -32.19 -12.32
N LEU J 740 21.18 -33.43 -12.59
CA LEU J 740 21.04 -34.40 -11.52
C LEU J 740 22.38 -34.83 -10.95
N ALA J 741 23.47 -34.54 -11.65
CA ALA J 741 24.80 -34.83 -11.10
C ALA J 741 25.09 -33.99 -9.87
N LYS J 742 24.49 -32.81 -9.77
CA LYS J 742 24.78 -31.89 -8.67
C LYS J 742 23.77 -32.03 -7.53
N ASN J 743 22.47 -32.01 -7.85
CA ASN J 743 21.44 -32.04 -6.82
C ASN J 743 21.25 -33.46 -6.31
N SER J 744 21.36 -33.64 -4.99
CA SER J 744 21.08 -34.92 -4.37
C SER J 744 20.36 -34.76 -3.03
N LYS J 745 19.78 -33.59 -2.75
CA LYS J 745 19.20 -33.34 -1.44
C LYS J 745 17.94 -34.17 -1.26
N PRO J 746 17.55 -34.45 -0.01
CA PRO J 746 16.35 -35.25 0.22
C PRO J 746 15.11 -34.57 -0.36
N ILE J 747 14.24 -35.38 -0.96
CA ILE J 747 13.03 -34.90 -1.60
C ILE J 747 12.01 -36.02 -1.60
N HIS J 748 10.73 -35.66 -1.56
CA HIS J 748 9.64 -36.63 -1.57
C HIS J 748 8.63 -36.23 -2.63
N THR J 749 8.10 -37.24 -3.33
CA THR J 749 7.17 -37.04 -4.42
C THR J 749 5.86 -37.74 -4.08
N THR J 750 4.74 -37.06 -4.32
CA THR J 750 3.41 -37.60 -4.08
C THR J 750 2.57 -37.44 -5.34
N ILE J 751 1.74 -38.44 -5.61
CA ILE J 751 0.86 -38.47 -6.79
C ILE J 751 -0.57 -38.55 -6.30
N LEU J 752 -1.42 -37.69 -6.83
CA LEU J 752 -2.78 -37.50 -6.32
C LEU J 752 -3.82 -37.81 -7.38
N ASN J 753 -4.77 -38.67 -7.04
CA ASN J 753 -5.96 -38.92 -7.85
C ASN J 753 -5.66 -39.17 -9.32
N PRO J 754 -4.81 -40.14 -9.64
CA PRO J 754 -4.58 -40.48 -11.05
C PRO J 754 -5.87 -40.95 -11.72
N HIS J 755 -6.04 -40.54 -12.98
CA HIS J 755 -7.19 -40.91 -13.78
C HIS J 755 -6.69 -41.50 -15.09
N VAL J 756 -7.28 -42.61 -15.52
CA VAL J 756 -6.82 -43.34 -16.69
C VAL J 756 -8.02 -43.62 -17.60
N HIS J 757 -7.83 -43.39 -18.90
CA HIS J 757 -8.79 -43.76 -19.92
C HIS J 757 -8.25 -44.92 -20.75
N VAL J 758 -9.14 -45.77 -21.23
CA VAL J 758 -8.78 -46.83 -22.17
C VAL J 758 -9.53 -46.54 -23.47
N ILE J 759 -8.77 -46.33 -24.55
CA ILE J 759 -9.35 -45.91 -25.82
C ILE J 759 -8.97 -46.93 -26.90
N GLY J 760 -8.80 -48.17 -26.50
CA GLY J 760 -8.45 -49.23 -27.42
C GLY J 760 -8.00 -50.47 -26.66
N GLU J 761 -7.06 -51.18 -27.27
CA GLU J 761 -6.49 -52.38 -26.66
C GLU J 761 -4.99 -52.29 -26.43
N ASP J 762 -4.31 -51.35 -27.08
CA ASP J 762 -2.88 -51.15 -26.88
C ASP J 762 -2.54 -49.68 -26.69
N ALA J 763 -3.51 -48.85 -26.31
CA ALA J 763 -3.29 -47.43 -26.09
C ALA J 763 -4.09 -46.98 -24.89
N ALA J 764 -3.57 -45.99 -24.17
CA ALA J 764 -4.24 -45.47 -22.98
C ALA J 764 -3.70 -44.09 -22.67
N CYS J 765 -4.46 -43.35 -21.86
CA CYS J 765 -4.11 -42.00 -21.44
C CYS J 765 -4.22 -41.89 -19.93
N ILE J 766 -3.38 -41.05 -19.33
CA ILE J 766 -3.32 -40.89 -17.89
C ILE J 766 -3.16 -39.41 -17.56
N ALA J 767 -3.89 -38.96 -16.54
CA ALA J 767 -3.81 -37.57 -16.06
C ALA J 767 -3.79 -37.57 -14.54
N TYR J 768 -3.00 -36.69 -13.95
CA TYR J 768 -2.86 -36.67 -12.50
C TYR J 768 -2.25 -35.34 -12.06
N ILE J 769 -2.32 -35.11 -10.75
CA ILE J 769 -1.62 -33.99 -10.11
C ILE J 769 -0.43 -34.57 -9.37
N ARG J 770 0.57 -33.73 -9.09
CA ARG J 770 1.77 -34.16 -8.39
C ARG J 770 2.22 -33.09 -7.42
N LEU J 771 2.66 -33.51 -6.24
CA LEU J 771 3.16 -32.61 -5.20
C LEU J 771 4.58 -33.03 -4.84
N THR J 772 5.48 -32.06 -4.73
CA THR J 772 6.87 -32.30 -4.39
C THR J 772 7.23 -31.55 -3.13
N GLN J 773 8.01 -32.18 -2.26
CA GLN J 773 8.52 -31.56 -1.05
C GLN J 773 10.04 -31.47 -1.14
N TYR J 774 10.57 -30.27 -0.90
CA TYR J 774 12.00 -30.02 -1.03
C TYR J 774 12.41 -28.96 -0.03
N ILE J 775 13.70 -28.94 0.28
CA ILE J 775 14.28 -27.99 1.21
C ILE J 775 15.05 -26.95 0.41
N ASP J 776 14.72 -25.67 0.60
CA ASP J 776 15.31 -24.61 -0.18
C ASP J 776 16.70 -24.27 0.33
N GLY J 777 17.27 -23.17 -0.18
CA GLY J 777 18.61 -22.78 0.20
C GLY J 777 18.70 -22.20 1.59
N GLN J 778 17.57 -21.86 2.21
CA GLN J 778 17.53 -21.30 3.55
C GLN J 778 17.45 -22.38 4.63
N GLY J 779 17.50 -23.65 4.25
CA GLY J 779 17.40 -24.71 5.23
C GLY J 779 15.99 -24.97 5.72
N ARG J 780 14.99 -24.64 4.91
CA ARG J 780 13.60 -24.80 5.30
C ARG J 780 12.83 -25.52 4.21
N PRO J 781 11.71 -26.17 4.55
CA PRO J 781 10.96 -26.93 3.56
C PRO J 781 9.97 -26.07 2.78
N ARG J 782 9.60 -26.57 1.61
CA ARG J 782 8.61 -25.91 0.76
C ARG J 782 7.95 -26.97 -0.10
N THR J 783 6.81 -26.60 -0.69
CA THR J 783 6.02 -27.50 -1.52
C THR J 783 5.79 -26.87 -2.88
N SER J 784 5.78 -27.72 -3.90
CA SER J 784 5.50 -27.31 -5.27
C SER J 784 4.45 -28.23 -5.87
N GLN J 785 3.65 -27.69 -6.79
CA GLN J 785 2.53 -28.40 -7.39
C GLN J 785 2.64 -28.34 -8.91
N SER J 786 2.24 -29.42 -9.56
CA SER J 786 2.20 -29.49 -11.01
C SER J 786 1.24 -30.59 -11.44
N GLU J 787 0.62 -30.39 -12.59
CA GLU J 787 -0.30 -31.36 -13.17
C GLU J 787 0.22 -31.76 -14.54
N GLU J 788 0.07 -33.05 -14.87
CA GLU J 788 0.80 -33.63 -15.98
C GLU J 788 -0.10 -34.56 -16.77
N THR J 789 0.28 -34.81 -18.02
CA THR J 789 -0.40 -35.75 -18.89
C THR J 789 0.63 -36.64 -19.58
N ARG J 790 0.22 -37.85 -19.93
CA ARG J 790 1.06 -38.78 -20.67
C ARG J 790 0.18 -39.69 -21.52
N VAL J 791 0.73 -40.14 -22.64
CA VAL J 791 0.03 -41.01 -23.57
C VAL J 791 0.86 -42.26 -23.78
N TRP J 792 0.21 -43.42 -23.73
CA TRP J 792 0.89 -44.71 -23.73
C TRP J 792 0.45 -45.53 -24.93
N HIS J 793 1.43 -46.13 -25.61
CA HIS J 793 1.20 -47.02 -26.73
C HIS J 793 1.94 -48.32 -26.46
N ARG J 794 1.40 -49.44 -26.96
CA ARG J 794 1.93 -50.77 -26.67
C ARG J 794 2.22 -51.52 -27.97
N PRO J 795 3.34 -51.21 -28.63
CA PRO J 795 3.88 -52.14 -29.64
C PRO J 795 4.91 -53.08 -29.02
N ASP J 796 4.88 -54.32 -29.48
CA ASP J 796 5.76 -55.37 -28.96
C ASP J 796 5.50 -55.53 -27.46
N GLY J 797 4.28 -55.95 -27.15
CA GLY J 797 3.91 -56.40 -25.82
C GLY J 797 4.42 -55.55 -24.67
N LYS J 798 4.74 -54.28 -24.94
CA LYS J 798 5.34 -53.41 -23.92
C LYS J 798 4.80 -52.01 -24.08
N TRP J 799 4.33 -51.43 -22.97
CA TRP J 799 3.81 -50.07 -23.00
C TRP J 799 4.95 -49.08 -23.21
N GLN J 800 4.71 -48.08 -24.05
CA GLN J 800 5.71 -47.06 -24.35
C GLN J 800 5.07 -45.69 -24.30
N ASN J 801 5.86 -44.69 -23.93
CA ASN J 801 5.38 -43.32 -23.79
C ASN J 801 5.68 -42.53 -25.05
N VAL J 802 4.72 -41.70 -25.48
CA VAL J 802 4.84 -41.00 -26.75
C VAL J 802 4.66 -39.50 -26.59
N HIS J 803 4.02 -39.08 -25.49
CA HIS J 803 3.78 -37.66 -25.26
C HIS J 803 3.88 -37.34 -23.78
N PHE J 804 4.12 -36.06 -23.48
CA PHE J 804 4.25 -35.58 -22.11
C PHE J 804 3.94 -34.09 -22.10
N HIS J 805 3.33 -33.62 -21.02
CA HIS J 805 2.90 -32.22 -20.94
C HIS J 805 2.85 -31.82 -19.47
N CYS J 806 3.86 -31.10 -19.01
CA CYS J 806 3.93 -30.64 -17.62
C CYS J 806 3.54 -29.16 -17.57
N SER J 807 2.46 -28.87 -16.85
CA SER J 807 1.92 -27.52 -16.72
C SER J 807 2.33 -26.91 -15.39
N GLY J 808 1.79 -25.73 -15.11
CA GLY J 808 2.06 -25.07 -13.85
C GLY J 808 3.55 -24.85 -13.65
N ALA J 809 4.04 -25.24 -12.48
CA ALA J 809 5.47 -25.17 -12.21
C ALA J 809 6.19 -26.25 -13.01
N PRO J 810 7.49 -26.10 -13.23
CA PRO J 810 8.23 -27.11 -13.99
C PRO J 810 8.23 -28.45 -13.28
N VAL J 811 8.79 -29.44 -13.96
CA VAL J 811 8.86 -30.79 -13.38
C VAL J 811 9.77 -30.79 -12.16
N ALA J 812 10.94 -30.14 -12.26
CA ALA J 812 11.91 -30.18 -11.18
C ALA J 812 11.61 -29.11 -10.13
N PRO J 813 11.97 -29.36 -8.87
CA PRO J 813 11.78 -28.34 -7.84
C PRO J 813 12.76 -27.19 -7.99
N LEU J 814 12.35 -26.02 -7.52
CA LEU J 814 13.21 -24.83 -7.55
C LEU J 814 13.78 -24.63 -6.15
N GLN J 815 15.07 -24.92 -5.99
CA GLN J 815 15.74 -24.72 -4.71
C GLN J 815 16.54 -23.43 -4.71
N LYS K 681 13.80 -30.67 -51.68
CA LYS K 681 14.71 -31.58 -52.44
C LYS K 681 16.09 -31.64 -51.79
N ALA K 682 17.05 -32.25 -52.50
CA ALA K 682 18.35 -32.52 -51.91
C ALA K 682 19.06 -31.23 -51.50
N ARG K 683 19.06 -30.23 -52.37
CA ARG K 683 19.76 -28.98 -52.07
C ARG K 683 19.25 -28.33 -50.80
N LYS K 684 17.99 -28.59 -50.42
CA LYS K 684 17.50 -28.10 -49.14
C LYS K 684 18.29 -28.68 -47.99
N GLN K 685 18.65 -29.97 -48.08
CA GLN K 685 19.50 -30.57 -47.05
C GLN K 685 20.89 -29.95 -47.06
N GLU K 686 21.45 -29.70 -48.25
CA GLU K 686 22.81 -29.18 -48.33
C GLU K 686 22.95 -27.88 -47.55
N ILE K 687 22.03 -26.94 -47.74
CA ILE K 687 22.07 -25.69 -46.96
C ILE K 687 21.93 -25.99 -45.48
N ILE K 688 21.08 -26.97 -45.14
CA ILE K 688 20.93 -27.34 -43.74
C ILE K 688 22.25 -27.82 -43.16
N LYS K 689 22.97 -28.67 -43.89
CA LYS K 689 24.27 -29.14 -43.43
C LYS K 689 25.23 -27.97 -43.22
N THR K 690 25.25 -27.04 -44.17
CA THR K 690 26.15 -25.90 -44.06
C THR K 690 25.77 -25.01 -42.87
N THR K 691 24.48 -24.87 -42.58
CA THR K 691 24.08 -24.13 -41.38
C THR K 691 24.65 -24.78 -40.13
N GLU K 692 24.62 -26.10 -40.06
CA GLU K 692 25.30 -26.79 -38.97
C GLU K 692 26.80 -26.50 -38.99
N GLN K 693 27.40 -26.41 -40.18
CA GLN K 693 28.80 -26.06 -40.28
C GLN K 693 29.05 -24.66 -39.72
N LEU K 694 28.19 -23.69 -40.05
CA LEU K 694 28.30 -22.38 -39.44
C LEU K 694 28.14 -22.47 -37.93
N ILE K 695 27.17 -23.26 -37.47
CA ILE K 695 27.03 -23.48 -36.04
C ILE K 695 28.31 -24.06 -35.46
N GLU K 696 28.88 -25.06 -36.14
CA GLU K 696 30.13 -25.66 -35.68
C GLU K 696 31.19 -24.59 -35.47
N ALA K 697 31.32 -23.66 -36.42
CA ALA K 697 32.26 -22.57 -36.26
C ALA K 697 31.90 -21.69 -35.08
N VAL K 698 30.60 -21.46 -34.85
CA VAL K 698 30.18 -20.61 -33.76
C VAL K 698 30.60 -21.18 -32.42
N ASN K 699 30.50 -22.51 -32.23
CA ASN K 699 30.98 -23.11 -31.00
C ASN K 699 32.49 -22.90 -30.86
N ASN K 700 33.23 -23.04 -31.97
CA ASN K 700 34.64 -22.66 -31.94
C ASN K 700 34.80 -21.19 -31.58
N GLY K 701 33.88 -20.35 -32.05
CA GLY K 701 33.80 -18.98 -31.62
C GLY K 701 34.98 -18.10 -31.97
N ASP K 702 35.38 -18.11 -33.24
CA ASP K 702 36.44 -17.24 -33.73
C ASP K 702 35.83 -16.22 -34.68
N PHE K 703 36.13 -14.94 -34.45
CA PHE K 703 35.52 -13.87 -35.23
C PHE K 703 35.90 -13.95 -36.70
N GLU K 704 37.08 -14.48 -37.02
CA GLU K 704 37.51 -14.55 -38.41
C GLU K 704 36.56 -15.39 -39.24
N ALA K 705 36.07 -16.50 -38.69
CA ALA K 705 35.09 -17.32 -39.39
C ALA K 705 33.82 -16.52 -39.65
N TYR K 706 33.39 -15.75 -38.66
CA TYR K 706 32.24 -14.85 -38.84
C TYR K 706 32.47 -13.89 -40.00
N ALA K 707 33.66 -13.31 -40.09
CA ALA K 707 33.96 -12.40 -41.19
C ALA K 707 33.96 -13.15 -42.51
N LYS K 708 34.43 -14.39 -42.52
CA LYS K 708 34.50 -15.16 -43.76
C LYS K 708 33.12 -15.36 -44.38
N ILE K 709 32.13 -15.72 -43.56
CA ILE K 709 30.80 -16.01 -44.10
C ILE K 709 30.12 -14.73 -44.58
N CYS K 710 30.39 -13.60 -43.93
CA CYS K 710 29.66 -12.38 -44.21
C CYS K 710 30.16 -11.71 -45.48
N ASP K 711 29.23 -11.24 -46.30
CA ASP K 711 29.60 -10.46 -47.47
C ASP K 711 30.14 -9.10 -47.02
N PRO K 712 31.22 -8.61 -47.64
CA PRO K 712 31.76 -7.30 -47.22
C PRO K 712 30.74 -6.17 -47.25
N GLY K 713 29.62 -6.32 -47.95
CA GLY K 713 28.58 -5.32 -47.95
C GLY K 713 27.31 -5.78 -47.28
N LEU K 714 27.44 -6.56 -46.21
CA LEU K 714 26.29 -7.07 -45.48
C LEU K 714 25.62 -5.95 -44.68
N THR K 715 24.35 -6.16 -44.36
CA THR K 715 23.57 -5.22 -43.57
C THR K 715 23.10 -5.90 -42.27
N SER K 716 22.87 -5.08 -41.24
CA SER K 716 22.35 -5.57 -39.97
C SER K 716 22.05 -4.38 -39.07
N PHE K 717 21.10 -4.57 -38.17
CA PHE K 717 20.63 -3.49 -37.31
C PHE K 717 20.01 -4.06 -36.05
N GLU K 718 19.89 -3.21 -35.03
CA GLU K 718 19.13 -3.51 -33.83
C GLU K 718 19.10 -2.26 -32.96
N PRO K 719 17.99 -2.00 -32.24
CA PRO K 719 17.96 -0.81 -31.38
C PRO K 719 19.05 -0.80 -30.32
N GLU K 720 19.45 -1.97 -29.81
CA GLU K 720 20.55 -2.00 -28.84
C GLU K 720 21.82 -1.43 -29.45
N ALA K 721 21.92 -1.43 -30.78
CA ALA K 721 22.97 -0.69 -31.48
C ALA K 721 22.58 0.76 -31.72
N LEU K 722 21.56 1.26 -31.01
CA LEU K 722 21.05 2.62 -31.22
C LEU K 722 20.55 2.81 -32.65
N GLY K 723 20.10 1.73 -33.28
CA GLY K 723 19.64 1.80 -34.65
C GLY K 723 20.74 1.87 -35.69
N ASN K 724 22.00 1.77 -35.27
CA ASN K 724 23.10 1.82 -36.23
C ASN K 724 23.02 0.63 -37.17
N LEU K 725 23.25 0.89 -38.45
CA LEU K 725 23.03 -0.09 -39.52
C LEU K 725 24.25 -0.07 -40.44
N VAL K 726 25.25 -0.89 -40.10
CA VAL K 726 26.49 -0.97 -40.84
C VAL K 726 26.89 -2.43 -41.01
N GLU K 727 27.80 -2.67 -41.95
CA GLU K 727 28.26 -4.04 -42.20
C GLU K 727 28.98 -4.63 -41.00
N GLY K 728 29.71 -3.79 -40.26
CA GLY K 728 30.41 -4.30 -39.10
C GLY K 728 29.47 -4.89 -38.05
N MET K 729 28.36 -4.21 -37.80
CA MET K 729 27.36 -4.63 -36.83
C MET K 729 28.01 -5.15 -35.55
N ASP K 730 28.72 -4.24 -34.89
CA ASP K 730 29.39 -4.57 -33.63
C ASP K 730 28.41 -5.07 -32.57
N PHE K 731 27.13 -4.68 -32.64
CA PHE K 731 26.17 -5.22 -31.69
C PHE K 731 26.12 -6.75 -31.78
N HIS K 732 26.25 -7.29 -32.99
CA HIS K 732 26.43 -8.73 -33.12
C HIS K 732 27.71 -9.17 -32.42
N ARG K 733 28.80 -8.43 -32.63
CA ARG K 733 30.03 -8.71 -31.92
C ARG K 733 29.83 -8.64 -30.41
N PHE K 734 28.92 -7.77 -29.96
CA PHE K 734 28.70 -7.59 -28.53
C PHE K 734 28.15 -8.87 -27.90
N TYR K 735 27.09 -9.43 -28.47
CA TYR K 735 26.53 -10.67 -27.93
C TYR K 735 27.21 -11.90 -28.51
N PHE K 736 28.06 -11.74 -29.53
CA PHE K 736 28.99 -12.81 -29.88
C PHE K 736 30.00 -13.01 -28.76
N GLU K 737 30.50 -11.91 -28.19
CA GLU K 737 31.46 -12.00 -27.09
C GLU K 737 30.82 -12.63 -25.86
N ASN K 738 29.62 -12.17 -25.50
CA ASN K 738 29.00 -12.64 -24.26
C ASN K 738 28.65 -14.12 -24.35
N LEU K 739 27.97 -14.52 -25.43
CA LEU K 739 27.54 -15.91 -25.57
C LEU K 739 28.73 -16.86 -25.69
N LEU K 740 29.69 -16.52 -26.55
CA LEU K 740 30.81 -17.41 -26.82
C LEU K 740 31.88 -17.35 -25.74
N ALA K 741 31.83 -16.36 -24.85
CA ALA K 741 32.71 -16.39 -23.69
C ALA K 741 32.37 -17.54 -22.76
N LYS K 742 31.18 -18.13 -22.93
CA LYS K 742 30.75 -19.21 -22.06
C LYS K 742 31.35 -20.56 -22.47
N ASN K 743 31.91 -20.65 -23.68
CA ASN K 743 32.26 -21.94 -24.25
C ASN K 743 33.34 -22.68 -23.45
N SER K 744 34.08 -22.00 -22.58
CA SER K 744 35.01 -22.70 -21.70
C SER K 744 34.27 -23.65 -20.78
N LYS K 745 32.97 -23.46 -20.62
CA LYS K 745 32.11 -24.31 -19.81
C LYS K 745 31.05 -24.91 -20.73
N PRO K 746 30.89 -26.24 -20.74
CA PRO K 746 30.28 -26.89 -21.91
C PRO K 746 28.89 -26.38 -22.24
N ILE K 747 28.56 -26.45 -23.54
CA ILE K 747 27.32 -25.92 -24.07
C ILE K 747 26.68 -27.00 -24.94
N HIS K 748 25.38 -26.89 -25.16
CA HIS K 748 24.70 -27.70 -26.15
C HIS K 748 23.71 -26.83 -26.92
N THR K 749 23.41 -27.26 -28.15
CA THR K 749 22.63 -26.45 -29.09
C THR K 749 21.50 -27.29 -29.68
N THR K 750 20.57 -26.58 -30.33
CA THR K 750 19.45 -27.23 -31.01
C THR K 750 18.73 -26.19 -31.87
N ILE K 751 18.13 -26.64 -32.96
CA ILE K 751 17.39 -25.79 -33.87
C ILE K 751 16.05 -26.45 -34.18
N LEU K 752 15.07 -25.63 -34.58
CA LEU K 752 13.70 -26.10 -34.78
C LEU K 752 13.10 -25.54 -36.07
N ASN K 753 12.27 -26.36 -36.71
CA ASN K 753 11.37 -25.97 -37.79
C ASN K 753 12.05 -25.03 -38.80
N PRO K 754 13.06 -25.50 -39.52
CA PRO K 754 13.68 -24.68 -40.56
C PRO K 754 12.75 -24.46 -41.73
N HIS K 755 12.91 -23.31 -42.39
CA HIS K 755 12.17 -22.98 -43.59
C HIS K 755 13.13 -22.44 -44.64
N VAL K 756 12.97 -22.87 -45.89
CA VAL K 756 13.90 -22.55 -46.96
C VAL K 756 13.13 -22.01 -48.15
N HIS K 757 13.68 -20.98 -48.78
CA HIS K 757 13.24 -20.53 -50.10
C HIS K 757 14.43 -20.55 -51.05
N VAL K 758 14.23 -21.07 -52.25
CA VAL K 758 15.24 -21.00 -53.30
C VAL K 758 14.92 -19.81 -54.20
N ILE K 759 15.83 -18.85 -54.26
CA ILE K 759 15.62 -17.61 -55.01
C ILE K 759 16.09 -17.86 -56.43
N GLY K 760 15.19 -17.65 -57.38
CA GLY K 760 15.47 -18.07 -58.75
C GLY K 760 15.89 -19.52 -58.76
N GLU K 761 17.16 -19.76 -59.10
CA GLU K 761 17.75 -21.10 -58.94
C GLU K 761 19.19 -21.00 -58.47
N ASP K 762 19.61 -19.81 -58.01
CA ASP K 762 21.00 -19.56 -57.71
C ASP K 762 21.25 -18.98 -56.32
N ALA K 763 20.20 -18.80 -55.51
CA ALA K 763 20.38 -18.29 -54.15
C ALA K 763 19.36 -18.96 -53.25
N ALA K 764 19.69 -19.03 -51.96
CA ALA K 764 18.88 -19.75 -50.98
C ALA K 764 18.73 -18.91 -49.72
N CYS K 765 17.51 -18.91 -49.18
CA CYS K 765 17.18 -18.25 -47.92
C CYS K 765 16.79 -19.30 -46.89
N ILE K 766 17.44 -19.27 -45.73
CA ILE K 766 17.21 -20.23 -44.66
C ILE K 766 16.94 -19.49 -43.36
N ALA K 767 15.92 -19.93 -42.64
CA ALA K 767 15.58 -19.39 -41.33
C ALA K 767 15.27 -20.53 -40.38
N TYR K 768 15.27 -20.22 -39.10
CA TYR K 768 14.97 -21.22 -38.08
C TYR K 768 14.96 -20.55 -36.71
N ILE K 769 14.59 -21.33 -35.70
CA ILE K 769 14.65 -20.91 -34.30
C ILE K 769 15.64 -21.82 -33.60
N ARG K 770 16.56 -21.23 -32.84
CA ARG K 770 17.73 -21.93 -32.31
C ARG K 770 17.67 -21.98 -30.79
N LEU K 771 17.91 -23.17 -30.24
CA LEU K 771 17.93 -23.39 -28.80
C LEU K 771 19.33 -23.78 -28.36
N THR K 772 19.82 -23.15 -27.30
CA THR K 772 21.12 -23.45 -26.71
C THR K 772 20.98 -23.62 -25.21
N GLN K 773 21.70 -24.60 -24.67
CA GLN K 773 21.65 -24.92 -23.26
C GLN K 773 23.04 -24.76 -22.65
N TYR K 774 23.10 -24.17 -21.46
CA TYR K 774 24.39 -23.82 -20.87
C TYR K 774 24.29 -23.91 -19.35
N ILE K 775 25.47 -23.98 -18.73
CA ILE K 775 25.64 -23.91 -17.28
C ILE K 775 26.00 -22.48 -16.92
N ASP K 776 25.25 -21.87 -16.01
CA ASP K 776 25.45 -20.48 -15.68
C ASP K 776 26.60 -20.33 -14.68
N GLY K 777 26.90 -19.08 -14.31
CA GLY K 777 27.95 -18.79 -13.35
C GLY K 777 27.69 -19.39 -11.99
N GLN K 778 26.43 -19.51 -11.59
CA GLN K 778 26.09 -20.12 -10.31
C GLN K 778 26.07 -21.65 -10.38
N GLY K 779 26.35 -22.22 -11.54
CA GLY K 779 26.35 -23.66 -11.71
C GLY K 779 25.03 -24.26 -12.13
N ARG K 780 23.99 -23.45 -12.28
CA ARG K 780 22.69 -23.99 -12.69
C ARG K 780 22.65 -24.19 -14.20
N PRO K 781 21.98 -25.24 -14.67
CA PRO K 781 21.78 -25.38 -16.13
C PRO K 781 20.81 -24.33 -16.64
N ARG K 782 20.97 -23.98 -17.92
CA ARG K 782 20.17 -22.94 -18.54
C ARG K 782 19.86 -23.31 -19.98
N THR K 783 18.85 -22.64 -20.53
CA THR K 783 18.50 -22.75 -21.94
C THR K 783 18.30 -21.35 -22.50
N SER K 784 18.70 -21.15 -23.75
CA SER K 784 18.58 -19.87 -24.42
C SER K 784 18.01 -20.06 -25.82
N GLN K 785 17.30 -19.03 -26.28
CA GLN K 785 16.61 -19.06 -27.56
C GLN K 785 17.09 -17.91 -28.42
N SER K 786 17.14 -18.14 -29.74
CA SER K 786 17.60 -17.11 -30.67
C SER K 786 17.09 -17.45 -32.06
N GLU K 787 16.27 -16.57 -32.61
CA GLU K 787 15.83 -16.73 -33.99
C GLU K 787 16.87 -16.14 -34.93
N GLU K 788 16.90 -16.67 -36.16
CA GLU K 788 17.98 -16.36 -37.09
C GLU K 788 17.47 -16.28 -38.52
N THR K 789 18.04 -15.35 -39.28
CA THR K 789 17.80 -15.22 -40.71
C THR K 789 19.13 -15.30 -41.44
N ARG K 790 19.23 -16.19 -42.43
CA ARG K 790 20.46 -16.34 -43.19
C ARG K 790 20.14 -16.67 -44.64
N VAL K 791 20.96 -16.10 -45.54
CA VAL K 791 20.84 -16.30 -46.98
C VAL K 791 22.22 -16.66 -47.51
N TRP K 792 22.28 -17.68 -48.37
CA TRP K 792 23.53 -18.23 -48.86
C TRP K 792 23.49 -18.26 -50.38
N HIS K 793 24.61 -17.94 -51.01
CA HIS K 793 24.70 -17.90 -52.46
C HIS K 793 25.21 -19.22 -53.00
N ARG K 794 24.69 -19.62 -54.15
CA ARG K 794 24.89 -20.99 -54.63
C ARG K 794 26.35 -21.42 -54.78
N PRO K 795 27.25 -20.63 -55.37
CA PRO K 795 28.57 -21.16 -55.77
C PRO K 795 29.22 -22.07 -54.75
N ASP K 796 29.57 -23.28 -55.21
CA ASP K 796 30.11 -24.30 -54.32
C ASP K 796 31.47 -23.89 -53.78
N GLY K 797 31.68 -24.14 -52.49
CA GLY K 797 32.94 -23.84 -51.85
C GLY K 797 33.20 -22.38 -51.58
N LYS K 798 32.23 -21.50 -51.85
CA LYS K 798 32.40 -20.08 -51.63
C LYS K 798 31.16 -19.48 -50.97
N TRP K 799 30.31 -20.33 -50.40
CA TRP K 799 29.02 -19.87 -49.90
C TRP K 799 29.20 -18.73 -48.91
N GLN K 800 28.47 -17.64 -49.13
CA GLN K 800 28.60 -16.44 -48.32
C GLN K 800 27.22 -15.84 -48.09
N ASN K 801 27.13 -14.99 -47.08
CA ASN K 801 25.86 -14.44 -46.62
C ASN K 801 25.89 -12.92 -46.74
N VAL K 802 24.71 -12.33 -46.98
CA VAL K 802 24.60 -10.88 -47.12
C VAL K 802 23.88 -10.22 -45.96
N HIS K 803 23.28 -11.00 -45.06
CA HIS K 803 22.45 -10.41 -44.01
C HIS K 803 22.40 -11.34 -42.81
N PHE K 804 22.03 -10.77 -41.67
CA PHE K 804 21.76 -11.53 -40.46
C PHE K 804 21.18 -10.57 -39.43
N HIS K 805 20.17 -11.05 -38.68
CA HIS K 805 19.53 -10.22 -37.66
C HIS K 805 19.06 -11.15 -36.55
N CYS K 806 19.90 -11.29 -35.51
CA CYS K 806 19.56 -12.18 -34.40
C CYS K 806 18.26 -11.76 -33.76
N SER K 807 18.10 -10.46 -33.48
CA SER K 807 16.86 -9.94 -32.94
C SER K 807 16.44 -10.68 -31.69
N GLY K 808 15.17 -10.55 -31.30
CA GLY K 808 14.67 -11.23 -30.12
C GLY K 808 15.44 -10.78 -28.89
N ALA K 809 16.04 -11.76 -28.20
CA ALA K 809 16.84 -11.51 -27.00
C ALA K 809 18.20 -12.17 -27.19
N PRO K 810 19.11 -11.53 -27.92
CA PRO K 810 20.41 -12.17 -28.19
C PRO K 810 21.17 -12.56 -26.94
N VAL K 811 21.05 -11.77 -25.86
CA VAL K 811 21.75 -12.05 -24.61
C VAL K 811 20.78 -12.44 -23.51
N ALA K 812 19.86 -11.56 -23.15
CA ALA K 812 18.90 -11.83 -22.09
C ALA K 812 17.72 -10.87 -22.17
N PRO K 813 16.47 -11.37 -22.22
CA PRO K 813 15.33 -10.45 -22.29
C PRO K 813 15.17 -9.61 -21.03
N LEU K 814 15.12 -10.28 -19.86
CA LEU K 814 14.84 -9.58 -18.61
C LEU K 814 15.68 -10.09 -17.45
N GLN K 815 16.79 -10.77 -17.72
CA GLN K 815 17.64 -11.30 -16.63
C GLN K 815 16.85 -12.26 -15.75
N LYS L 681 -19.93 -37.07 31.40
CA LYS L 681 -19.11 -35.84 31.54
C LYS L 681 -17.63 -36.19 31.54
N ALA L 682 -17.27 -37.27 32.24
CA ALA L 682 -15.88 -37.69 32.30
C ALA L 682 -15.34 -38.00 30.91
N ARG L 683 -16.20 -38.47 30.01
CA ARG L 683 -15.76 -38.77 28.65
C ARG L 683 -15.24 -37.53 27.95
N LYS L 684 -15.89 -36.39 28.17
CA LYS L 684 -15.41 -35.13 27.59
C LYS L 684 -14.03 -34.77 28.08
N GLN L 685 -13.58 -35.36 29.18
CA GLN L 685 -12.27 -35.02 29.75
C GLN L 685 -11.15 -35.75 29.04
N GLU L 686 -11.19 -37.09 29.02
CA GLU L 686 -10.07 -37.85 28.48
C GLU L 686 -9.77 -37.48 27.04
N ILE L 687 -10.78 -37.01 26.30
CA ILE L 687 -10.53 -36.54 24.94
C ILE L 687 -9.62 -35.33 24.96
N ILE L 688 -9.95 -34.34 25.79
CA ILE L 688 -9.10 -33.15 25.90
C ILE L 688 -7.71 -33.54 26.40
N LYS L 689 -7.64 -34.50 27.32
CA LYS L 689 -6.35 -34.99 27.78
C LYS L 689 -5.56 -35.60 26.62
N THR L 690 -6.21 -36.41 25.80
CA THR L 690 -5.54 -37.01 24.66
C THR L 690 -5.08 -35.95 23.67
N THR L 691 -5.98 -35.03 23.31
CA THR L 691 -5.61 -33.97 22.38
C THR L 691 -4.40 -33.20 22.88
N GLU L 692 -4.35 -32.93 24.19
CA GLU L 692 -3.19 -32.25 24.76
C GLU L 692 -1.93 -33.10 24.61
N GLN L 693 -2.04 -34.41 24.84
CA GLN L 693 -0.89 -35.30 24.67
C GLN L 693 -0.39 -35.28 23.24
N LEU L 694 -1.31 -35.39 22.27
CA LEU L 694 -0.91 -35.44 20.87
C LEU L 694 -0.17 -34.17 20.46
N ILE L 695 -0.70 -33.01 20.84
CA ILE L 695 -0.04 -31.75 20.50
C ILE L 695 1.33 -31.69 21.14
N GLU L 696 1.45 -32.15 22.39
CA GLU L 696 2.75 -32.15 23.05
C GLU L 696 3.73 -33.06 22.31
N ALA L 697 3.27 -34.24 21.90
CA ALA L 697 4.16 -35.19 21.22
C ALA L 697 4.67 -34.61 19.91
N VAL L 698 3.80 -33.93 19.17
CA VAL L 698 4.21 -33.34 17.90
C VAL L 698 5.31 -32.31 18.13
N ASN L 699 5.13 -31.47 19.14
CA ASN L 699 6.11 -30.41 19.39
C ASN L 699 7.48 -30.96 19.79
N ASN L 700 7.54 -32.19 20.29
CA ASN L 700 8.80 -32.81 20.65
C ASN L 700 9.41 -33.63 19.52
N GLY L 701 8.73 -33.75 18.38
CA GLY L 701 9.30 -34.44 17.25
C GLY L 701 9.50 -35.92 17.42
N ASP L 702 8.79 -36.55 18.38
CA ASP L 702 8.89 -37.99 18.60
C ASP L 702 7.85 -38.66 17.71
N PHE L 703 8.29 -39.00 16.48
CA PHE L 703 7.36 -39.61 15.53
C PHE L 703 6.79 -40.92 16.05
N GLU L 704 7.60 -41.67 16.80
CA GLU L 704 7.15 -42.98 17.29
C GLU L 704 5.83 -42.85 18.05
N ALA L 705 5.76 -41.91 18.99
CA ALA L 705 4.51 -41.70 19.71
C ALA L 705 3.40 -41.25 18.78
N TYR L 706 3.72 -40.36 17.84
CA TYR L 706 2.70 -39.85 16.94
C TYR L 706 2.10 -40.93 16.06
N ALA L 707 2.81 -42.06 15.90
CA ALA L 707 2.33 -43.14 15.04
C ALA L 707 1.30 -44.03 15.71
N LYS L 708 1.08 -43.87 17.02
CA LYS L 708 0.14 -44.71 17.74
C LYS L 708 -1.25 -44.07 17.81
N ILE L 709 -1.32 -42.78 18.17
CA ILE L 709 -2.61 -42.11 18.26
C ILE L 709 -3.27 -42.04 16.90
N CYS L 710 -2.50 -41.72 15.85
CA CYS L 710 -3.07 -41.51 14.53
C CYS L 710 -3.45 -42.85 13.90
N ASP L 711 -4.66 -42.90 13.33
CA ASP L 711 -5.08 -44.06 12.58
C ASP L 711 -4.32 -44.14 11.26
N PRO L 712 -4.05 -45.34 10.74
CA PRO L 712 -3.35 -45.41 9.44
C PRO L 712 -4.08 -44.70 8.33
N GLY L 713 -5.41 -44.73 8.31
CA GLY L 713 -6.18 -44.08 7.28
C GLY L 713 -6.46 -42.62 7.58
N LEU L 714 -5.43 -41.87 7.93
CA LEU L 714 -5.60 -40.46 8.30
C LEU L 714 -5.82 -39.60 7.06
N THR L 715 -6.52 -38.49 7.25
CA THR L 715 -6.70 -37.47 6.23
C THR L 715 -6.61 -36.11 6.90
N SER L 716 -6.25 -35.09 6.13
CA SER L 716 -6.05 -33.79 6.76
C SER L 716 -5.95 -32.69 5.71
N PHE L 717 -6.50 -31.52 6.06
CA PHE L 717 -6.23 -30.27 5.35
C PHE L 717 -5.26 -29.45 6.19
N GLU L 718 -4.21 -28.93 5.57
CA GLU L 718 -3.29 -28.04 6.24
C GLU L 718 -2.54 -27.22 5.21
N PRO L 719 -1.96 -26.09 5.60
CA PRO L 719 -1.36 -25.19 4.60
C PRO L 719 -0.25 -25.84 3.78
N GLU L 720 0.47 -26.80 4.36
CA GLU L 720 1.58 -27.41 3.62
C GLU L 720 1.09 -28.16 2.39
N ALA L 721 -0.18 -28.56 2.38
CA ALA L 721 -0.74 -29.34 1.27
C ALA L 721 -1.24 -28.46 0.13
N LEU L 722 -1.16 -27.14 0.27
CA LEU L 722 -1.60 -26.21 -0.79
C LEU L 722 -3.06 -26.44 -1.15
N GLY L 723 -3.90 -26.76 -0.17
CA GLY L 723 -5.32 -26.90 -0.41
C GLY L 723 -5.74 -28.20 -1.04
N ASN L 724 -5.01 -29.28 -0.82
CA ASN L 724 -5.39 -30.60 -1.30
C ASN L 724 -5.59 -31.54 -0.13
N LEU L 725 -6.51 -32.49 -0.28
CA LEU L 725 -6.79 -33.47 0.76
C LEU L 725 -5.72 -34.55 0.71
N VAL L 726 -4.80 -34.51 1.66
CA VAL L 726 -3.73 -35.49 1.77
C VAL L 726 -4.26 -36.69 2.55
N GLU L 727 -3.68 -37.86 2.30
CA GLU L 727 -4.05 -39.08 2.98
C GLU L 727 -2.81 -39.90 3.31
N GLY L 728 -2.92 -40.71 4.35
CA GLY L 728 -1.82 -41.57 4.75
C GLY L 728 -0.86 -40.89 5.69
N MET L 729 0.16 -41.65 6.10
CA MET L 729 1.16 -41.17 7.04
C MET L 729 2.44 -40.72 6.37
N ASP L 730 2.74 -41.21 5.17
CA ASP L 730 4.01 -40.92 4.54
C ASP L 730 4.22 -39.41 4.36
N PHE L 731 3.14 -38.67 4.10
CA PHE L 731 3.28 -37.25 3.84
C PHE L 731 3.89 -36.52 5.03
N HIS L 732 3.41 -36.81 6.25
CA HIS L 732 3.90 -36.10 7.42
C HIS L 732 5.26 -36.60 7.87
N ARG L 733 5.64 -37.83 7.48
CA ARG L 733 6.91 -38.38 7.92
C ARG L 733 8.08 -37.48 7.56
N PHE L 734 7.96 -36.75 6.45
CA PHE L 734 9.07 -35.92 5.99
C PHE L 734 9.46 -34.90 7.05
N TYR L 735 8.48 -34.22 7.65
CA TYR L 735 8.78 -33.15 8.59
C TYR L 735 9.51 -33.66 9.82
N PHE L 736 9.24 -34.90 10.22
CA PHE L 736 9.76 -35.43 11.47
C PHE L 736 11.21 -35.89 11.37
N GLU L 737 11.93 -35.48 10.35
CA GLU L 737 13.35 -35.74 10.22
C GLU L 737 14.20 -34.50 10.10
N ASN L 738 13.66 -33.40 9.55
CA ASN L 738 14.43 -32.19 9.30
C ASN L 738 13.94 -31.00 10.12
N LEU L 739 12.66 -30.64 10.00
CA LEU L 739 12.20 -29.39 10.61
C LEU L 739 11.88 -29.57 12.09
N LEU L 740 10.89 -30.41 12.41
CA LEU L 740 10.44 -30.53 13.78
C LEU L 740 11.53 -31.10 14.68
N ALA L 741 12.46 -31.87 14.11
CA ALA L 741 13.59 -32.35 14.90
C ALA L 741 14.39 -31.18 15.47
N LYS L 742 14.55 -30.13 14.67
CA LYS L 742 15.24 -28.92 15.11
C LYS L 742 14.35 -28.00 15.91
N ASN L 743 13.15 -28.43 16.30
CA ASN L 743 12.22 -27.58 17.04
C ASN L 743 12.66 -27.44 18.48
N SER L 744 13.73 -26.68 18.73
CA SER L 744 14.27 -26.47 20.06
C SER L 744 14.12 -25.04 20.57
N LYS L 745 13.91 -24.07 19.70
CA LYS L 745 13.83 -22.69 20.14
C LYS L 745 12.62 -22.50 21.05
N PRO L 746 12.69 -21.55 21.98
CA PRO L 746 11.59 -21.39 22.95
C PRO L 746 10.25 -21.13 22.26
N ILE L 747 9.21 -21.75 22.79
CA ILE L 747 7.87 -21.64 22.25
C ILE L 747 6.88 -21.94 23.37
N HIS L 748 5.64 -21.47 23.20
CA HIS L 748 4.59 -21.71 24.18
C HIS L 748 3.28 -21.90 23.45
N THR L 749 2.54 -22.94 23.82
CA THR L 749 1.29 -23.31 23.15
C THR L 749 0.15 -23.21 24.14
N THR L 750 -0.94 -22.56 23.74
CA THR L 750 -2.10 -22.37 24.59
C THR L 750 -3.36 -22.79 23.84
N ILE L 751 -4.29 -23.40 24.56
CA ILE L 751 -5.57 -23.85 24.02
C ILE L 751 -6.67 -23.07 24.70
N LEU L 752 -7.54 -22.44 23.91
CA LEU L 752 -8.58 -21.55 24.42
C LEU L 752 -9.96 -22.14 24.16
N ASN L 753 -10.71 -22.33 25.25
CA ASN L 753 -12.14 -22.66 25.22
C ASN L 753 -12.43 -23.81 24.25
N PRO L 754 -12.00 -25.03 24.59
CA PRO L 754 -12.35 -26.19 23.75
C PRO L 754 -13.83 -26.52 23.87
N HIS L 755 -14.37 -27.11 22.81
CA HIS L 755 -15.76 -27.55 22.77
C HIS L 755 -15.78 -28.96 22.22
N VAL L 756 -16.57 -29.84 22.86
CA VAL L 756 -16.58 -31.26 22.54
C VAL L 756 -18.01 -31.71 22.34
N HIS L 757 -18.25 -32.45 21.26
CA HIS L 757 -19.49 -33.20 21.06
C HIS L 757 -19.18 -34.68 21.24
N VAL L 758 -20.06 -35.39 21.94
CA VAL L 758 -19.92 -36.84 22.12
C VAL L 758 -20.98 -37.50 21.26
N ILE L 759 -20.54 -38.30 20.29
CA ILE L 759 -21.41 -38.94 19.32
C ILE L 759 -21.46 -40.43 19.64
N GLY L 760 -22.68 -40.96 19.75
CA GLY L 760 -22.83 -42.37 20.05
C GLY L 760 -22.11 -42.71 21.34
N GLU L 761 -21.32 -43.78 21.31
CA GLU L 761 -20.58 -44.25 22.47
C GLU L 761 -19.08 -44.34 22.23
N ASP L 762 -18.63 -44.36 20.98
CA ASP L 762 -17.23 -44.62 20.65
C ASP L 762 -16.71 -43.64 19.60
N ALA L 763 -17.12 -42.38 19.67
CA ALA L 763 -16.66 -41.36 18.75
C ALA L 763 -16.85 -40.00 19.38
N ALA L 764 -16.24 -38.98 18.78
CA ALA L 764 -16.35 -37.63 19.31
C ALA L 764 -15.73 -36.64 18.34
N CYS L 765 -16.18 -35.40 18.46
CA CYS L 765 -15.70 -34.29 17.64
C CYS L 765 -15.32 -33.14 18.58
N ILE L 766 -14.17 -32.52 18.32
CA ILE L 766 -13.62 -31.48 19.19
C ILE L 766 -13.14 -30.32 18.33
N ALA L 767 -13.41 -29.09 18.79
CA ALA L 767 -12.95 -27.88 18.13
C ALA L 767 -12.38 -26.93 19.17
N TYR L 768 -11.40 -26.13 18.78
CA TYR L 768 -10.74 -25.22 19.70
C TYR L 768 -9.95 -24.19 18.92
N ILE L 769 -9.44 -23.19 19.63
CA ILE L 769 -8.55 -22.18 19.09
C ILE L 769 -7.16 -22.41 19.69
N ARG L 770 -6.12 -22.00 18.96
CA ARG L 770 -4.75 -22.27 19.33
C ARG L 770 -3.93 -20.98 19.23
N LEU L 771 -3.18 -20.67 20.28
CA LEU L 771 -2.29 -19.53 20.32
C LEU L 771 -0.86 -20.00 20.53
N THR L 772 0.05 -19.53 19.67
CA THR L 772 1.45 -19.91 19.72
C THR L 772 2.32 -18.68 19.87
N GLN L 773 3.37 -18.79 20.68
CA GLN L 773 4.35 -17.74 20.86
C GLN L 773 5.73 -18.26 20.47
N TYR L 774 6.50 -17.43 19.78
CA TYR L 774 7.82 -17.80 19.31
C TYR L 774 8.66 -16.56 19.16
N ILE L 775 9.97 -16.75 19.11
CA ILE L 775 10.92 -15.65 18.89
C ILE L 775 11.31 -15.65 17.42
N ASP L 776 11.01 -14.56 16.73
CA ASP L 776 11.32 -14.46 15.32
C ASP L 776 12.83 -14.26 15.12
N GLY L 777 13.23 -14.06 13.87
CA GLY L 777 14.63 -13.90 13.57
C GLY L 777 15.23 -12.59 14.01
N GLN L 778 14.41 -11.63 14.44
CA GLN L 778 14.87 -10.33 14.88
C GLN L 778 15.02 -10.25 16.40
N GLY L 779 14.83 -11.35 17.11
CA GLY L 779 14.93 -11.34 18.56
C GLY L 779 13.75 -10.71 19.26
N ARG L 780 12.59 -10.63 18.59
CA ARG L 780 11.39 -10.04 19.16
C ARG L 780 10.31 -11.11 19.35
N PRO L 781 9.38 -10.91 20.28
CA PRO L 781 8.30 -11.87 20.46
C PRO L 781 7.20 -11.68 19.42
N ARG L 782 6.48 -12.77 19.16
CA ARG L 782 5.39 -12.77 18.20
C ARG L 782 4.33 -13.75 18.66
N THR L 783 3.11 -13.57 18.16
CA THR L 783 1.99 -14.46 18.44
C THR L 783 1.27 -14.80 17.16
N SER L 784 0.75 -16.02 17.07
CA SER L 784 0.01 -16.49 15.91
C SER L 784 -1.21 -17.27 16.38
N GLN L 785 -2.28 -17.20 15.58
CA GLN L 785 -3.54 -17.82 15.92
C GLN L 785 -3.98 -18.75 14.80
N SER L 786 -4.62 -19.86 15.17
CA SER L 786 -5.13 -20.80 14.17
C SER L 786 -6.14 -21.72 14.85
N GLU L 787 -7.35 -21.80 14.28
CA GLU L 787 -8.35 -22.72 14.80
C GLU L 787 -8.15 -24.10 14.20
N GLU L 788 -8.76 -25.11 14.82
CA GLU L 788 -8.51 -26.49 14.44
C GLU L 788 -9.75 -27.34 14.71
N THR L 789 -9.82 -28.47 14.01
CA THR L 789 -10.89 -29.45 14.18
C THR L 789 -10.28 -30.84 14.18
N ARG L 790 -10.91 -31.76 14.90
CA ARG L 790 -10.46 -33.14 14.97
C ARG L 790 -11.63 -34.07 15.23
N VAL L 791 -11.54 -35.28 14.66
CA VAL L 791 -12.53 -36.32 14.84
C VAL L 791 -11.84 -37.55 15.41
N TRP L 792 -12.37 -38.09 16.49
CA TRP L 792 -11.78 -39.23 17.19
C TRP L 792 -12.69 -40.44 17.07
N HIS L 793 -12.08 -41.61 16.97
CA HIS L 793 -12.79 -42.88 16.88
C HIS L 793 -12.29 -43.83 17.96
N ARG L 794 -13.17 -44.72 18.41
CA ARG L 794 -12.87 -45.66 19.48
C ARG L 794 -13.20 -47.09 19.05
N PRO L 795 -12.44 -47.64 18.11
CA PRO L 795 -12.44 -49.09 17.92
C PRO L 795 -11.27 -49.75 18.64
N ASP L 796 -11.54 -50.91 19.22
CA ASP L 796 -10.50 -51.72 19.87
C ASP L 796 -9.98 -51.03 21.14
N GLY L 797 -10.91 -50.50 21.93
CA GLY L 797 -10.59 -50.06 23.29
C GLY L 797 -9.58 -48.94 23.39
N LYS L 798 -9.34 -48.18 22.32
CA LYS L 798 -8.46 -47.02 22.38
C LYS L 798 -9.01 -45.92 21.49
N TRP L 799 -8.57 -44.71 21.76
CA TRP L 799 -8.95 -43.55 20.96
C TRP L 799 -7.93 -43.33 19.85
N GLN L 800 -8.41 -42.96 18.67
CA GLN L 800 -7.54 -42.74 17.53
C GLN L 800 -8.11 -41.63 16.67
N ASN L 801 -7.22 -40.95 15.95
CA ASN L 801 -7.55 -39.77 15.15
C ASN L 801 -7.74 -40.17 13.69
N VAL L 802 -8.82 -39.68 13.08
CA VAL L 802 -9.15 -40.03 11.70
C VAL L 802 -9.46 -38.80 10.85
N HIS L 803 -9.20 -37.59 11.32
CA HIS L 803 -9.36 -36.41 10.49
C HIS L 803 -8.76 -35.22 11.22
N PHE L 804 -8.37 -34.20 10.46
CA PHE L 804 -7.73 -33.02 11.03
C PHE L 804 -7.83 -31.87 10.06
N HIS L 805 -8.33 -30.73 10.53
CA HIS L 805 -8.48 -29.53 9.70
C HIS L 805 -7.83 -28.36 10.42
N CYS L 806 -6.88 -27.71 9.76
CA CYS L 806 -6.17 -26.56 10.32
C CYS L 806 -6.32 -25.38 9.38
N SER L 807 -6.76 -24.25 9.92
CA SER L 807 -6.94 -23.02 9.17
C SER L 807 -5.90 -22.00 9.59
N GLY L 808 -5.99 -20.80 9.01
CA GLY L 808 -5.10 -19.72 9.40
C GLY L 808 -3.65 -20.08 9.19
N ALA L 809 -2.84 -19.85 10.22
CA ALA L 809 -1.39 -19.99 10.12
C ALA L 809 -0.98 -21.46 10.13
N PRO L 810 0.25 -21.75 9.74
CA PRO L 810 0.74 -23.14 9.76
C PRO L 810 0.84 -23.68 11.18
N VAL L 811 0.82 -25.01 11.29
CA VAL L 811 0.83 -25.65 12.60
C VAL L 811 2.13 -25.33 13.34
N ALA L 812 3.26 -25.42 12.64
CA ALA L 812 4.54 -25.21 13.29
C ALA L 812 4.85 -23.72 13.44
N PRO L 813 5.68 -23.35 14.42
CA PRO L 813 6.01 -21.93 14.60
C PRO L 813 6.83 -21.38 13.44
N LEU L 814 6.68 -20.08 13.20
CA LEU L 814 7.43 -19.38 12.15
C LEU L 814 8.56 -18.57 12.78
N GLN L 815 9.67 -19.26 13.04
CA GLN L 815 10.82 -18.63 13.66
C GLN L 815 11.72 -17.97 12.62
#